data_1E8K
# 
_entry.id   1E8K 
# 
_audit_conform.dict_name       mmcif_pdbx.dic 
_audit_conform.dict_version    5.382 
_audit_conform.dict_location   http://mmcif.pdb.org/dictionaries/ascii/mmcif_pdbx.dic 
# 
loop_
_database_2.database_id 
_database_2.database_code 
_database_2.pdbx_database_accession 
_database_2.pdbx_DOI 
PDB   1E8K         pdb_00001e8k 10.2210/pdb1e8k/pdb 
PDBE  EBI-5352     ?            ?                   
WWPDB D_1290005352 ?            ?                   
# 
_pdbx_database_status.status_code                     REL 
_pdbx_database_status.entry_id                        1E8K 
_pdbx_database_status.deposit_site                    PDBE 
_pdbx_database_status.process_site                    PDBE 
_pdbx_database_status.SG_entry                        . 
_pdbx_database_status.recvd_initial_deposition_date   2000-09-25 
_pdbx_database_status.pdb_format_compatible           Y 
_pdbx_database_status.status_code_sf                  ? 
_pdbx_database_status.status_code_mr                  ? 
_pdbx_database_status.status_code_cs                  ? 
_pdbx_database_status.methods_development_category    ? 
_pdbx_database_status.status_code_nmr_data            ? 
# 
loop_
_audit_author.name 
_audit_author.pdbx_ordinal 
'Wu, S.Y.'         1 
'Dornan, J.'       2 
'Kontopidis, G.'   3 
'Taylor, P.'       4 
'Walkinshaw, M.D.' 5 
# 
loop_
_citation.id 
_citation.title 
_citation.journal_abbrev 
_citation.journal_volume 
_citation.page_first 
_citation.page_last 
_citation.year 
_citation.journal_id_ASTM 
_citation.country 
_citation.journal_id_ISSN 
_citation.journal_id_CSD 
_citation.book_publisher 
_citation.pdbx_database_id_PubMed 
_citation.pdbx_database_id_DOI 
primary 'The First Direct Determination of a Ligand Binding Constant in Protein Crystals'                        
Angew.Chem.Int.Ed.Engl. 40  582   ? 2001 ?      GE 1433-7851 9999 ? 11180378 
'10.1002/1521-3773(20010202)40:3<582::AID-ANIE582>3.3.CO;2-S' 
1       'Biochemical and Structural Characterization Ivergent Loop Cyclophilin from Caenorhabditis Elegans of A' J.Biol.Chem. 274 
34877 ? 1999 JBCHA3 US 0021-9258 0071 ? 10574961 10.1074/JBC.274.49.34877                                      
# 
loop_
_citation_author.citation_id 
_citation_author.name 
_citation_author.ordinal 
_citation_author.identifier_ORCID 
primary 'Wu Sy, S.Y.'       1  ? 
primary 'Dornan, J.'        2  ? 
primary 'Kontopidis, G.'    3  ? 
primary 'Taylor, P.'        4  ? 
primary 'Walkinshaw, M.D.'  5  ? 
1       'Dornan, J.'        6  ? 
1       'Page, A.P.'        7  ? 
1       'Taylor, P.'        8  ? 
1       'Wu, S.Y.'          9  ? 
1       'Winter, A.D.'      10 ? 
1       'Husi, H.'          11 ? 
1       'Walkinshawr, M.D.' 12 ? 
# 
_cell.entry_id           1E8K 
_cell.length_a           61.035 
_cell.length_b           61.035 
_cell.length_c           122.660 
_cell.angle_alpha        90.00 
_cell.angle_beta         90.00 
_cell.angle_gamma        90.00 
_cell.Z_PDB              8 
_cell.pdbx_unique_axis   ? 
# 
_symmetry.entry_id                         1E8K 
_symmetry.space_group_name_H-M             'P 41 21 2' 
_symmetry.pdbx_full_space_group_name_H-M   ? 
_symmetry.cell_setting                     ? 
_symmetry.Int_Tables_number                92 
# 
loop_
_entity.id 
_entity.type 
_entity.src_method 
_entity.pdbx_description 
_entity.formula_weight 
_entity.pdbx_number_of_molecules 
_entity.pdbx_ec 
_entity.pdbx_mutation 
_entity.pdbx_fragment 
_entity.details 
1 polymer     man 'PEPTIDYL-PROLYL CIS-TRANS ISOMERASE 3' 18576.182 1   5.2.1.8 ? ? ? 
2 non-polymer syn ALANINE                                 89.093    1   ?       ? ? ? 
3 non-polymer syn PROLINE                                 115.130   1   ?       ? ? ? 
4 water       nat water                                   18.015    229 ?       ? ? ? 
# 
_entity_name_com.entity_id   1 
_entity_name_com.name        'PPIASE 3, CYCLOPHILIN-3, ROTAMASE 3' 
# 
_entity_poly.entity_id                      1 
_entity_poly.type                           'polypeptide(L)' 
_entity_poly.nstd_linkage                   no 
_entity_poly.nstd_monomer                   no 
_entity_poly.pdbx_seq_one_letter_code       
;MSRSKVFFDITIGGKASGRIVMELYDDVVPKTAGNFRALCTGENGIGKSGKPLHFKGSKFHRIIPNFMIQGGDFTRGNGT
GGESIYGEKFPDENFKEKHTGPGVLSMANAGPNTNGSQFFLCTVKTEWLDGKHVVFGRVVEGLDVVKAVESNGSQSGKPV
KDCMIADCGQLKA
;
_entity_poly.pdbx_seq_one_letter_code_can   
;MSRSKVFFDITIGGKASGRIVMELYDDVVPKTAGNFRALCTGENGIGKSGKPLHFKGSKFHRIIPNFMIQGGDFTRGNGT
GGESIYGEKFPDENFKEKHTGPGVLSMANAGPNTNGSQFFLCTVKTEWLDGKHVVFGRVVEGLDVVKAVESNGSQSGKPV
KDCMIADCGQLKA
;
_entity_poly.pdbx_strand_id                 A 
_entity_poly.pdbx_target_identifier         ? 
# 
loop_
_entity_poly_seq.entity_id 
_entity_poly_seq.num 
_entity_poly_seq.mon_id 
_entity_poly_seq.hetero 
1 1   MET n 
1 2   SER n 
1 3   ARG n 
1 4   SER n 
1 5   LYS n 
1 6   VAL n 
1 7   PHE n 
1 8   PHE n 
1 9   ASP n 
1 10  ILE n 
1 11  THR n 
1 12  ILE n 
1 13  GLY n 
1 14  GLY n 
1 15  LYS n 
1 16  ALA n 
1 17  SER n 
1 18  GLY n 
1 19  ARG n 
1 20  ILE n 
1 21  VAL n 
1 22  MET n 
1 23  GLU n 
1 24  LEU n 
1 25  TYR n 
1 26  ASP n 
1 27  ASP n 
1 28  VAL n 
1 29  VAL n 
1 30  PRO n 
1 31  LYS n 
1 32  THR n 
1 33  ALA n 
1 34  GLY n 
1 35  ASN n 
1 36  PHE n 
1 37  ARG n 
1 38  ALA n 
1 39  LEU n 
1 40  CYS n 
1 41  THR n 
1 42  GLY n 
1 43  GLU n 
1 44  ASN n 
1 45  GLY n 
1 46  ILE n 
1 47  GLY n 
1 48  LYS n 
1 49  SER n 
1 50  GLY n 
1 51  LYS n 
1 52  PRO n 
1 53  LEU n 
1 54  HIS n 
1 55  PHE n 
1 56  LYS n 
1 57  GLY n 
1 58  SER n 
1 59  LYS n 
1 60  PHE n 
1 61  HIS n 
1 62  ARG n 
1 63  ILE n 
1 64  ILE n 
1 65  PRO n 
1 66  ASN n 
1 67  PHE n 
1 68  MET n 
1 69  ILE n 
1 70  GLN n 
1 71  GLY n 
1 72  GLY n 
1 73  ASP n 
1 74  PHE n 
1 75  THR n 
1 76  ARG n 
1 77  GLY n 
1 78  ASN n 
1 79  GLY n 
1 80  THR n 
1 81  GLY n 
1 82  GLY n 
1 83  GLU n 
1 84  SER n 
1 85  ILE n 
1 86  TYR n 
1 87  GLY n 
1 88  GLU n 
1 89  LYS n 
1 90  PHE n 
1 91  PRO n 
1 92  ASP n 
1 93  GLU n 
1 94  ASN n 
1 95  PHE n 
1 96  LYS n 
1 97  GLU n 
1 98  LYS n 
1 99  HIS n 
1 100 THR n 
1 101 GLY n 
1 102 PRO n 
1 103 GLY n 
1 104 VAL n 
1 105 LEU n 
1 106 SER n 
1 107 MET n 
1 108 ALA n 
1 109 ASN n 
1 110 ALA n 
1 111 GLY n 
1 112 PRO n 
1 113 ASN n 
1 114 THR n 
1 115 ASN n 
1 116 GLY n 
1 117 SER n 
1 118 GLN n 
1 119 PHE n 
1 120 PHE n 
1 121 LEU n 
1 122 CYS n 
1 123 THR n 
1 124 VAL n 
1 125 LYS n 
1 126 THR n 
1 127 GLU n 
1 128 TRP n 
1 129 LEU n 
1 130 ASP n 
1 131 GLY n 
1 132 LYS n 
1 133 HIS n 
1 134 VAL n 
1 135 VAL n 
1 136 PHE n 
1 137 GLY n 
1 138 ARG n 
1 139 VAL n 
1 140 VAL n 
1 141 GLU n 
1 142 GLY n 
1 143 LEU n 
1 144 ASP n 
1 145 VAL n 
1 146 VAL n 
1 147 LYS n 
1 148 ALA n 
1 149 VAL n 
1 150 GLU n 
1 151 SER n 
1 152 ASN n 
1 153 GLY n 
1 154 SER n 
1 155 GLN n 
1 156 SER n 
1 157 GLY n 
1 158 LYS n 
1 159 PRO n 
1 160 VAL n 
1 161 LYS n 
1 162 ASP n 
1 163 CYS n 
1 164 MET n 
1 165 ILE n 
1 166 ALA n 
1 167 ASP n 
1 168 CYS n 
1 169 GLY n 
1 170 GLN n 
1 171 LEU n 
1 172 LYS n 
1 173 ALA n 
# 
_entity_src_gen.entity_id                          1 
_entity_src_gen.pdbx_src_id                        1 
_entity_src_gen.pdbx_alt_source_flag               sample 
_entity_src_gen.pdbx_seq_type                      ? 
_entity_src_gen.pdbx_beg_seq_num                   ? 
_entity_src_gen.pdbx_end_seq_num                   ? 
_entity_src_gen.gene_src_common_name               ? 
_entity_src_gen.gene_src_genus                     ? 
_entity_src_gen.pdbx_gene_src_gene                 ? 
_entity_src_gen.gene_src_species                   ? 
_entity_src_gen.gene_src_strain                    ? 
_entity_src_gen.gene_src_tissue                    ? 
_entity_src_gen.gene_src_tissue_fraction           ? 
_entity_src_gen.gene_src_details                   ? 
_entity_src_gen.pdbx_gene_src_fragment             ? 
_entity_src_gen.pdbx_gene_src_scientific_name      'CAENORHABDITIS ELEGANS' 
_entity_src_gen.pdbx_gene_src_ncbi_taxonomy_id     6239 
_entity_src_gen.pdbx_gene_src_variant              ? 
_entity_src_gen.pdbx_gene_src_cell_line            ? 
_entity_src_gen.pdbx_gene_src_atcc                 ? 
_entity_src_gen.pdbx_gene_src_organ                ? 
_entity_src_gen.pdbx_gene_src_organelle            ? 
_entity_src_gen.pdbx_gene_src_cell                 ? 
_entity_src_gen.pdbx_gene_src_cellular_location    ? 
_entity_src_gen.host_org_common_name               ? 
_entity_src_gen.pdbx_host_org_scientific_name      'ESCHERICHIA COLI' 
_entity_src_gen.pdbx_host_org_ncbi_taxonomy_id     562 
_entity_src_gen.host_org_genus                     ? 
_entity_src_gen.pdbx_host_org_gene                 ? 
_entity_src_gen.pdbx_host_org_organ                ? 
_entity_src_gen.host_org_species                   ? 
_entity_src_gen.pdbx_host_org_tissue               ? 
_entity_src_gen.pdbx_host_org_tissue_fraction      ? 
_entity_src_gen.pdbx_host_org_strain               ? 
_entity_src_gen.pdbx_host_org_variant              ? 
_entity_src_gen.pdbx_host_org_cell_line            ? 
_entity_src_gen.pdbx_host_org_atcc                 ? 
_entity_src_gen.pdbx_host_org_culture_collection   ? 
_entity_src_gen.pdbx_host_org_cell                 ? 
_entity_src_gen.pdbx_host_org_organelle            ? 
_entity_src_gen.pdbx_host_org_cellular_location    ? 
_entity_src_gen.pdbx_host_org_vector_type          PLASMID 
_entity_src_gen.pdbx_host_org_vector               ? 
_entity_src_gen.host_org_details                   ? 
_entity_src_gen.expression_system_id               ? 
_entity_src_gen.plasmid_name                       PET-5A 
_entity_src_gen.plasmid_details                    ? 
_entity_src_gen.pdbx_description                   ? 
# 
_struct_ref.id                         1 
_struct_ref.db_name                    UNP 
_struct_ref.db_code                    CYP3_CAEEL 
_struct_ref.entity_id                  1 
_struct_ref.pdbx_seq_one_letter_code   ? 
_struct_ref.pdbx_align_begin           ? 
_struct_ref.pdbx_db_accession          P52011 
_struct_ref.pdbx_db_isoform            ? 
# 
_struct_ref_seq.align_id                      1 
_struct_ref_seq.ref_id                        1 
_struct_ref_seq.pdbx_PDB_id_code              1E8K 
_struct_ref_seq.pdbx_strand_id                A 
_struct_ref_seq.seq_align_beg                 1 
_struct_ref_seq.pdbx_seq_align_beg_ins_code   ? 
_struct_ref_seq.seq_align_end                 173 
_struct_ref_seq.pdbx_seq_align_end_ins_code   ? 
_struct_ref_seq.pdbx_db_accession             P52011 
_struct_ref_seq.db_align_beg                  1 
_struct_ref_seq.pdbx_db_align_beg_ins_code    ? 
_struct_ref_seq.db_align_end                  173 
_struct_ref_seq.pdbx_db_align_end_ins_code    ? 
_struct_ref_seq.pdbx_auth_seq_align_beg       1 
_struct_ref_seq.pdbx_auth_seq_align_end       173 
# 
loop_
_chem_comp.id 
_chem_comp.type 
_chem_comp.mon_nstd_flag 
_chem_comp.name 
_chem_comp.pdbx_synonyms 
_chem_comp.formula 
_chem_comp.formula_weight 
ALA 'L-peptide linking' y ALANINE         ? 'C3 H7 N O2'     89.093  
ARG 'L-peptide linking' y ARGININE        ? 'C6 H15 N4 O2 1' 175.209 
ASN 'L-peptide linking' y ASPARAGINE      ? 'C4 H8 N2 O3'    132.118 
ASP 'L-peptide linking' y 'ASPARTIC ACID' ? 'C4 H7 N O4'     133.103 
CYS 'L-peptide linking' y CYSTEINE        ? 'C3 H7 N O2 S'   121.158 
GLN 'L-peptide linking' y GLUTAMINE       ? 'C5 H10 N2 O3'   146.144 
GLU 'L-peptide linking' y 'GLUTAMIC ACID' ? 'C5 H9 N O4'     147.129 
GLY 'peptide linking'   y GLYCINE         ? 'C2 H5 N O2'     75.067  
HIS 'L-peptide linking' y HISTIDINE       ? 'C6 H10 N3 O2 1' 156.162 
HOH non-polymer         . WATER           ? 'H2 O'           18.015  
ILE 'L-peptide linking' y ISOLEUCINE      ? 'C6 H13 N O2'    131.173 
LEU 'L-peptide linking' y LEUCINE         ? 'C6 H13 N O2'    131.173 
LYS 'L-peptide linking' y LYSINE          ? 'C6 H15 N2 O2 1' 147.195 
MET 'L-peptide linking' y METHIONINE      ? 'C5 H11 N O2 S'  149.211 
PHE 'L-peptide linking' y PHENYLALANINE   ? 'C9 H11 N O2'    165.189 
PRO 'L-peptide linking' y PROLINE         ? 'C5 H9 N O2'     115.130 
SER 'L-peptide linking' y SERINE          ? 'C3 H7 N O3'     105.093 
THR 'L-peptide linking' y THREONINE       ? 'C4 H9 N O3'     119.119 
TRP 'L-peptide linking' y TRYPTOPHAN      ? 'C11 H12 N2 O2'  204.225 
TYR 'L-peptide linking' y TYROSINE        ? 'C9 H11 N O3'    181.189 
VAL 'L-peptide linking' y VALINE          ? 'C5 H11 N O2'    117.146 
# 
_exptl.entry_id          1E8K 
_exptl.method            'X-RAY DIFFRACTION' 
_exptl.crystals_number   1 
# 
_exptl_crystal.id                    1 
_exptl_crystal.density_meas          ? 
_exptl_crystal.density_Matthews      3.08 
_exptl_crystal.density_percent_sol   59.73 
_exptl_crystal.description           ? 
# 
_exptl_crystal_grow.crystal_id      1 
_exptl_crystal_grow.method          ? 
_exptl_crystal_grow.temp            ? 
_exptl_crystal_grow.temp_details    ? 
_exptl_crystal_grow.pH              5.60 
_exptl_crystal_grow.pdbx_pH_range   ? 
_exptl_crystal_grow.pdbx_details    'MPEG5000, SODIUM CITRATE, PH 5.6' 
# 
_diffrn.id                     1 
_diffrn.ambient_temp           100.0 
_diffrn.ambient_temp_details   ? 
_diffrn.crystal_id             1 
# 
_diffrn_detector.diffrn_id              1 
_diffrn_detector.detector               'IMAGE PLATE' 
_diffrn_detector.type                   MARRESEARCH 
_diffrn_detector.pdbx_collection_date   ? 
_diffrn_detector.details                COLLIMATOR 
# 
_diffrn_radiation.diffrn_id                        1 
_diffrn_radiation.wavelength_id                    1 
_diffrn_radiation.pdbx_monochromatic_or_laue_m_l   M 
_diffrn_radiation.monochromator                    GRAPHITE 
_diffrn_radiation.pdbx_diffrn_protocol             'SINGLE WAVELENGTH' 
_diffrn_radiation.pdbx_scattering_type             x-ray 
# 
_diffrn_radiation_wavelength.id           1 
_diffrn_radiation_wavelength.wavelength   1.5418 
_diffrn_radiation_wavelength.wt           1.0 
# 
_diffrn_source.diffrn_id                   1 
_diffrn_source.source                      'ROTATING ANODE' 
_diffrn_source.type                        'ENRAF-NONIUS FR571' 
_diffrn_source.pdbx_synchrotron_site       ? 
_diffrn_source.pdbx_synchrotron_beamline   ? 
_diffrn_source.pdbx_wavelength             1.5418 
_diffrn_source.pdbx_wavelength_list        ? 
# 
_reflns.pdbx_diffrn_id               1 
_reflns.pdbx_ordinal                 1 
_reflns.entry_id                     1E8K 
_reflns.observed_criterion_sigma_I   ? 
_reflns.observed_criterion_sigma_F   ? 
_reflns.d_resolution_low             25.000 
_reflns.d_resolution_high            1.900 
_reflns.number_obs                   19230 
_reflns.number_all                   ? 
_reflns.percent_possible_obs         97.6 
_reflns.pdbx_Rmerge_I_obs            ? 
_reflns.pdbx_Rsym_value              0.07900 
_reflns.pdbx_netI_over_sigmaI        12.8500 
_reflns.B_iso_Wilson_estimate        ? 
_reflns.pdbx_redundancy              7.920 
# 
_reflns_shell.pdbx_diffrn_id         1 
_reflns_shell.pdbx_ordinal           1 
_reflns_shell.d_res_high             1.90 
_reflns_shell.d_res_low              1.93 
_reflns_shell.percent_possible_all   88.2 
_reflns_shell.Rmerge_I_obs           ? 
_reflns_shell.pdbx_Rsym_value        0.33200 
_reflns_shell.meanI_over_sigI_obs    2.130 
_reflns_shell.pdbx_redundancy        ? 
# 
_refine.pdbx_refine_id                           'X-RAY DIFFRACTION' 
_refine.entry_id                                 1E8K 
_refine.pdbx_diffrn_id                           1 
_refine.pdbx_TLS_residual_ADP_flag               ? 
_refine.ls_number_reflns_obs                     ? 
_refine.ls_number_reflns_all                     17589 
_refine.pdbx_ls_sigma_I                          ? 
_refine.pdbx_ls_sigma_F                          0.0 
_refine.pdbx_data_cutoff_high_absF               ? 
_refine.pdbx_data_cutoff_low_absF                ? 
_refine.pdbx_data_cutoff_high_rms_absF           ? 
_refine.ls_d_res_low                             10.00 
_refine.ls_d_res_high                            1.90 
_refine.ls_percent_reflns_obs                    93.4 
_refine.ls_R_factor_obs                          0.1826 
_refine.ls_R_factor_all                          ? 
_refine.ls_R_factor_R_work                       ? 
_refine.ls_R_factor_R_free                       0.2505 
_refine.ls_R_factor_R_free_error                 ? 
_refine.ls_R_factor_R_free_error_details         ? 
_refine.ls_percent_reflns_R_free                 5 
_refine.ls_number_reflns_R_free                  934 
_refine.ls_number_parameters                     6247 
_refine.ls_number_restraints                     5392 
_refine.occupancy_min                            ? 
_refine.occupancy_max                            ? 
_refine.correlation_coeff_Fo_to_Fc               ? 
_refine.correlation_coeff_Fo_to_Fc_free          ? 
_refine.B_iso_mean                               ? 
_refine.aniso_B[1][1]                            ? 
_refine.aniso_B[2][2]                            ? 
_refine.aniso_B[3][3]                            ? 
_refine.aniso_B[1][2]                            ? 
_refine.aniso_B[1][3]                            ? 
_refine.aniso_B[2][3]                            ? 
_refine.solvent_model_details                    'MOEWS & KRETSINGER, J.MOL.BIOL.91(1973)201-2' 
_refine.solvent_model_param_ksol                 ? 
_refine.solvent_model_param_bsol                 ? 
_refine.pdbx_solvent_vdw_probe_radii             ? 
_refine.pdbx_solvent_ion_probe_radii             ? 
_refine.pdbx_solvent_shrinkage_radii             ? 
_refine.pdbx_ls_cross_valid_method               'FREE R-VALUE' 
_refine.details                                  ? 
_refine.pdbx_starting_model                      'PDB ENTRY 1DYW' 
_refine.pdbx_method_to_determine_struct          'MOLECULAR REPLACEMENT' 
_refine.pdbx_isotropic_thermal_model             ? 
_refine.pdbx_stereochemistry_target_values       'ENGH AND HUBER' 
_refine.pdbx_stereochem_target_val_spec_case     ? 
_refine.pdbx_R_Free_selection_details            RANDOM 
_refine.pdbx_overall_ESU_R                       ? 
_refine.pdbx_overall_ESU_R_Free                  ? 
_refine.overall_SU_ML                            ? 
_refine.pdbx_overall_phase_error                 ? 
_refine.overall_SU_B                             ? 
_refine.overall_SU_R_Cruickshank_DPI             ? 
_refine.pdbx_overall_SU_R_free_Cruickshank_DPI   ? 
_refine.pdbx_overall_SU_R_Blow_DPI               ? 
_refine.pdbx_overall_SU_R_free_Blow_DPI          ? 
# 
_refine_analyze.pdbx_refine_id                  'X-RAY DIFFRACTION' 
_refine_analyze.entry_id                        1E8K 
_refine_analyze.Luzzati_coordinate_error_obs    ? 
_refine_analyze.Luzzati_sigma_a_obs             ? 
_refine_analyze.Luzzati_d_res_low_obs           ? 
_refine_analyze.Luzzati_coordinate_error_free   ? 
_refine_analyze.Luzzati_sigma_a_free            ? 
_refine_analyze.Luzzati_d_res_low_free          ? 
_refine_analyze.number_disordered_residues      0 
_refine_analyze.occupancy_sum_hydrogen          0.00 
_refine_analyze.occupancy_sum_non_hydrogen      1497.31 
# 
_refine_hist.pdbx_refine_id                   'X-RAY DIFFRACTION' 
_refine_hist.cycle_id                         LAST 
_refine_hist.pdbx_number_atoms_protein        1297 
_refine_hist.pdbx_number_atoms_nucleic_acid   0 
_refine_hist.pdbx_number_atoms_ligand         13 
_refine_hist.number_atoms_solvent             229 
_refine_hist.number_atoms_total               1539 
_refine_hist.d_res_high                       1.90 
_refine_hist.d_res_low                        10.00 
# 
loop_
_refine_ls_restr.type 
_refine_ls_restr.dev_ideal 
_refine_ls_restr.dev_ideal_target 
_refine_ls_restr.weight 
_refine_ls_restr.number 
_refine_ls_restr.pdbx_refine_id 
_refine_ls_restr.pdbx_restraint_function 
s_bond_d               0.023  ? ? ? 'X-RAY DIFFRACTION' ? 
s_angle_d              0.028  ? ? ? 'X-RAY DIFFRACTION' ? 
s_similar_dist         0.008  ? ? ? 'X-RAY DIFFRACTION' ? 
s_from_restr_planes    0.0278 ? ? ? 'X-RAY DIFFRACTION' ? 
s_zero_chiral_vol      0.038  ? ? ? 'X-RAY DIFFRACTION' ? 
s_non_zero_chiral_vol  0.049  ? ? ? 'X-RAY DIFFRACTION' ? 
s_anti_bump_dis_restr  0.148  ? ? ? 'X-RAY DIFFRACTION' ? 
s_rigid_bond_adp_cmpnt 0.000  ? ? ? 'X-RAY DIFFRACTION' ? 
s_similar_adp_cmpnt    0.086  ? ? ? 'X-RAY DIFFRACTION' ? 
s_approx_iso_adps      0.000  ? ? ? 'X-RAY DIFFRACTION' ? 
# 
_pdbx_refine.pdbx_refine_id                              'X-RAY DIFFRACTION' 
_pdbx_refine.entry_id                                    1E8K 
_pdbx_refine.R_factor_all_no_cutoff                      ? 
_pdbx_refine.R_factor_obs_no_cutoff                      0.1826 
_pdbx_refine.free_R_factor_no_cutoff                     0.2505 
_pdbx_refine.free_R_error_no_cutoff                      ? 
_pdbx_refine.free_R_val_test_set_size_perc_no_cutoff     5 
_pdbx_refine.free_R_val_test_set_ct_no_cutoff            934 
_pdbx_refine.R_factor_all_4sig_cutoff                    ? 
_pdbx_refine.R_factor_obs_4sig_cutoff                    0.1730 
_pdbx_refine.free_R_factor_4sig_cutoff                   0.2377 
_pdbx_refine.free_R_val_test_set_size_perc_4sig_cutoff   5.3 
_pdbx_refine.free_R_val_test_set_ct_4sig_cutoff          848 
_pdbx_refine.number_reflns_obs_4sig_cutoff               15987 
# 
_struct.entry_id                  1E8K 
_struct.title                     'Cyclophilin 3 Complexed With Dipeptide Ala-Pro' 
_struct.pdbx_model_details        ? 
_struct.pdbx_CASP_flag            ? 
_struct.pdbx_model_type_details   ? 
# 
_struct_keywords.entry_id        1E8K 
_struct_keywords.pdbx_keywords   ISOMERASE 
_struct_keywords.text            ISOMERASE 
# 
loop_
_struct_asym.id 
_struct_asym.pdbx_blank_PDB_chainid_flag 
_struct_asym.pdbx_modified 
_struct_asym.entity_id 
_struct_asym.details 
A N N 1 ? 
B N N 2 ? 
C N N 3 ? 
D N N 4 ? 
# 
_struct_biol.id   1 
# 
loop_
_struct_conf.conf_type_id 
_struct_conf.id 
_struct_conf.pdbx_PDB_helix_id 
_struct_conf.beg_label_comp_id 
_struct_conf.beg_label_asym_id 
_struct_conf.beg_label_seq_id 
_struct_conf.pdbx_beg_PDB_ins_code 
_struct_conf.end_label_comp_id 
_struct_conf.end_label_asym_id 
_struct_conf.end_label_seq_id 
_struct_conf.pdbx_end_PDB_ins_code 
_struct_conf.beg_auth_comp_id 
_struct_conf.beg_auth_asym_id 
_struct_conf.beg_auth_seq_id 
_struct_conf.end_auth_comp_id 
_struct_conf.end_auth_asym_id 
_struct_conf.end_auth_seq_id 
_struct_conf.pdbx_PDB_helix_class 
_struct_conf.details 
_struct_conf.pdbx_PDB_helix_length 
HELX_P HELX_P1 1 VAL A 29  ? GLY A 42  ? VAL A 29  GLY A 42  1 ? 14 
HELX_P HELX_P2 2 THR A 126 ? ASP A 130 ? THR A 126 ASP A 130 5 ? 5  
HELX_P HELX_P3 3 GLY A 142 ? SER A 151 ? GLY A 142 SER A 151 1 ? 10 
# 
_struct_conf_type.id          HELX_P 
_struct_conf_type.criteria    ? 
_struct_conf_type.reference   ? 
# 
_struct_sheet.id               AA 
_struct_sheet.type             ? 
_struct_sheet.number_strands   8 
_struct_sheet.details          ? 
# 
loop_
_struct_sheet_order.sheet_id 
_struct_sheet_order.range_id_1 
_struct_sheet_order.range_id_2 
_struct_sheet_order.offset 
_struct_sheet_order.sense 
AA 1 2 ? anti-parallel 
AA 2 3 ? anti-parallel 
AA 3 4 ? anti-parallel 
AA 4 5 ? anti-parallel 
AA 5 6 ? anti-parallel 
AA 6 7 ? anti-parallel 
AA 7 8 ? anti-parallel 
# 
loop_
_struct_sheet_range.sheet_id 
_struct_sheet_range.id 
_struct_sheet_range.beg_label_comp_id 
_struct_sheet_range.beg_label_asym_id 
_struct_sheet_range.beg_label_seq_id 
_struct_sheet_range.pdbx_beg_PDB_ins_code 
_struct_sheet_range.end_label_comp_id 
_struct_sheet_range.end_label_asym_id 
_struct_sheet_range.end_label_seq_id 
_struct_sheet_range.pdbx_end_PDB_ins_code 
_struct_sheet_range.beg_auth_comp_id 
_struct_sheet_range.beg_auth_asym_id 
_struct_sheet_range.beg_auth_seq_id 
_struct_sheet_range.end_auth_comp_id 
_struct_sheet_range.end_auth_asym_id 
_struct_sheet_range.end_auth_seq_id 
AA 1 ARG A 62  ? ILE A 64  ? ARG A 62  ILE A 64  
AA 2 MET A 68  ? GLY A 71  ? MET A 68  GLY A 71  
AA 3 PHE A 119 ? CYS A 122 ? PHE A 119 CYS A 122 
AA 4 VAL A 104 ? MET A 107 ? VAL A 104 MET A 107 
AA 5 VAL A 135 ? GLU A 141 ? VAL A 135 GLU A 141 
AA 6 LYS A 15  ? LEU A 24  ? LYS A 15  LEU A 24  
AA 7 LYS A 5   ? ILE A 12  ? LYS A 5   ILE A 12  
AA 8 CYS A 163 ? GLN A 170 ? CYS A 163 GLN A 170 
# 
loop_
_pdbx_struct_sheet_hbond.sheet_id 
_pdbx_struct_sheet_hbond.range_id_1 
_pdbx_struct_sheet_hbond.range_id_2 
_pdbx_struct_sheet_hbond.range_1_label_atom_id 
_pdbx_struct_sheet_hbond.range_1_label_comp_id 
_pdbx_struct_sheet_hbond.range_1_label_asym_id 
_pdbx_struct_sheet_hbond.range_1_label_seq_id 
_pdbx_struct_sheet_hbond.range_1_PDB_ins_code 
_pdbx_struct_sheet_hbond.range_1_auth_atom_id 
_pdbx_struct_sheet_hbond.range_1_auth_comp_id 
_pdbx_struct_sheet_hbond.range_1_auth_asym_id 
_pdbx_struct_sheet_hbond.range_1_auth_seq_id 
_pdbx_struct_sheet_hbond.range_2_label_atom_id 
_pdbx_struct_sheet_hbond.range_2_label_comp_id 
_pdbx_struct_sheet_hbond.range_2_label_asym_id 
_pdbx_struct_sheet_hbond.range_2_label_seq_id 
_pdbx_struct_sheet_hbond.range_2_PDB_ins_code 
_pdbx_struct_sheet_hbond.range_2_auth_atom_id 
_pdbx_struct_sheet_hbond.range_2_auth_comp_id 
_pdbx_struct_sheet_hbond.range_2_auth_asym_id 
_pdbx_struct_sheet_hbond.range_2_auth_seq_id 
AA 1 2 N ILE A 64  ? N ILE A 64  O MET A 68  ? O MET A 68  
AA 2 3 N GLY A 71  ? N GLY A 71  O PHE A 119 ? O PHE A 119 
AA 3 4 N CYS A 122 ? N CYS A 122 O VAL A 104 ? O VAL A 104 
AA 4 5 O LEU A 105 ? O LEU A 105 N PHE A 136 ? N PHE A 136 
AA 5 6 N VAL A 140 ? N VAL A 140 O VAL A 21  ? O VAL A 21  
AA 6 7 N MET A 22  ? N MET A 22  O VAL A 6   ? O VAL A 6   
AA 7 8 N THR A 11  ? N THR A 11  O MET A 164 ? O MET A 164 
# 
_struct_site.id                   AC1 
_struct_site.pdbx_evidence_code   Software 
_struct_site.pdbx_auth_asym_id    ? 
_struct_site.pdbx_auth_comp_id    ? 
_struct_site.pdbx_auth_seq_id     ? 
_struct_site.pdbx_auth_ins_code   ? 
_struct_site.pdbx_num_residues    13 
_struct_site.details              'Binding site for Di-peptide ALA A1001 and PRO A1002' 
# 
loop_
_struct_site_gen.id 
_struct_site_gen.site_id 
_struct_site_gen.pdbx_num_res 
_struct_site_gen.label_comp_id 
_struct_site_gen.label_asym_id 
_struct_site_gen.label_seq_id 
_struct_site_gen.pdbx_auth_ins_code 
_struct_site_gen.auth_comp_id 
_struct_site_gen.auth_asym_id 
_struct_site_gen.auth_seq_id 
_struct_site_gen.label_atom_id 
_struct_site_gen.label_alt_id 
_struct_site_gen.symmetry 
_struct_site_gen.details 
1  AC1 13 ARG A 62  ? ARG A 62   . ? 1_555 ? 
2  AC1 13 PHE A 67  ? PHE A 67   . ? 1_555 ? 
3  AC1 13 MET A 68  ? MET A 68   . ? 1_555 ? 
4  AC1 13 GLN A 70  ? GLN A 70   . ? 1_555 ? 
5  AC1 13 ALA A 108 ? ALA A 108  . ? 1_555 ? 
6  AC1 13 ASN A 109 ? ASN A 109  . ? 1_555 ? 
7  AC1 13 PHE A 120 ? PHE A 120  . ? 1_555 ? 
8  AC1 13 HIS A 133 ? HIS A 133  . ? 1_555 ? 
9  AC1 13 HOH D .   ? HOH A 2124 . ? 1_555 ? 
10 AC1 13 HOH D .   ? HOH A 2224 . ? 1_555 ? 
11 AC1 13 HOH D .   ? HOH A 2225 . ? 1_555 ? 
12 AC1 13 HOH D .   ? HOH A 2227 . ? 1_555 ? 
13 AC1 13 HOH D .   ? HOH A 2228 . ? 1_555 ? 
# 
_atom_sites.entry_id                    1E8K 
_atom_sites.fract_transf_matrix[1][1]   0.00483006 
_atom_sites.fract_transf_matrix[1][2]   0.00456174 
_atom_sites.fract_transf_matrix[1][3]   0.01497653 
_atom_sites.fract_transf_matrix[2][1]   -0.00599087 
_atom_sites.fract_transf_matrix[2][2]   -0.01394165 
_atom_sites.fract_transf_matrix[2][3]   0.00617863 
_atom_sites.fract_transf_matrix[3][1]   0.00719771 
_atom_sites.fract_transf_matrix[3][2]   -0.00363148 
_atom_sites.fract_transf_matrix[3][3]   -0.00121520 
_atom_sites.fract_transf_vector[1]      0.850750 
_atom_sites.fract_transf_vector[2]      0.441249 
_atom_sites.fract_transf_vector[3]      0.128290 
# 
loop_
_atom_type.symbol 
C 
N 
O 
S 
# 
loop_
_atom_site.group_PDB 
_atom_site.id 
_atom_site.type_symbol 
_atom_site.label_atom_id 
_atom_site.label_alt_id 
_atom_site.label_comp_id 
_atom_site.label_asym_id 
_atom_site.label_entity_id 
_atom_site.label_seq_id 
_atom_site.pdbx_PDB_ins_code 
_atom_site.Cartn_x 
_atom_site.Cartn_y 
_atom_site.Cartn_z 
_atom_site.occupancy 
_atom_site.B_iso_or_equiv 
_atom_site.pdbx_formal_charge 
_atom_site.auth_seq_id 
_atom_site.auth_comp_id 
_atom_site.auth_asym_id 
_atom_site.auth_atom_id 
_atom_site.pdbx_PDB_model_num 
ATOM   1    N N   . MET A 1 1   ? -3.306  8.298   20.234  1.00 82.64 ? 1    MET A N   1 
ATOM   2    C CA  . MET A 1 1   ? -3.808  6.977   20.599  1.00 77.42 ? 1    MET A CA  1 
ATOM   3    C C   . MET A 1 1   ? -3.145  5.873   19.764  1.00 84.90 ? 1    MET A C   1 
ATOM   4    O O   . MET A 1 1   ? -2.212  6.154   19.008  1.00 97.80 ? 1    MET A O   1 
ATOM   5    C CB  . MET A 1 1   ? -5.329  6.924   20.460  1.00 89.60 ? 1    MET A CB  1 
ATOM   6    C CG  . MET A 1 1   ? -5.885  7.417   19.136  1.00 90.17 ? 1    MET A CG  1 
ATOM   7    S SD  . MET A 1 1   ? -6.349  6.070   18.023  1.00 88.56 ? 1    MET A SD  1 
ATOM   8    C CE  . MET A 1 1   ? -8.136  6.233   18.025  1.00 73.59 ? 1    MET A CE  1 
ATOM   9    N N   . SER A 1 2   ? -3.633  4.663   19.927  1.00 65.34 ? 2    SER A N   1 
ATOM   10   C CA  . SER A 1 2   ? -3.268  3.372   19.403  1.00 58.31 ? 2    SER A CA  1 
ATOM   11   C C   . SER A 1 2   ? -2.652  3.335   18.012  1.00 61.32 ? 2    SER A C   1 
ATOM   12   O O   . SER A 1 2   ? -2.828  4.207   17.163  1.00 63.43 ? 2    SER A O   1 
ATOM   13   C CB  . SER A 1 2   ? -4.525  2.467   19.313  1.00 72.09 ? 2    SER A CB  1 
ATOM   14   O OG  . SER A 1 2   ? -4.623  1.932   17.996  1.00 63.45 ? 2    SER A OG  1 
ATOM   15   N N   . ARG A 1 3   ? -1.908  2.249   17.762  1.00 52.15 ? 3    ARG A N   1 
ATOM   16   C CA  . ARG A 1 3   ? -1.464  2.010   16.390  1.00 31.74 ? 3    ARG A CA  1 
ATOM   17   C C   . ARG A 1 3   ? -1.506  0.527   16.044  1.00 29.08 ? 3    ARG A C   1 
ATOM   18   O O   . ARG A 1 3   ? -0.902  -0.328  16.697  1.00 38.66 ? 3    ARG A O   1 
ATOM   19   C CB  . ARG A 1 3   ? -0.072  2.607   16.158  1.00 33.05 ? 3    ARG A CB  1 
ATOM   20   C CG  . ARG A 1 3   ? -0.183  4.112   15.977  1.00 25.82 ? 3    ARG A CG  1 
ATOM   21   C CD  . ARG A 1 3   ? 1.163   4.804   15.903  1.00 25.81 ? 3    ARG A CD  1 
ATOM   22   N NE  . ARG A 1 3   ? 0.904   6.251   15.772  1.00 37.06 ? 3    ARG A NE  1 
ATOM   23   C CZ  . ARG A 1 3   ? 1.915   7.098   15.599  1.00 53.61 ? 3    ARG A CZ  1 
ATOM   24   N NH1 . ARG A 1 3   ? 3.148   6.596   15.544  1.00 48.20 ? 3    ARG A NH1 1 
ATOM   25   N NH2 . ARG A 1 3   ? 1.672   8.398   15.483  1.00 43.56 ? 3    ARG A NH2 1 
ATOM   26   N N   . SER A 1 4   ? -2.251  0.256   14.967  1.00 27.25 ? 4    SER A N   1 
ATOM   27   C CA  . SER A 1 4   ? -2.341  -1.083  14.424  1.00 30.96 ? 4    SER A CA  1 
ATOM   28   C C   . SER A 1 4   ? -1.020  -1.478  13.758  1.00 30.22 ? 4    SER A C   1 
ATOM   29   O O   . SER A 1 4   ? -0.295  -0.623  13.244  1.00 31.38 ? 4    SER A O   1 
ATOM   30   C CB  . SER A 1 4   ? -3.449  -1.223  13.374  1.00 37.61 ? 4    SER A CB  1 
ATOM   31   O OG  . SER A 1 4   ? -4.645  -0.589  13.766  1.00 34.18 ? 4    SER A OG  1 
ATOM   32   N N   . LYS A 1 5   ? -0.775  -2.783  13.800  1.00 25.61 ? 5    LYS A N   1 
ATOM   33   C CA  . LYS A 1 5   ? 0.371   -3.375  13.126  1.00 30.97 ? 5    LYS A CA  1 
ATOM   34   C C   . LYS A 1 5   ? -0.181  -4.396  12.127  1.00 29.08 ? 5    LYS A C   1 
ATOM   35   O O   . LYS A 1 5   ? -1.023  -5.188  12.549  1.00 27.57 ? 5    LYS A O   1 
ATOM   36   C CB  . LYS A 1 5   ? 1.344   -4.033  14.096  1.00 38.67 ? 5    LYS A CB  1 
ATOM   37   C CG  . LYS A 1 5   ? 2.472   -3.117  14.560  1.00 58.15 ? 5    LYS A CG  1 
ATOM   38   C CD  . LYS A 1 5   ? 3.617   -3.893  15.199  1.00 70.57 ? 5    LYS A CD  1 
ATOM   39   C CE  . LYS A 1 5   ? 4.644   -2.965  15.831  1.00 78.17 ? 5    LYS A CE  1 
ATOM   40   N NZ  . LYS A 1 5   ? 5.684   -3.719  16.588  1.00 88.95 ? 5    LYS A NZ  1 
ATOM   41   N N   . VAL A 1 6   ? 0.305   -4.279  10.899  1.00 26.60 ? 6    VAL A N   1 
ATOM   42   C CA  . VAL A 1 6   ? -0.090  -5.171  9.814   1.00 29.87 ? 6    VAL A CA  1 
ATOM   43   C C   . VAL A 1 6   ? 1.143   -5.673  9.070   1.00 29.08 ? 6    VAL A C   1 
ATOM   44   O O   . VAL A 1 6   ? 2.222   -5.083  9.184   1.00 24.01 ? 6    VAL A O   1 
ATOM   45   C CB  . VAL A 1 6   ? -1.067  -4.463  8.855   1.00 23.86 ? 6    VAL A CB  1 
ATOM   46   C CG1 . VAL A 1 6   ? -2.344  -4.091  9.616   1.00 22.28 ? 6    VAL A CG1 1 
ATOM   47   C CG2 . VAL A 1 6   ? -0.400  -3.244  8.238   1.00 21.30 ? 6    VAL A CG2 1 
ATOM   48   N N   . PHE A 1 7   ? 0.971   -6.759  8.328   1.00 20.73 ? 7    PHE A N   1 
ATOM   49   C CA  . PHE A 1 7   ? 2.056   -7.367  7.582   1.00 31.10 ? 7    PHE A CA  1 
ATOM   50   C C   . PHE A 1 7   ? 1.660   -7.826  6.178   1.00 35.76 ? 7    PHE A C   1 
ATOM   51   O O   . PHE A 1 7   ? 0.519   -8.141  5.832   1.00 28.83 ? 7    PHE A O   1 
ATOM   52   C CB  . PHE A 1 7   ? 2.640   -8.578  8.350   1.00 22.68 ? 7    PHE A CB  1 
ATOM   53   C CG  . PHE A 1 7   ? 1.761   -9.798  8.370   1.00 21.52 ? 7    PHE A CG  1 
ATOM   54   C CD1 . PHE A 1 7   ? 0.799   -9.901  9.369   1.00 24.21 ? 7    PHE A CD1 1 
ATOM   55   C CD2 . PHE A 1 7   ? 1.872   -10.838 7.451   1.00 25.86 ? 7    PHE A CD2 1 
ATOM   56   C CE1 . PHE A 1 7   ? -0.042  -11.000 9.440   1.00 24.87 ? 7    PHE A CE1 1 
ATOM   57   C CE2 . PHE A 1 7   ? 1.018   -11.915 7.493   1.00 30.72 ? 7    PHE A CE2 1 
ATOM   58   C CZ  . PHE A 1 7   ? 0.057   -12.005 8.498   1.00 31.80 ? 7    PHE A CZ  1 
ATOM   59   N N   . PHE A 1 8   ? 2.704   -7.931  5.361   1.00 26.44 ? 8    PHE A N   1 
ATOM   60   C CA  . PHE A 1 8   ? 2.646   -8.584  4.069   1.00 21.74 ? 8    PHE A CA  1 
ATOM   61   C C   . PHE A 1 8   ? 3.734   -9.665  4.070   1.00 29.74 ? 8    PHE A C   1 
ATOM   62   O O   . PHE A 1 8   ? 4.862   -9.333  4.453   1.00 25.99 ? 8    PHE A O   1 
ATOM   63   C CB  . PHE A 1 8   ? 2.898   -7.631  2.900   1.00 23.70 ? 8    PHE A CB  1 
ATOM   64   C CG  . PHE A 1 8   ? 2.000   -6.457  2.605   1.00 23.61 ? 8    PHE A CG  1 
ATOM   65   C CD1 . PHE A 1 8   ? 0.663   -6.420  2.951   1.00 18.03 ? 8    PHE A CD1 1 
ATOM   66   C CD2 . PHE A 1 8   ? 2.500   -5.334  1.960   1.00 23.51 ? 8    PHE A CD2 1 
ATOM   67   C CE1 . PHE A 1 8   ? -0.130  -5.321  2.670   1.00 24.77 ? 8    PHE A CE1 1 
ATOM   68   C CE2 . PHE A 1 8   ? 1.730   -4.221  1.673   1.00 26.89 ? 8    PHE A CE2 1 
ATOM   69   C CZ  . PHE A 1 8   ? 0.390   -4.211  2.037   1.00 28.40 ? 8    PHE A CZ  1 
ATOM   70   N N   . ASP A 1 9   ? 3.424   -10.885 3.664   1.00 27.10 ? 9    ASP A N   1 
ATOM   71   C CA  . ASP A 1 9   ? 4.435   -11.841 3.251   1.00 26.31 ? 9    ASP A CA  1 
ATOM   72   C C   . ASP A 1 9   ? 4.505   -11.795 1.725   1.00 21.88 ? 9    ASP A C   1 
ATOM   73   O O   . ASP A 1 9   ? 3.501   -11.914 1.014   1.00 25.23 ? 9    ASP A O   1 
ATOM   74   C CB  . ASP A 1 9   ? 4.189   -13.260 3.769   1.00 23.70 ? 9    ASP A CB  1 
ATOM   75   C CG  . ASP A 1 9   ? 4.135   -13.259 5.290   1.00 24.96 ? 9    ASP A CG  1 
ATOM   76   O OD1 . ASP A 1 9   ? 5.053   -12.712 5.924   1.00 29.35 ? 9    ASP A OD1 1 
ATOM   77   O OD2 . ASP A 1 9   ? 3.132   -13.767 5.829   1.00 32.03 ? 9    ASP A OD2 1 
ATOM   78   N N   . ILE A 1 10  ? 5.727   -11.581 1.246   1.00 20.28 ? 10   ILE A N   1 
ATOM   79   C CA  . ILE A 1 10  ? 5.978   -11.313 -0.168  1.00 23.03 ? 10   ILE A CA  1 
ATOM   80   C C   . ILE A 1 10  ? 6.567   -12.514 -0.886  1.00 25.96 ? 10   ILE A C   1 
ATOM   81   O O   . ILE A 1 10  ? 7.430   -13.191 -0.308  1.00 22.66 ? 10   ILE A O   1 
ATOM   82   C CB  . ILE A 1 10  ? 6.960   -10.125 -0.317  1.00 26.16 ? 10   ILE A CB  1 
ATOM   83   C CG1 . ILE A 1 10  ? 6.462   -8.849  0.373   1.00 26.15 ? 10   ILE A CG1 1 
ATOM   84   C CG2 . ILE A 1 10  ? 7.293   -9.868  -1.772  1.00 25.04 ? 10   ILE A CG2 1 
ATOM   85   C CD1 . ILE A 1 10  ? 5.056   -8.467  -0.095  1.00 24.59 ? 10   ILE A CD1 1 
ATOM   86   N N   . THR A 1 11  ? 6.117   -12.774 -2.115  1.00 21.30 ? 11   THR A N   1 
ATOM   87   C CA  . THR A 1 11  ? 6.821   -13.699 -2.988  1.00 20.58 ? 11   THR A CA  1 
ATOM   88   C C   . THR A 1 11  ? 7.376   -12.917 -4.180  1.00 25.71 ? 11   THR A C   1 
ATOM   89   O O   . THR A 1 11  ? 6.707   -11.970 -4.598  1.00 25.24 ? 11   THR A O   1 
ATOM   90   C CB  . THR A 1 11  ? 6.000   -14.864 -3.570  1.00 23.91 ? 11   THR A CB  1 
ATOM   91   O OG1 . THR A 1 11  ? 4.771   -14.390 -4.156  1.00 28.88 ? 11   THR A OG1 1 
ATOM   92   C CG2 . THR A 1 11  ? 5.657   -15.846 -2.453  1.00 34.42 ? 11   THR A CG2 1 
ATOM   93   N N   . ILE A 1 12  ? 8.526   -13.342 -4.689  1.00 18.28 ? 12   ILE A N   1 
ATOM   94   C CA  . ILE A 1 12  ? 9.009   -12.681 -5.913  1.00 18.67 ? 12   ILE A CA  1 
ATOM   95   C C   . ILE A 1 12  ? 9.280   -13.793 -6.906  1.00 23.91 ? 12   ILE A C   1 
ATOM   96   O O   . ILE A 1 12  ? 10.064  -14.682 -6.574  1.00 27.21 ? 12   ILE A O   1 
ATOM   97   C CB  . ILE A 1 12  ? 10.253  -11.832 -5.635  1.00 25.63 ? 12   ILE A CB  1 
ATOM   98   C CG1 . ILE A 1 12  ? 10.020  -10.665 -4.665  1.00 24.78 ? 12   ILE A CG1 1 
ATOM   99   C CG2 . ILE A 1 12  ? 10.829  -11.304 -6.933  1.00 25.44 ? 12   ILE A CG2 1 
ATOM   100  C CD1 . ILE A 1 12  ? 11.315  -10.021 -4.200  1.00 21.30 ? 12   ILE A CD1 1 
ATOM   101  N N   . GLY A 1 13  ? 8.590   -13.730 -8.034  1.00 25.39 ? 13   GLY A N   1 
ATOM   102  C CA  . GLY A 1 13  ? 8.613   -14.824 -8.984  1.00 30.51 ? 13   GLY A CA  1 
ATOM   103  C C   . GLY A 1 13  ? 8.337   -16.132 -8.256  1.00 35.57 ? 13   GLY A C   1 
ATOM   104  O O   . GLY A 1 13  ? 8.963   -17.137 -8.559  1.00 29.94 ? 13   GLY A O   1 
ATOM   105  N N   . GLY A 1 14  ? 7.415   -16.106 -7.296  1.00 27.12 ? 14   GLY A N   1 
ATOM   106  C CA  . GLY A 1 14  ? 7.016   -17.284 -6.556  1.00 26.23 ? 14   GLY A CA  1 
ATOM   107  C C   . GLY A 1 14  ? 7.911   -17.658 -5.401  1.00 36.35 ? 14   GLY A C   1 
ATOM   108  O O   . GLY A 1 14  ? 7.604   -18.583 -4.634  1.00 42.07 ? 14   GLY A O   1 
ATOM   109  N N   . LYS A 1 15  ? 9.041   -16.962 -5.240  1.00 33.43 ? 15   LYS A N   1 
ATOM   110  C CA  . LYS A 1 15  ? 9.964   -17.338 -4.173  1.00 28.75 ? 15   LYS A CA  1 
ATOM   111  C C   . LYS A 1 15  ? 9.669   -16.523 -2.920  1.00 26.45 ? 15   LYS A C   1 
ATOM   112  O O   . LYS A 1 15  ? 9.584   -15.293 -3.017  1.00 29.12 ? 15   LYS A O   1 
ATOM   113  C CB  . LYS A 1 15  ? 11.409  -17.110 -4.610  1.00 37.95 ? 15   LYS A CB  1 
ATOM   114  C CG  . LYS A 1 15  ? 12.252  -18.358 -4.753  1.00 69.20 ? 15   LYS A CG  1 
ATOM   115  C CD  . LYS A 1 15  ? 12.889  -18.782 -3.439  1.00 92.22 ? 15   LYS A CD  1 
ATOM   116  C CE  . LYS A 1 15  ? 13.106  -20.287 -3.367  1.00 95.31 ? 15   LYS A CE  1 
ATOM   117  N NZ  . LYS A 1 15  ? 12.037  -20.987 -2.598  1.00 98.99 ? 15   LYS A NZ  1 
ATOM   118  N N   . ALA A 1 16  ? 9.535   -17.217 -1.796  1.00 29.33 ? 16   ALA A N   1 
ATOM   119  C CA  . ALA A 1 16  ? 9.253   -16.532 -0.541  1.00 26.81 ? 16   ALA A CA  1 
ATOM   120  C C   . ALA A 1 16  ? 10.388  -15.545 -0.288  1.00 36.71 ? 16   ALA A C   1 
ATOM   121  O O   . ALA A 1 16  ? 11.532  -15.991 -0.414  1.00 37.01 ? 16   ALA A O   1 
ATOM   122  C CB  . ALA A 1 16  ? 9.108   -17.538 0.584   1.00 33.10 ? 16   ALA A CB  1 
ATOM   123  N N   . SER A 1 17  ? 10.105  -14.289 0.033   1.00 27.95 ? 17   SER A N   1 
ATOM   124  C CA  . SER A 1 17  ? 11.151  -13.267 0.129   1.00 29.07 ? 17   SER A CA  1 
ATOM   125  C C   . SER A 1 17  ? 11.091  -12.477 1.420   1.00 25.66 ? 17   SER A C   1 
ATOM   126  O O   . SER A 1 17  ? 11.869  -11.548 1.643   1.00 32.52 ? 17   SER A O   1 
ATOM   127  C CB  . SER A 1 17  ? 11.033  -12.317 -1.075  1.00 32.05 ? 17   SER A CB  1 
ATOM   128  O OG  . SER A 1 17  ? 11.010  -13.068 -2.291  1.00 28.11 ? 17   SER A OG  1 
ATOM   129  N N   . GLY A 1 18  ? 10.172  -12.842 2.316   1.00 23.70 ? 18   GLY A N   1 
ATOM   130  C CA  . GLY A 1 18  ? 10.184  -12.208 3.627   1.00 22.31 ? 18   GLY A CA  1 
ATOM   131  C C   . GLY A 1 18  ? 8.919   -11.434 3.922   1.00 17.84 ? 18   GLY A C   1 
ATOM   132  O O   . GLY A 1 18  ? 8.015   -11.310 3.098   1.00 27.02 ? 18   GLY A O   1 
ATOM   133  N N   . ARG A 1 19  ? 8.877   -10.902 5.135   1.00 25.82 ? 19   ARG A N   1 
ATOM   134  C CA  . ARG A 1 19  ? 7.700   -10.204 5.628   1.00 26.30 ? 19   ARG A CA  1 
ATOM   135  C C   . ARG A 1 19  ? 7.958   -8.720  5.770   1.00 22.00 ? 19   ARG A C   1 
ATOM   136  O O   . ARG A 1 19  ? 8.972   -8.266  6.282   1.00 22.76 ? 19   ARG A O   1 
ATOM   137  C CB  . ARG A 1 19  ? 7.263   -10.829 6.968   1.00 25.28 ? 19   ARG A CB  1 
ATOM   138  C CG  . ARG A 1 19  ? 6.223   -9.995  7.705   1.00 22.10 ? 19   ARG A CG  1 
ATOM   139  C CD  . ARG A 1 19  ? 5.773   -10.775 8.948   1.00 18.55 ? 19   ARG A CD  1 
ATOM   140  N NE  . ARG A 1 19  ? 4.979   -11.910 8.451   1.00 25.33 ? 19   ARG A NE  1 
ATOM   141  C CZ  . ARG A 1 19  ? 4.204   -12.650 9.239   1.00 32.13 ? 19   ARG A CZ  1 
ATOM   142  N NH1 . ARG A 1 19  ? 4.136   -12.368 10.537  1.00 26.67 ? 19   ARG A NH1 1 
ATOM   143  N NH2 . ARG A 1 19  ? 3.513   -13.658 8.721   1.00 32.62 ? 19   ARG A NH2 1 
ATOM   144  N N   . ILE A 1 20  ? 7.012   -7.910  5.304   1.00 20.71 ? 20   ILE A N   1 
ATOM   145  C CA  . ILE A 1 20  ? 7.065   -6.473  5.581   1.00 23.15 ? 20   ILE A CA  1 
ATOM   146  C C   . ILE A 1 20  ? 6.085   -6.149  6.710   1.00 32.76 ? 20   ILE A C   1 
ATOM   147  O O   . ILE A 1 20  ? 4.897   -6.483  6.594   1.00 28.21 ? 20   ILE A O   1 
ATOM   148  C CB  . ILE A 1 20  ? 6.697   -5.656  4.346   1.00 21.26 ? 20   ILE A CB  1 
ATOM   149  C CG1 . ILE A 1 20  ? 7.634   -5.900  3.152   1.00 23.10 ? 20   ILE A CG1 1 
ATOM   150  C CG2 . ILE A 1 20  ? 6.587   -4.169  4.689   1.00 22.74 ? 20   ILE A CG2 1 
ATOM   151  C CD1 . ILE A 1 20  ? 7.083   -5.357  1.848   1.00 19.18 ? 20   ILE A CD1 1 
ATOM   152  N N   . VAL A 1 21  ? 6.580   -5.533  7.774   1.00 25.52 ? 21   VAL A N   1 
ATOM   153  C CA  . VAL A 1 21  ? 5.711   -5.180  8.904   1.00 22.47 ? 21   VAL A CA  1 
ATOM   154  C C   . VAL A 1 21  ? 5.529   -3.659  8.916   1.00 29.28 ? 21   VAL A C   1 
ATOM   155  O O   . VAL A 1 21  ? 6.498   -2.889  8.853   1.00 24.58 ? 21   VAL A O   1 
ATOM   156  C CB  . VAL A 1 21  ? 6.252   -5.670  10.261  1.00 21.62 ? 21   VAL A CB  1 
ATOM   157  C CG1 . VAL A 1 21  ? 5.380   -5.197  11.411  1.00 26.14 ? 21   VAL A CG1 1 
ATOM   158  C CG2 . VAL A 1 21  ? 6.351   -7.191  10.282  1.00 24.59 ? 21   VAL A CG2 1 
ATOM   159  N N   . MET A 1 22  ? 4.266   -3.236  8.969   1.00 23.67 ? 22   MET A N   1 
ATOM   160  C CA  . MET A 1 22  ? 3.914   -1.827  8.923   1.00 25.58 ? 22   MET A CA  1 
ATOM   161  C C   . MET A 1 22  ? 3.128   -1.402  10.164  1.00 24.07 ? 22   MET A C   1 
ATOM   162  O O   . MET A 1 22  ? 2.266   -2.135  10.629  1.00 24.67 ? 22   MET A O   1 
ATOM   163  C CB  . MET A 1 22  ? 3.107   -1.533  7.654   1.00 19.82 ? 22   MET A CB  1 
ATOM   164  C CG  . MET A 1 22  ? 3.892   -1.799  6.379   1.00 22.05 ? 22   MET A CG  1 
ATOM   165  S SD  . MET A 1 22  ? 2.792   -2.248  5.014   1.00 24.37 ? 22   MET A SD  1 
ATOM   166  C CE  . MET A 1 22  ? 2.455   -3.969  5.416   1.00 18.90 ? 22   MET A CE  1 
ATOM   167  N N   . GLU A 1 23  ? 3.452   -0.232  10.675  1.00 20.71 ? 23   GLU A N   1 
ATOM   168  C CA  . GLU A 1 23  ? 2.707   0.436   11.724  1.00 25.03 ? 23   GLU A CA  1 
ATOM   169  C C   . GLU A 1 23  ? 1.801   1.481   11.084  1.00 31.20 ? 23   GLU A C   1 
ATOM   170  O O   . GLU A 1 23  ? 2.283   2.288   10.289  1.00 24.89 ? 23   GLU A O   1 
ATOM   171  C CB  . GLU A 1 23  ? 3.637   1.148   12.694  1.00 27.31 ? 23   GLU A CB  1 
ATOM   172  C CG  . GLU A 1 23  ? 2.907   2.126   13.617  1.00 35.60 ? 23   GLU A CG  1 
ATOM   173  C CD  . GLU A 1 23  ? 3.935   2.754   14.562  1.00 37.02 ? 23   GLU A CD  1 
ATOM   174  O OE1 . GLU A 1 23  ? 4.380   2.046   15.497  1.00 44.84 ? 23   GLU A OE1 1 
ATOM   175  O OE2 . GLU A 1 23  ? 4.283   3.924   14.339  1.00 50.43 ? 23   GLU A OE2 1 
ATOM   176  N N   . LEU A 1 24  ? 0.526   1.447   11.415  1.00 26.11 ? 24   LEU A N   1 
ATOM   177  C CA  . LEU A 1 24  ? -0.403  2.426   10.876  1.00 28.40 ? 24   LEU A CA  1 
ATOM   178  C C   . LEU A 1 24  ? -0.613  3.551   11.883  1.00 31.20 ? 24   LEU A C   1 
ATOM   179  O O   . LEU A 1 24  ? -0.528  3.284   13.091  1.00 28.90 ? 24   LEU A O   1 
ATOM   180  C CB  . LEU A 1 24  ? -1.747  1.762   10.516  1.00 28.16 ? 24   LEU A CB  1 
ATOM   181  C CG  . LEU A 1 24  ? -1.583  0.517   9.635   1.00 27.87 ? 24   LEU A CG  1 
ATOM   182  C CD1 . LEU A 1 24  ? -2.924  -0.171  9.413   1.00 27.31 ? 24   LEU A CD1 1 
ATOM   183  C CD2 . LEU A 1 24  ? -0.924  0.876   8.297   1.00 25.28 ? 24   LEU A CD2 1 
ATOM   184  N N   . TYR A 1 25  ? -0.893  4.738   11.359  1.00 29.85 ? 25   TYR A N   1 
ATOM   185  C CA  . TYR A 1 25  ? -1.111  5.900   12.226  1.00 32.37 ? 25   TYR A CA  1 
ATOM   186  C C   . TYR A 1 25  ? -2.579  6.096   12.557  1.00 24.83 ? 25   TYR A C   1 
ATOM   187  O O   . TYR A 1 25  ? -3.191  7.104   12.186  1.00 33.56 ? 25   TYR A O   1 
ATOM   188  C CB  . TYR A 1 25  ? -0.572  7.159   11.531  1.00 26.84 ? 25   TYR A CB  1 
ATOM   189  C CG  . TYR A 1 25  ? 0.930   7.064   11.295  1.00 30.70 ? 25   TYR A CG  1 
ATOM   190  C CD1 . TYR A 1 25  ? 1.756   6.394   12.185  1.00 35.07 ? 25   TYR A CD1 1 
ATOM   191  C CD2 . TYR A 1 25  ? 1.494   7.635   10.153  1.00 29.84 ? 25   TYR A CD2 1 
ATOM   192  C CE1 . TYR A 1 25  ? 3.128   6.288   11.988  1.00 28.68 ? 25   TYR A CE1 1 
ATOM   193  C CE2 . TYR A 1 25  ? 2.855   7.538   9.958   1.00 30.94 ? 25   TYR A CE2 1 
ATOM   194  C CZ  . TYR A 1 25  ? 3.653   6.874   10.865  1.00 24.32 ? 25   TYR A CZ  1 
ATOM   195  O OH  . TYR A 1 25  ? 5.000   6.803   10.613  1.00 29.49 ? 25   TYR A OH  1 
ATOM   196  N N   . ASP A 1 26  ? -3.178  5.150   13.266  1.00 25.14 ? 26   ASP A N   1 
ATOM   197  C CA  . ASP A 1 26  ? -4.612  5.247   13.538  1.00 33.86 ? 26   ASP A CA  1 
ATOM   198  C C   . ASP A 1 26  ? -4.957  6.518   14.315  1.00 33.70 ? 26   ASP A C   1 
ATOM   199  O O   . ASP A 1 26  ? -6.077  7.020   14.242  1.00 30.46 ? 26   ASP A O   1 
ATOM   200  C CB  . ASP A 1 26  ? -5.103  4.043   14.346  1.00 34.71 ? 26   ASP A CB  1 
ATOM   201  C CG  . ASP A 1 26  ? -4.726  2.729   13.695  1.00 34.87 ? 26   ASP A CG  1 
ATOM   202  O OD1 . ASP A 1 26  ? -3.521  2.530   13.444  1.00 42.51 ? 26   ASP A OD1 1 
ATOM   203  O OD2 . ASP A 1 26  ? -5.615  1.902   13.443  1.00 48.01 ? 26   ASP A OD2 1 
ATOM   204  N N   . ASP A 1 27  ? -3.967  6.996   15.054  1.00 28.60 ? 27   ASP A N   1 
ATOM   205  C CA  . ASP A 1 27  ? -4.131  8.188   15.880  1.00 37.30 ? 27   ASP A CA  1 
ATOM   206  C C   . ASP A 1 27  ? -4.156  9.460   15.041  1.00 49.07 ? 27   ASP A C   1 
ATOM   207  O O   . ASP A 1 27  ? -4.715  10.467  15.490  1.00 44.94 ? 27   ASP A O   1 
ATOM   208  C CB  . ASP A 1 27  ? -3.011  8.260   16.917  1.00 33.31 ? 27   ASP A CB  1 
ATOM   209  C CG  . ASP A 1 27  ? -1.644  8.029   16.308  1.00 42.21 ? 27   ASP A CG  1 
ATOM   210  O OD1 . ASP A 1 27  ? -1.522  7.450   15.213  1.00 42.53 ? 27   ASP A OD1 1 
ATOM   211  O OD2 . ASP A 1 27  ? -0.656  8.447   16.940  1.00 54.21 ? 27   ASP A OD2 1 
ATOM   212  N N   . VAL A 1 28  ? -3.576  9.451   13.837  1.00 37.40 ? 28   VAL A N   1 
ATOM   213  C CA  . VAL A 1 28  ? -3.589  10.662  13.017  1.00 26.83 ? 28   VAL A CA  1 
ATOM   214  C C   . VAL A 1 28  ? -4.619  10.656  11.901  1.00 30.68 ? 28   VAL A C   1 
ATOM   215  O O   . VAL A 1 28  ? -5.263  11.652  11.598  1.00 31.31 ? 28   VAL A O   1 
ATOM   216  C CB  . VAL A 1 28  ? -2.204  10.856  12.363  1.00 26.71 ? 28   VAL A CB  1 
ATOM   217  C CG1 . VAL A 1 28  ? -2.209  12.115  11.512  1.00 34.11 ? 28   VAL A CG1 1 
ATOM   218  C CG2 . VAL A 1 28  ? -1.130  10.870  13.447  1.00 35.92 ? 28   VAL A CG2 1 
ATOM   219  N N   . VAL A 1 29  ? -4.754  9.514   11.242  1.00 30.08 ? 29   VAL A N   1 
ATOM   220  C CA  . VAL A 1 29  ? -5.687  9.348   10.127  1.00 26.49 ? 29   VAL A CA  1 
ATOM   221  C C   . VAL A 1 29  ? -6.473  8.057   10.344  1.00 32.45 ? 29   VAL A C   1 
ATOM   222  O O   . VAL A 1 29  ? -6.255  7.055   9.662   1.00 29.63 ? 29   VAL A O   1 
ATOM   223  C CB  . VAL A 1 29  ? -4.926  9.336   8.788   1.00 23.41 ? 29   VAL A CB  1 
ATOM   224  C CG1 . VAL A 1 29  ? -4.693  10.743  8.245   1.00 22.81 ? 29   VAL A CG1 1 
ATOM   225  C CG2 . VAL A 1 29  ? -3.594  8.610   8.976   1.00 20.45 ? 29   VAL A CG2 1 
ATOM   226  N N   . PRO A 1 30  ? -7.385  8.014   11.316  1.00 31.26 ? 30   PRO A N   1 
ATOM   227  C CA  . PRO A 1 30  ? -8.095  6.773   11.640  1.00 23.42 ? 30   PRO A CA  1 
ATOM   228  C C   . PRO A 1 30  ? -8.906  6.204   10.489  1.00 23.90 ? 30   PRO A C   1 
ATOM   229  O O   . PRO A 1 30  ? -8.996  4.975   10.320  1.00 26.12 ? 30   PRO A O   1 
ATOM   230  C CB  . PRO A 1 30  ? -9.005  7.197   12.815  1.00 27.55 ? 30   PRO A CB  1 
ATOM   231  C CG  . PRO A 1 30  ? -9.192  8.671   12.623  1.00 27.88 ? 30   PRO A CG  1 
ATOM   232  C CD  . PRO A 1 30  ? -7.820  9.139   12.176  1.00 36.18 ? 30   PRO A CD  1 
ATOM   233  N N   . LYS A 1 31  ? -9.517  7.045   9.645   1.00 23.61 ? 31   LYS A N   1 
ATOM   234  C CA  . LYS A 1 31  ? -10.333 6.493   8.566   1.00 24.50 ? 31   LYS A CA  1 
ATOM   235  C C   . LYS A 1 31  ? -9.467  5.852   7.486   1.00 23.42 ? 31   LYS A C   1 
ATOM   236  O O   . LYS A 1 31  ? -9.814  4.820   6.904   1.00 29.21 ? 31   LYS A O   1 
ATOM   237  C CB  . LYS A 1 31  ? -11.199 7.615   7.971   1.00 32.59 ? 31   LYS A CB  1 
ATOM   238  C CG  . LYS A 1 31  ? -12.100 7.168   6.844   1.00 34.42 ? 31   LYS A CG  1 
ATOM   239  C CD  . LYS A 1 31  ? -12.970 8.276   6.271   1.00 29.28 ? 31   LYS A CD  1 
ATOM   240  C CE  . LYS A 1 31  ? -14.080 7.690   5.396   1.00 27.68 ? 31   LYS A CE  1 
ATOM   241  N NZ  . LYS A 1 31  ? -14.859 8.785   4.727   1.00 30.61 ? 31   LYS A NZ  1 
ATOM   242  N N   . THR A 1 32  ? -8.331  6.478   7.188   1.00 23.99 ? 32   THR A N   1 
ATOM   243  C CA  . THR A 1 32  ? -7.373  5.998   6.202   1.00 21.32 ? 32   THR A CA  1 
ATOM   244  C C   . THR A 1 32  ? -6.654  4.748   6.721   1.00 22.54 ? 32   THR A C   1 
ATOM   245  O O   . THR A 1 32  ? -6.607  3.744   6.012   1.00 26.92 ? 32   THR A O   1 
ATOM   246  C CB  . THR A 1 32  ? -6.329  7.072   5.859   1.00 25.96 ? 32   THR A CB  1 
ATOM   247  O OG1 . THR A 1 32  ? -7.013  8.248   5.405   1.00 25.14 ? 32   THR A OG1 1 
ATOM   248  C CG2 . THR A 1 32  ? -5.440  6.606   4.714   1.00 21.85 ? 32   THR A CG2 1 
ATOM   249  N N   . ALA A 1 33  ? -6.112  4.797   7.929   1.00 24.63 ? 33   ALA A N   1 
ATOM   250  C CA  . ALA A 1 33  ? -5.533  3.634   8.585   1.00 22.54 ? 33   ALA A CA  1 
ATOM   251  C C   . ALA A 1 33  ? -6.532  2.490   8.667   1.00 28.67 ? 33   ALA A C   1 
ATOM   252  O O   . ALA A 1 33  ? -6.187  1.344   8.386   1.00 25.02 ? 33   ALA A O   1 
ATOM   253  C CB  . ALA A 1 33  ? -5.115  3.973   10.004  1.00 13.87 ? 33   ALA A CB  1 
ATOM   254  N N   . GLY A 1 34  ? -7.767  2.791   9.066   1.00 27.58 ? 34   GLY A N   1 
ATOM   255  C CA  . GLY A 1 34  ? -8.777  1.746   9.237   1.00 25.01 ? 34   GLY A CA  1 
ATOM   256  C C   . GLY A 1 34  ? -9.124  1.051   7.923   1.00 22.74 ? 34   GLY A C   1 
ATOM   257  O O   . GLY A 1 34  ? -9.309  -0.165  7.923   1.00 23.34 ? 34   GLY A O   1 
ATOM   258  N N   . ASN A 1 35  ? -9.220  1.757   6.804   1.00 22.18 ? 35   ASN A N   1 
ATOM   259  C CA  . ASN A 1 35  ? -9.392  1.129   5.494   1.00 20.84 ? 35   ASN A CA  1 
ATOM   260  C C   . ASN A 1 35  ? -8.261  0.168   5.183   1.00 23.90 ? 35   ASN A C   1 
ATOM   261  O O   . ASN A 1 35  ? -8.412  -0.987  4.796   1.00 21.10 ? 35   ASN A O   1 
ATOM   262  C CB  . ASN A 1 35  ? -9.445  2.239   4.450   1.00 22.19 ? 35   ASN A CB  1 
ATOM   263  C CG  . ASN A 1 35  ? -9.647  1.749   3.038   1.00 26.22 ? 35   ASN A CG  1 
ATOM   264  O OD1 . ASN A 1 35  ? -10.592 1.024   2.730   1.00 30.99 ? 35   ASN A OD1 1 
ATOM   265  N ND2 . ASN A 1 35  ? -8.729  2.170   2.152   1.00 22.12 ? 35   ASN A ND2 1 
ATOM   266  N N   . PHE A 1 36  ? -7.028  0.628   5.360   1.00 22.76 ? 36   PHE A N   1 
ATOM   267  C CA  . PHE A 1 36  ? -5.885  -0.246  5.068   1.00 22.54 ? 36   PHE A CA  1 
ATOM   268  C C   . PHE A 1 36  ? -5.833  -1.464  5.970   1.00 20.33 ? 36   PHE A C   1 
ATOM   269  O O   . PHE A 1 36  ? -5.597  -2.586  5.517   1.00 24.31 ? 36   PHE A O   1 
ATOM   270  C CB  . PHE A 1 36  ? -4.610  0.580   5.216   1.00 21.94 ? 36   PHE A CB  1 
ATOM   271  C CG  . PHE A 1 36  ? -3.380  -0.082  4.626   1.00 21.48 ? 36   PHE A CG  1 
ATOM   272  C CD1 . PHE A 1 36  ? -3.103  0.050   3.281   1.00 17.12 ? 36   PHE A CD1 1 
ATOM   273  C CD2 . PHE A 1 36  ? -2.523  -0.812  5.437   1.00 26.18 ? 36   PHE A CD2 1 
ATOM   274  C CE1 . PHE A 1 36  ? -1.952  -0.520  2.765   1.00 17.58 ? 36   PHE A CE1 1 
ATOM   275  C CE2 . PHE A 1 36  ? -1.375  -1.398  4.916   1.00 27.69 ? 36   PHE A CE2 1 
ATOM   276  C CZ  . PHE A 1 36  ? -1.085  -1.238  3.567   1.00 20.10 ? 36   PHE A CZ  1 
ATOM   277  N N   . ARG A 1 37  ? -6.052  -1.291  7.270   1.00 24.06 ? 37   ARG A N   1 
ATOM   278  C CA  . ARG A 1 37  ? -6.122  -2.405  8.218   1.00 35.37 ? 37   ARG A CA  1 
ATOM   279  C C   . ARG A 1 37  ? -7.142  -3.427  7.718   1.00 28.73 ? 37   ARG A C   1 
ATOM   280  O O   . ARG A 1 37  ? -6.852  -4.626  7.620   1.00 20.06 ? 37   ARG A O   1 
ATOM   281  C CB  . ARG A 1 37  ? -6.429  -1.893  9.646   1.00 22.50 ? 37   ARG A CB  1 
ATOM   282  C CG  . ARG A 1 37  ? -6.201  -2.906  10.736  1.00 20.49 ? 37   ARG A CG  1 
ATOM   283  C CD  . ARG A 1 37  ? -6.926  -2.611  12.055  1.00 25.83 ? 37   ARG A CD  1 
ATOM   284  N NE  . ARG A 1 37  ? -8.352  -2.452  11.743  1.00 23.99 ? 37   ARG A NE  1 
ATOM   285  C CZ  . ARG A 1 37  ? -9.189  -3.467  11.555  1.00 25.26 ? 37   ARG A CZ  1 
ATOM   286  N NH1 . ARG A 1 37  ? -8.770  -4.715  11.667  1.00 21.46 ? 37   ARG A NH1 1 
ATOM   287  N NH2 . ARG A 1 37  ? -10.463 -3.234  11.262  1.00 29.36 ? 37   ARG A NH2 1 
ATOM   288  N N   . ALA A 1 38  ? -8.355  -2.995  7.371   1.00 21.12 ? 38   ALA A N   1 
ATOM   289  C CA  . ALA A 1 38  ? -9.407  -3.937  6.976   1.00 21.29 ? 38   ALA A CA  1 
ATOM   290  C C   . ALA A 1 38  ? -9.051  -4.664  5.688   1.00 23.68 ? 38   ALA A C   1 
ATOM   291  O O   . ALA A 1 38  ? -9.491  -5.800  5.470   1.00 23.65 ? 38   ALA A O   1 
ATOM   292  C CB  . ALA A 1 38  ? -10.746 -3.234  6.807   1.00 20.46 ? 38   ALA A CB  1 
ATOM   293  N N   . LEU A 1 39  ? -8.272  -4.013  4.821   1.00 22.53 ? 39   LEU A N   1 
ATOM   294  C CA  . LEU A 1 39  ? -7.896  -4.650  3.554   1.00 22.98 ? 39   LEU A CA  1 
ATOM   295  C C   . LEU A 1 39  ? -6.757  -5.641  3.818   1.00 25.44 ? 39   LEU A C   1 
ATOM   296  O O   . LEU A 1 39  ? -6.596  -6.547  3.008   1.00 22.91 ? 39   LEU A O   1 
ATOM   297  C CB  . LEU A 1 39  ? -7.542  -3.646  2.448   1.00 18.73 ? 39   LEU A CB  1 
ATOM   298  C CG  . LEU A 1 39  ? -8.664  -2.663  2.042   1.00 22.26 ? 39   LEU A CG  1 
ATOM   299  C CD1 . LEU A 1 39  ? -8.100  -1.464  1.271   1.00 18.25 ? 39   LEU A CD1 1 
ATOM   300  C CD2 . LEU A 1 39  ? -9.767  -3.376  1.251   1.00 15.23 ? 39   LEU A CD2 1 
ATOM   301  N N   . CYS A 1 40  ? -6.022  -5.506  4.932   1.00 23.85 ? 40   CYS A N   1 
ATOM   302  C CA  . CYS A 1 40  ? -5.033  -6.496  5.309   1.00 27.44 ? 40   CYS A CA  1 
ATOM   303  C C   . CYS A 1 40  ? -5.687  -7.763  5.865   1.00 22.10 ? 40   CYS A C   1 
ATOM   304  O O   . CYS A 1 40  ? -5.205  -8.845  5.557   1.00 24.76 ? 40   CYS A O   1 
ATOM   305  C CB  . CYS A 1 40  ? -4.030  -5.980  6.356   1.00 23.11 ? 40   CYS A CB  1 
ATOM   306  S SG  . CYS A 1 40  ? -2.914  -4.744  5.611   1.00 24.41 ? 40   CYS A SG  1 
ATOM   307  N N   . THR A 1 41  ? -6.728  -7.560  6.663   1.00 21.16 ? 41   THR A N   1 
ATOM   308  C CA  . THR A 1 41  ? -7.409  -8.708  7.253   1.00 19.96 ? 41   THR A CA  1 
ATOM   309  C C   . THR A 1 41  ? -8.421  -9.293  6.281   1.00 22.71 ? 41   THR A C   1 
ATOM   310  O O   . THR A 1 41  ? -8.725  -10.477 6.395   1.00 24.39 ? 41   THR A O   1 
ATOM   311  C CB  . THR A 1 41  ? -8.155  -8.376  8.553   1.00 23.25 ? 41   THR A CB  1 
ATOM   312  O OG1 . THR A 1 41  ? -9.274  -7.516  8.252   1.00 24.47 ? 41   THR A OG1 1 
ATOM   313  C CG2 . THR A 1 41  ? -7.235  -7.641  9.524   1.00 23.45 ? 41   THR A CG2 1 
ATOM   314  N N   . GLY A 1 42  ? -8.970  -8.510  5.344   1.00 21.66 ? 42   GLY A N   1 
ATOM   315  C CA  . GLY A 1 42  ? -10.032 -9.108  4.511   1.00 19.91 ? 42   GLY A CA  1 
ATOM   316  C C   . GLY A 1 42  ? -11.398 -9.100  5.199   1.00 20.31 ? 42   GLY A C   1 
ATOM   317  O O   . GLY A 1 42  ? -12.353 -9.676  4.652   1.00 26.37 ? 42   GLY A O   1 
ATOM   318  N N   . GLU A 1 43  ? -11.517 -8.453  6.365   1.00 21.09 ? 43   GLU A N   1 
ATOM   319  C CA  . GLU A 1 43  ? -12.700 -8.617  7.209   1.00 24.72 ? 43   GLU A CA  1 
ATOM   320  C C   . GLU A 1 43  ? -13.988 -8.067  6.608   1.00 34.64 ? 43   GLU A C   1 
ATOM   321  O O   . GLU A 1 43  ? -15.039 -8.533  7.067   1.00 21.10 ? 43   GLU A O   1 
ATOM   322  C CB  . GLU A 1 43  ? -12.529 -7.969  8.585   1.00 20.90 ? 43   GLU A CB  1 
ATOM   323  C CG  . GLU A 1 43  ? -12.510 -6.439  8.493   1.00 19.77 ? 43   GLU A CG  1 
ATOM   324  C CD  . GLU A 1 43  ? -11.958 -5.906  9.817   1.00 30.94 ? 43   GLU A CD  1 
ATOM   325  O OE1 . GLU A 1 43  ? -10.883 -6.410  10.214  1.00 24.54 ? 43   GLU A OE1 1 
ATOM   326  O OE2 . GLU A 1 43  ? -12.594 -5.019  10.423  1.00 30.92 ? 43   GLU A OE2 1 
ATOM   327  N N   . ASN A 1 44  ? -13.932 -7.156  5.638   1.00 27.82 ? 44   ASN A N   1 
ATOM   328  C CA  . ASN A 1 44  ? -15.188 -6.701  5.021   1.00 22.57 ? 44   ASN A CA  1 
ATOM   329  C C   . ASN A 1 44  ? -15.578 -7.492  3.796   1.00 25.22 ? 44   ASN A C   1 
ATOM   330  O O   . ASN A 1 44  ? -16.458 -7.093  3.031   1.00 22.35 ? 44   ASN A O   1 
ATOM   331  C CB  . ASN A 1 44  ? -15.106 -5.197  4.705   1.00 23.85 ? 44   ASN A CB  1 
ATOM   332  C CG  . ASN A 1 44  ? -15.267 -4.431  6.013   1.00 30.54 ? 44   ASN A CG  1 
ATOM   333  O OD1 . ASN A 1 44  ? -14.344 -3.786  6.520   1.00 26.72 ? 44   ASN A OD1 1 
ATOM   334  N ND2 . ASN A 1 44  ? -16.473 -4.516  6.584   1.00 23.82 ? 44   ASN A ND2 1 
ATOM   335  N N   . GLY A 1 45  ? -14.988 -8.663  3.572   1.00 19.21 ? 45   GLY A N   1 
ATOM   336  C CA  . GLY A 1 45  ? -15.607 -9.581  2.629   1.00 16.03 ? 45   GLY A CA  1 
ATOM   337  C C   . GLY A 1 45  ? -15.561 -9.092  1.193   1.00 21.80 ? 45   GLY A C   1 
ATOM   338  O O   . GLY A 1 45  ? -14.534 -8.515  0.824   1.00 25.40 ? 45   GLY A O   1 
ATOM   339  N N   . ILE A 1 46  ? -16.630 -9.361  0.442   1.00 19.06 ? 46   ILE A N   1 
ATOM   340  C CA  . ILE A 1 46  ? -16.758 -9.006  -0.964  1.00 18.48 ? 46   ILE A CA  1 
ATOM   341  C C   . ILE A 1 46  ? -17.264 -7.573  -1.126  1.00 24.91 ? 46   ILE A C   1 
ATOM   342  O O   . ILE A 1 46  ? -18.222 -7.165  -0.477  1.00 31.74 ? 46   ILE A O   1 
ATOM   343  C CB  . ILE A 1 46  ? -17.684 -9.965  -1.732  1.00 18.49 ? 46   ILE A CB  1 
ATOM   344  C CG1 . ILE A 1 46  ? -17.172 -11.406 -1.648  1.00 19.49 ? 46   ILE A CG1 1 
ATOM   345  C CG2 . ILE A 1 46  ? -17.879 -9.546  -3.171  1.00 22.90 ? 46   ILE A CG2 1 
ATOM   346  C CD1 . ILE A 1 46  ? -16.006 -11.650 -2.583  1.00 27.18 ? 46   ILE A CD1 1 
ATOM   347  N N   . GLY A 1 47  ? -16.576 -6.829  -1.988  1.00 28.08 ? 47   GLY A N   1 
ATOM   348  C CA  . GLY A 1 47  ? -16.916 -5.428  -2.204  1.00 35.29 ? 47   GLY A CA  1 
ATOM   349  C C   . GLY A 1 47  ? -17.820 -5.233  -3.406  1.00 35.16 ? 47   GLY A C   1 
ATOM   350  O O   . GLY A 1 47  ? -18.185 -6.217  -4.068  1.00 30.53 ? 47   GLY A O   1 
ATOM   351  N N   . LYS A 1 48  ? -18.150 -3.963  -3.650  1.00 33.84 ? 48   LYS A N   1 
ATOM   352  C CA  . LYS A 1 48  ? -19.026 -3.601  -4.757  1.00 29.62 ? 48   LYS A CA  1 
ATOM   353  C C   . LYS A 1 48  ? -18.521 -4.188  -6.058  1.00 32.16 ? 48   LYS A C   1 
ATOM   354  O O   . LYS A 1 48  ? -19.339 -4.502  -6.924  1.00 32.69 ? 48   LYS A O   1 
ATOM   355  C CB  . LYS A 1 48  ? -19.128 -2.075  -4.891  1.00 39.09 ? 48   LYS A CB  1 
ATOM   356  C CG  . LYS A 1 48  ? -20.303 -1.495  -4.128  1.00 59.58 ? 48   LYS A CG  1 
ATOM   357  C CD  . LYS A 1 48  ? -19.921 -0.974  -2.757  1.00 71.49 ? 48   LYS A CD  1 
ATOM   358  C CE  . LYS A 1 48  ? -19.968 -2.052  -1.689  1.00 76.21 ? 48   LYS A CE  1 
ATOM   359  N NZ  . LYS A 1 48  ? -21.044 -3.060  -1.912  1.00 38.84 ? 48   LYS A NZ  1 
ATOM   360  N N   . SER A 1 49  ? -17.197 -4.313  -6.190  1.00 23.18 ? 49   SER A N   1 
ATOM   361  C CA  . SER A 1 49  ? -16.633 -4.883  -7.401  1.00 28.70 ? 49   SER A CA  1 
ATOM   362  C C   . SER A 1 49  ? -16.941 -6.372  -7.548  1.00 35.52 ? 49   SER A C   1 
ATOM   363  O O   . SER A 1 49  ? -16.661 -6.950  -8.604  1.00 37.48 ? 49   SER A O   1 
ATOM   364  C CB  . SER A 1 49  ? -15.106 -4.729  -7.435  1.00 34.84 ? 49   SER A CB  1 
ATOM   365  O OG  . SER A 1 49  ? -14.504 -5.635  -6.518  1.00 37.64 ? 49   SER A OG  1 
ATOM   366  N N   . GLY A 1 50  ? -17.478 -7.009  -6.510  1.00 29.53 ? 50   GLY A N   1 
ATOM   367  C CA  . GLY A 1 50  ? -17.627 -8.450  -6.512  1.00 29.89 ? 50   GLY A CA  1 
ATOM   368  C C   . GLY A 1 50  ? -16.376 -9.237  -6.156  1.00 31.41 ? 50   GLY A C   1 
ATOM   369  O O   . GLY A 1 50  ? -16.467 -10.471 -6.043  1.00 42.94 ? 50   GLY A O   1 
ATOM   370  N N   . LYS A 1 51  ? -15.249 -8.569  -5.957  1.00 25.90 ? 51   LYS A N   1 
ATOM   371  C CA  . LYS A 1 51  ? -14.006 -9.175  -5.500  1.00 24.71 ? 51   LYS A CA  1 
ATOM   372  C C   . LYS A 1 51  ? -13.762 -8.874  -4.029  1.00 27.57 ? 51   LYS A C   1 
ATOM   373  O O   . LYS A 1 51  ? -14.212 -7.855  -3.504  1.00 24.36 ? 51   LYS A O   1 
ATOM   374  C CB  . LYS A 1 51  ? -12.790 -8.653  -6.273  1.00 28.03 ? 51   LYS A CB  1 
ATOM   375  C CG  . LYS A 1 51  ? -13.081 -8.484  -7.759  1.00 41.14 ? 51   LYS A CG  1 
ATOM   376  C CD  . LYS A 1 51  ? -12.243 -9.445  -8.580  1.00 53.01 ? 51   LYS A CD  1 
ATOM   377  C CE  . LYS A 1 51  ? -10.900 -9.680  -7.900  1.00 70.56 ? 51   LYS A CE  1 
ATOM   378  N NZ  . LYS A 1 51  ? -9.773  -9.768  -8.872  1.00 91.90 ? 51   LYS A NZ  1 
ATOM   379  N N   . PRO A 1 52  ? -13.016 -9.784  -3.407  1.00 31.60 ? 52   PRO A N   1 
ATOM   380  C CA  . PRO A 1 52  ? -12.611 -9.602  -2.014  1.00 22.19 ? 52   PRO A CA  1 
ATOM   381  C C   . PRO A 1 52  ? -11.925 -8.266  -1.776  1.00 25.07 ? 52   PRO A C   1 
ATOM   382  O O   . PRO A 1 52  ? -11.044 -7.874  -2.548  1.00 23.32 ? 52   PRO A O   1 
ATOM   383  C CB  . PRO A 1 52  ? -11.611 -10.754 -1.798  1.00 16.51 ? 52   PRO A CB  1 
ATOM   384  C CG  . PRO A 1 52  ? -12.097 -11.819 -2.734  1.00 19.08 ? 52   PRO A CG  1 
ATOM   385  C CD  . PRO A 1 52  ? -12.516 -11.051 -3.974  1.00 25.70 ? 52   PRO A CD  1 
ATOM   386  N N   . LEU A 1 53  ? -12.328 -7.577  -0.706  1.00 23.64 ? 53   LEU A N   1 
ATOM   387  C CA  . LEU A 1 53  ? -11.636 -6.395  -0.214  1.00 21.48 ? 53   LEU A CA  1 
ATOM   388  C C   . LEU A 1 53  ? -10.453 -6.852  0.628   1.00 24.82 ? 53   LEU A C   1 
ATOM   389  O O   . LEU A 1 53  ? -10.437 -6.847  1.860   1.00 20.68 ? 53   LEU A O   1 
ATOM   390  C CB  . LEU A 1 53  ? -12.599 -5.525  0.585   1.00 23.86 ? 53   LEU A CB  1 
ATOM   391  C CG  . LEU A 1 53  ? -13.796 -4.979  -0.206  1.00 22.75 ? 53   LEU A CG  1 
ATOM   392  C CD1 . LEU A 1 53  ? -14.821 -4.386  0.755   1.00 27.97 ? 53   LEU A CD1 1 
ATOM   393  C CD2 . LEU A 1 53  ? -13.326 -3.948  -1.214  1.00 25.24 ? 53   LEU A CD2 1 
ATOM   394  N N   . HIS A 1 54  ? -9.421  -7.309  -0.087  1.00 27.43 ? 54   HIS A N   1 
ATOM   395  C CA  . HIS A 1 54  ? -8.305  -7.979  0.576   1.00 21.78 ? 54   HIS A CA  1 
ATOM   396  C C   . HIS A 1 54  ? -7.041  -7.891  -0.265  1.00 23.13 ? 54   HIS A C   1 
ATOM   397  O O   . HIS A 1 54  ? -7.069  -8.246  -1.445  1.00 19.85 ? 54   HIS A O   1 
ATOM   398  C CB  . HIS A 1 54  ? -8.715  -9.429  0.761   1.00 21.21 ? 54   HIS A CB  1 
ATOM   399  C CG  . HIS A 1 54  ? -7.965  -10.114 1.857   1.00 22.29 ? 54   HIS A CG  1 
ATOM   400  N ND1 . HIS A 1 54  ? -7.936  -11.474 1.997   1.00 25.02 ? 54   HIS A ND1 1 
ATOM   401  C CD2 . HIS A 1 54  ? -7.219  -9.625  2.867   1.00 27.57 ? 54   HIS A CD2 1 
ATOM   402  C CE1 . HIS A 1 54  ? -7.206  -11.823 3.058   1.00 21.38 ? 54   HIS A CE1 1 
ATOM   403  N NE2 . HIS A 1 54  ? -6.761  -10.704 3.603   1.00 25.24 ? 54   HIS A NE2 1 
ATOM   404  N N   . PHE A 1 55  ? -5.919  -7.424  0.274   1.00 20.50 ? 55   PHE A N   1 
ATOM   405  C CA  . PHE A 1 55  ? -4.690  -7.359  -0.512  1.00 26.24 ? 55   PHE A CA  1 
ATOM   406  C C   . PHE A 1 55  ? -4.110  -8.747  -0.772  1.00 30.29 ? 55   PHE A C   1 
ATOM   407  O O   . PHE A 1 55  ? -3.182  -8.896  -1.587  1.00 23.82 ? 55   PHE A O   1 
ATOM   408  C CB  . PHE A 1 55  ? -3.628  -6.541  0.223   1.00 22.07 ? 55   PHE A CB  1 
ATOM   409  C CG  . PHE A 1 55  ? -3.923  -5.068  0.456   1.00 20.91 ? 55   PHE A CG  1 
ATOM   410  C CD1 . PHE A 1 55  ? -4.271  -4.238  -0.593  1.00 22.51 ? 55   PHE A CD1 1 
ATOM   411  C CD2 . PHE A 1 55  ? -3.839  -4.545  1.742   1.00 18.81 ? 55   PHE A CD2 1 
ATOM   412  C CE1 . PHE A 1 55  ? -4.514  -2.890  -0.379  1.00 26.44 ? 55   PHE A CE1 1 
ATOM   413  C CE2 . PHE A 1 55  ? -4.062  -3.190  1.974   1.00 26.54 ? 55   PHE A CE2 1 
ATOM   414  C CZ  . PHE A 1 55  ? -4.391  -2.366  0.899   1.00 21.95 ? 55   PHE A CZ  1 
ATOM   415  N N   . LYS A 1 56  ? -4.632  -9.760  -0.070  1.00 25.77 ? 56   LYS A N   1 
ATOM   416  C CA  . LYS A 1 56  ? -3.997  -11.089 -0.249  1.00 32.24 ? 56   LYS A CA  1 
ATOM   417  C C   . LYS A 1 56  ? -4.095  -11.586 -1.676  1.00 24.37 ? 56   LYS A C   1 
ATOM   418  O O   . LYS A 1 56  ? -5.142  -11.571 -2.316  1.00 24.02 ? 56   LYS A O   1 
ATOM   419  C CB  . LYS A 1 56  ? -4.588  -12.113 0.718   1.00 33.26 ? 56   LYS A CB  1 
ATOM   420  C CG  . LYS A 1 56  ? -3.818  -13.445 0.734   1.00 31.31 ? 56   LYS A CG  1 
ATOM   421  C CD  . LYS A 1 56  ? -4.341  -14.316 1.874   1.00 35.95 ? 56   LYS A CD  1 
ATOM   422  C CE  . LYS A 1 56  ? -3.681  -15.689 1.921   1.00 36.36 ? 56   LYS A CE  1 
ATOM   423  N NZ  . LYS A 1 56  ? -4.178  -16.487 3.074   1.00 45.71 ? 56   LYS A NZ  1 
ATOM   424  N N   . GLY A 1 57  ? -2.992  -12.051 -2.268  1.00 21.50 ? 57   GLY A N   1 
ATOM   425  C CA  . GLY A 1 57  ? -3.020  -12.489 -3.651  1.00 18.29 ? 57   GLY A CA  1 
ATOM   426  C C   . GLY A 1 57  ? -2.722  -11.378 -4.643  1.00 30.86 ? 57   GLY A C   1 
ATOM   427  O O   . GLY A 1 57  ? -2.456  -11.644 -5.823  1.00 24.21 ? 57   GLY A O   1 
ATOM   428  N N   . SER A 1 58  ? -2.749  -10.110 -4.225  1.00 27.61 ? 58   SER A N   1 
ATOM   429  C CA  . SER A 1 58  ? -2.550  -9.016  -5.169  1.00 22.17 ? 58   SER A CA  1 
ATOM   430  C C   . SER A 1 58  ? -1.053  -8.755  -5.337  1.00 25.39 ? 58   SER A C   1 
ATOM   431  O O   . SER A 1 58  ? -0.222  -9.332  -4.642  1.00 28.19 ? 58   SER A O   1 
ATOM   432  C CB  . SER A 1 58  ? -3.227  -7.709  -4.751  1.00 28.82 ? 58   SER A CB  1 
ATOM   433  O OG  . SER A 1 58  ? -2.651  -7.181  -3.541  1.00 25.89 ? 58   SER A OG  1 
ATOM   434  N N   . LYS A 1 59  ? -0.728  -7.885  -6.277  1.00 23.24 ? 59   LYS A N   1 
ATOM   435  C CA  . LYS A 1 59  ? 0.666   -7.641  -6.644  1.00 23.05 ? 59   LYS A CA  1 
ATOM   436  C C   . LYS A 1 59  ? 1.032   -6.167  -6.565  1.00 22.67 ? 59   LYS A C   1 
ATOM   437  O O   . LYS A 1 59  ? 0.194   -5.269  -6.510  1.00 27.25 ? 59   LYS A O   1 
ATOM   438  C CB  . LYS A 1 59  ? 0.954   -8.088  -8.088  1.00 30.23 ? 59   LYS A CB  1 
ATOM   439  C CG  . LYS A 1 59  ? 0.598   -9.516  -8.439  1.00 44.19 ? 59   LYS A CG  1 
ATOM   440  C CD  . LYS A 1 59  ? 0.977   -9.837  -9.877  1.00 61.37 ? 59   LYS A CD  1 
ATOM   441  C CE  . LYS A 1 59  ? -0.227  -10.116 -10.765 1.00 77.27 ? 59   LYS A CE  1 
ATOM   442  N NZ  . LYS A 1 59  ? 0.006   -9.713  -12.186 1.00 90.41 ? 59   LYS A NZ  1 
ATOM   443  N N   . PHE A 1 60  ? 2.345   -5.940  -6.607  1.00 23.74 ? 60   PHE A N   1 
ATOM   444  C CA  . PHE A 1 60  ? 2.876   -4.600  -6.807  1.00 26.73 ? 60   PHE A CA  1 
ATOM   445  C C   . PHE A 1 60  ? 2.934   -4.400  -8.324  1.00 22.19 ? 60   PHE A C   1 
ATOM   446  O O   . PHE A 1 60  ? 3.877   -4.819  -8.992  1.00 25.85 ? 60   PHE A O   1 
ATOM   447  C CB  . PHE A 1 60  ? 4.239   -4.390  -6.132  1.00 25.04 ? 60   PHE A CB  1 
ATOM   448  C CG  . PHE A 1 60  ? 4.109   -4.399  -4.602  1.00 26.49 ? 60   PHE A CG  1 
ATOM   449  C CD1 . PHE A 1 60  ? 3.774   -3.254  -3.902  1.00 25.58 ? 60   PHE A CD1 1 
ATOM   450  C CD2 . PHE A 1 60  ? 4.321   -5.568  -3.890  1.00 23.86 ? 60   PHE A CD2 1 
ATOM   451  C CE1 . PHE A 1 60  ? 3.629   -3.236  -2.528  1.00 23.64 ? 60   PHE A CE1 1 
ATOM   452  C CE2 . PHE A 1 60  ? 4.164   -5.557  -2.504  1.00 28.34 ? 60   PHE A CE2 1 
ATOM   453  C CZ  . PHE A 1 60  ? 3.827   -4.410  -1.813  1.00 23.84 ? 60   PHE A CZ  1 
ATOM   454  N N   . HIS A 1 61  ? 1.884   -3.782  -8.848  1.00 20.85 ? 61   HIS A N   1 
ATOM   455  C CA  . HIS A 1 61  ? 1.800   -3.622  -10.300 1.00 25.92 ? 61   HIS A CA  1 
ATOM   456  C C   . HIS A 1 61  ? 2.667   -2.488  -10.825 1.00 23.85 ? 61   HIS A C   1 
ATOM   457  O O   . HIS A 1 61  ? 2.949   -2.434  -12.024 1.00 24.05 ? 61   HIS A O   1 
ATOM   458  C CB  . HIS A 1 61  ? 0.335   -3.351  -10.681 1.00 22.77 ? 61   HIS A CB  1 
ATOM   459  C CG  . HIS A 1 61  ? -0.118  -2.088  -10.017 1.00 27.95 ? 61   HIS A CG  1 
ATOM   460  N ND1 . HIS A 1 61  ? -0.613  -2.058  -8.727  1.00 27.28 ? 61   HIS A ND1 1 
ATOM   461  C CD2 . HIS A 1 61  ? -0.150  -0.806  -10.476 1.00 34.70 ? 61   HIS A CD2 1 
ATOM   462  C CE1 . HIS A 1 61  ? -0.927  -0.807  -8.416  1.00 30.75 ? 61   HIS A CE1 1 
ATOM   463  N NE2 . HIS A 1 61  ? -0.658  -0.020  -9.460  1.00 35.90 ? 61   HIS A NE2 1 
ATOM   464  N N   . ARG A 1 62  ? 3.123   -1.558  -10.004 1.00 26.41 ? 62   ARG A N   1 
ATOM   465  C CA  . ARG A 1 62  ? 3.903   -0.393  -10.406 1.00 26.29 ? 62   ARG A CA  1 
ATOM   466  C C   . ARG A 1 62  ? 5.078   -0.211  -9.454  1.00 25.41 ? 62   ARG A C   1 
ATOM   467  O O   . ARG A 1 62  ? 4.890   0.028   -8.257  1.00 25.26 ? 62   ARG A O   1 
ATOM   468  C CB  A ARG A 1 62  ? 3.034   0.869   -10.457 0.81 23.54 ? 62   ARG A CB  1 
ATOM   469  C CB  B ARG A 1 62  ? 3.018   0.851   -10.418 0.19 20.93 ? 62   ARG A CB  1 
ATOM   470  C CG  A ARG A 1 62  ? 3.756   2.115   -10.958 0.81 24.56 ? 62   ARG A CG  1 
ATOM   471  C CG  B ARG A 1 62  ? 3.571   2.018   -11.219 0.19 23.68 ? 62   ARG A CG  1 
ATOM   472  C CD  A ARG A 1 62  ? 2.770   3.265   -11.148 0.81 27.84 ? 62   ARG A CD  1 
ATOM   473  C CD  B ARG A 1 62  ? 2.616   3.205   -11.159 0.19 31.64 ? 62   ARG A CD  1 
ATOM   474  N NE  A ARG A 1 62  ? 3.350   4.609   -11.085 0.81 29.90 ? 62   ARG A NE  1 
ATOM   475  N NE  B ARG A 1 62  ? 3.281   4.454   -11.506 0.19 31.72 ? 62   ARG A NE  1 
ATOM   476  C CZ  A ARG A 1 62  ? 4.130   5.161   -12.015 0.81 34.20 ? 62   ARG A CZ  1 
ATOM   477  C CZ  B ARG A 1 62  ? 3.204   5.591   -10.836 0.19 33.18 ? 62   ARG A CZ  1 
ATOM   478  N NH1 A ARG A 1 62  ? 4.459   4.498   -13.132 0.81 35.21 ? 62   ARG A NH1 1 
ATOM   479  N NH1 B ARG A 1 62  ? 2.470   5.675   -9.734  0.19 32.04 ? 62   ARG A NH1 1 
ATOM   480  N NH2 A ARG A 1 62  ? 4.615   6.396   -11.876 0.81 25.64 ? 62   ARG A NH2 1 
ATOM   481  N NH2 B ARG A 1 62  ? 3.863   6.662   -11.263 0.19 33.50 ? 62   ARG A NH2 1 
ATOM   482  N N   . ILE A 1 63  ? 6.302   -0.333  -9.964  1.00 21.66 ? 63   ILE A N   1 
ATOM   483  C CA  . ILE A 1 63  ? 7.480   -0.282  -9.087  1.00 19.09 ? 63   ILE A CA  1 
ATOM   484  C C   . ILE A 1 63  ? 8.528   0.604   -9.751  1.00 26.06 ? 63   ILE A C   1 
ATOM   485  O O   . ILE A 1 63  ? 8.928   0.284   -10.871 1.00 22.52 ? 63   ILE A O   1 
ATOM   486  C CB  . ILE A 1 63  ? 8.088   -1.675  -8.834  1.00 20.44 ? 63   ILE A CB  1 
ATOM   487  C CG1 . ILE A 1 63  ? 7.106   -2.713  -8.268  1.00 22.88 ? 63   ILE A CG1 1 
ATOM   488  C CG2 . ILE A 1 63  ? 9.316   -1.581  -7.936  1.00 22.72 ? 63   ILE A CG2 1 
ATOM   489  C CD1 . ILE A 1 63  ? 7.616   -4.154  -8.342  1.00 22.50 ? 63   ILE A CD1 1 
ATOM   490  N N   . ILE A 1 64  ? 8.922   1.692   -9.081  1.00 26.04 ? 64   ILE A N   1 
ATOM   491  C CA  . ILE A 1 64  ? 9.874   2.592   -9.743  1.00 25.05 ? 64   ILE A CA  1 
ATOM   492  C C   . ILE A 1 64  ? 11.146  2.727   -8.919  1.00 24.11 ? 64   ILE A C   1 
ATOM   493  O O   . ILE A 1 64  ? 11.130  3.123   -7.758  1.00 23.00 ? 64   ILE A O   1 
ATOM   494  C CB  . ILE A 1 64  ? 9.209   3.950   -10.064 1.00 27.26 ? 64   ILE A CB  1 
ATOM   495  C CG1 . ILE A 1 64  ? 8.162   3.793   -11.175 1.00 26.13 ? 64   ILE A CG1 1 
ATOM   496  C CG2 . ILE A 1 64  ? 10.255  4.998   -10.402 1.00 24.41 ? 64   ILE A CG2 1 
ATOM   497  C CD1 . ILE A 1 64  ? 7.582   5.050   -11.759 1.00 41.67 ? 64   ILE A CD1 1 
ATOM   498  N N   . PRO A 1 65  ? 12.270  2.356   -9.549  1.00 24.71 ? 65   PRO A N   1 
ATOM   499  C CA  . PRO A 1 65  ? 13.551  2.378   -8.843  1.00 26.29 ? 65   PRO A CA  1 
ATOM   500  C C   . PRO A 1 65  ? 13.829  3.784   -8.301  1.00 19.78 ? 65   PRO A C   1 
ATOM   501  O O   . PRO A 1 65  ? 13.546  4.759   -9.001  1.00 23.27 ? 65   PRO A O   1 
ATOM   502  C CB  . PRO A 1 65  ? 14.579  2.012   -9.909  1.00 27.15 ? 65   PRO A CB  1 
ATOM   503  C CG  . PRO A 1 65  ? 13.837  1.654   -11.148 1.00 28.30 ? 65   PRO A CG  1 
ATOM   504  C CD  . PRO A 1 65  ? 12.369  1.899   -10.953 1.00 20.30 ? 65   PRO A CD  1 
ATOM   505  N N   . ASN A 1 66  ? 14.362  3.826   -7.088  1.00 22.81 ? 66   ASN A N   1 
ATOM   506  C CA  . ASN A 1 66  ? 14.665  5.036   -6.359  1.00 26.46 ? 66   ASN A CA  1 
ATOM   507  C C   . ASN A 1 66  ? 13.452  5.934   -6.204  1.00 35.22 ? 66   ASN A C   1 
ATOM   508  O O   . ASN A 1 66  ? 13.576  7.152   -6.247  1.00 21.71 ? 66   ASN A O   1 
ATOM   509  C CB  . ASN A 1 66  ? 15.740  5.842   -7.105  1.00 30.45 ? 66   ASN A CB  1 
ATOM   510  C CG  . ASN A 1 66  ? 16.898  4.889   -7.385  1.00 36.62 ? 66   ASN A CG  1 
ATOM   511  O OD1 . ASN A 1 66  ? 17.630  4.602   -6.443  1.00 33.49 ? 66   ASN A OD1 1 
ATOM   512  N ND2 . ASN A 1 66  ? 16.953  4.453   -8.634  1.00 26.56 ? 66   ASN A ND2 1 
ATOM   513  N N   . PHE A 1 67  ? 12.295  5.310   -6.059  1.00 31.59 ? 67   PHE A N   1 
ATOM   514  C CA  . PHE A 1 67  ? 11.072  6.081   -5.815  1.00 30.59 ? 67   PHE A CA  1 
ATOM   515  C C   . PHE A 1 67  ? 10.185  5.240   -4.896  1.00 37.54 ? 67   PHE A C   1 
ATOM   516  O O   . PHE A 1 67  ? 10.120  5.479   -3.686  1.00 29.76 ? 67   PHE A O   1 
ATOM   517  C CB  . PHE A 1 67  ? 10.380  6.432   -7.112  1.00 30.12 ? 67   PHE A CB  1 
ATOM   518  C CG  . PHE A 1 67  ? 9.193   7.376   -7.031  1.00 35.63 ? 67   PHE A CG  1 
ATOM   519  C CD1 . PHE A 1 67  ? 8.841   8.070   -5.886  1.00 37.94 ? 67   PHE A CD1 1 
ATOM   520  C CD2 . PHE A 1 67  ? 8.426   7.564   -8.168  1.00 33.57 ? 67   PHE A CD2 1 
ATOM   521  C CE1 . PHE A 1 67  ? 7.756   8.926   -5.846  1.00 27.55 ? 67   PHE A CE1 1 
ATOM   522  C CE2 . PHE A 1 67  ? 7.344   8.422   -8.153  1.00 35.75 ? 67   PHE A CE2 1 
ATOM   523  C CZ  . PHE A 1 67  ? 7.011   9.092   -6.994  1.00 27.84 ? 67   PHE A CZ  1 
ATOM   524  N N   . MET A 1 68  ? 9.482   4.240   -5.442  1.00 31.52 ? 68   MET A N   1 
ATOM   525  C CA  . MET A 1 68  ? 8.537   3.600   -4.512  1.00 29.05 ? 68   MET A CA  1 
ATOM   526  C C   . MET A 1 68  ? 7.980   2.334   -5.141  1.00 28.36 ? 68   MET A C   1 
ATOM   527  O O   . MET A 1 68  ? 8.169   2.168   -6.349  1.00 25.65 ? 68   MET A O   1 
ATOM   528  C CB  . MET A 1 68  ? 7.405   4.570   -4.161  1.00 18.18 ? 68   MET A CB  1 
ATOM   529  C CG  . MET A 1 68  ? 6.717   5.157   -5.378  1.00 29.64 ? 68   MET A CG  1 
ATOM   530  S SD  . MET A 1 68  ? 5.411   4.141   -6.074  1.00 37.92 ? 68   MET A SD  1 
ATOM   531  C CE  . MET A 1 68  ? 5.326   4.765   -7.748  1.00 35.02 ? 68   MET A CE  1 
ATOM   532  N N   . ILE A 1 69  ? 7.348   1.530   -4.296  1.00 24.60 ? 69   ILE A N   1 
ATOM   533  C CA  . ILE A 1 69  ? 6.684   0.312   -4.776  1.00 20.30 ? 69   ILE A CA  1 
ATOM   534  C C   . ILE A 1 69  ? 5.192   0.495   -4.585  1.00 30.01 ? 69   ILE A C   1 
ATOM   535  O O   . ILE A 1 69  ? 4.782   0.965   -3.518  1.00 27.09 ? 69   ILE A O   1 
ATOM   536  C CB  . ILE A 1 69  ? 7.240   -0.944  -4.075  1.00 26.32 ? 69   ILE A CB  1 
ATOM   537  C CG1 . ILE A 1 69  ? 6.945   -1.078  -2.579  1.00 28.73 ? 69   ILE A CG1 1 
ATOM   538  C CG2 . ILE A 1 69  ? 8.749   -1.041  -4.294  1.00 22.41 ? 69   ILE A CG2 1 
ATOM   539  C CD1 . ILE A 1 69  ? 7.236   -2.454  -1.991  1.00 23.70 ? 69   ILE A CD1 1 
ATOM   540  N N   . GLN A 1 70  ? 4.369   0.160   -5.582  1.00 24.80 ? 70   GLN A N   1 
ATOM   541  C CA  . GLN A 1 70  ? 2.940   0.473   -5.466  1.00 19.01 ? 70   GLN A CA  1 
ATOM   542  C C   . GLN A 1 70  ? 2.054   -0.735  -5.742  1.00 23.23 ? 70   GLN A C   1 
ATOM   543  O O   . GLN A 1 70  ? 2.258   -1.397  -6.768  1.00 23.21 ? 70   GLN A O   1 
ATOM   544  C CB  . GLN A 1 70  ? 2.595   1.577   -6.460  1.00 21.23 ? 70   GLN A CB  1 
ATOM   545  C CG  . GLN A 1 70  ? 1.190   2.166   -6.367  1.00 24.60 ? 70   GLN A CG  1 
ATOM   546  C CD  . GLN A 1 70  ? 1.065   3.324   -7.365  1.00 27.29 ? 70   GLN A CD  1 
ATOM   547  O OE1 . GLN A 1 70  ? 0.106   3.253   -8.267  1.00 21.25 ? 70   GLN A OE1 1 
ATOM   548  N NE2 . GLN A 1 70  ? 1.843   4.279   -7.310  1.00 39.27 ? 70   GLN A NE2 1 
ATOM   549  N N   . GLY A 1 71  ? 1.106   -0.993  -4.852  1.00 24.43 ? 71   GLY A N   1 
ATOM   550  C CA  . GLY A 1 71  ? 0.133   -2.055  -4.959  1.00 19.51 ? 71   GLY A CA  1 
ATOM   551  C C   . GLY A 1 71  ? -1.283  -1.692  -4.593  1.00 25.22 ? 71   GLY A C   1 
ATOM   552  O O   . GLY A 1 71  ? -1.685  -0.519  -4.502  1.00 25.72 ? 71   GLY A O   1 
ATOM   553  N N   . GLY A 1 72  ? -2.108  -2.718  -4.367  1.00 23.12 ? 72   GLY A N   1 
ATOM   554  C CA  . GLY A 1 72  ? -3.454  -2.468  -3.850  1.00 24.48 ? 72   GLY A CA  1 
ATOM   555  C C   . GLY A 1 72  ? -4.540  -2.580  -4.892  1.00 30.63 ? 72   GLY A C   1 
ATOM   556  O O   . GLY A 1 72  ? -5.734  -2.429  -4.577  1.00 27.45 ? 72   GLY A O   1 
ATOM   557  N N   . ASP A 1 73  ? -4.165  -2.850  -6.147  1.00 27.42 ? 73   ASP A N   1 
ATOM   558  C CA  . ASP A 1 73  ? -5.205  -2.976  -7.174  1.00 27.98 ? 73   ASP A CA  1 
ATOM   559  C C   . ASP A 1 73  ? -5.641  -4.433  -7.250  1.00 30.30 ? 73   ASP A C   1 
ATOM   560  O O   . ASP A 1 73  ? -5.179  -5.167  -8.123  1.00 27.63 ? 73   ASP A O   1 
ATOM   561  C CB  . ASP A 1 73  ? -4.777  -2.505  -8.559  1.00 23.85 ? 73   ASP A CB  1 
ATOM   562  C CG  . ASP A 1 73  ? -5.938  -2.490  -9.540  1.00 31.25 ? 73   ASP A CG  1 
ATOM   563  O OD1 . ASP A 1 73  ? -7.033  -2.985  -9.198  1.00 24.06 ? 73   ASP A OD1 1 
ATOM   564  O OD2 . ASP A 1 73  ? -5.746  -1.995  -10.671 1.00 27.15 ? 73   ASP A OD2 1 
ATOM   565  N N   . PHE A 1 74  ? -6.539  -4.804  -6.338  1.00 22.94 ? 74   PHE A N   1 
ATOM   566  C CA  . PHE A 1 74  ? -7.032  -6.177  -6.307  1.00 23.14 ? 74   PHE A CA  1 
ATOM   567  C C   . PHE A 1 74  ? -8.282  -6.339  -7.168  1.00 31.04 ? 74   PHE A C   1 
ATOM   568  O O   . PHE A 1 74  ? -8.855  -7.430  -7.165  1.00 34.96 ? 74   PHE A O   1 
ATOM   569  C CB  . PHE A 1 74  ? -7.311  -6.643  -4.884  1.00 26.17 ? 74   PHE A CB  1 
ATOM   570  C CG  . PHE A 1 74  ? -8.076  -5.646  -4.029  1.00 28.46 ? 74   PHE A CG  1 
ATOM   571  C CD1 . PHE A 1 74  ? -9.443  -5.464  -4.209  1.00 25.98 ? 74   PHE A CD1 1 
ATOM   572  C CD2 . PHE A 1 74  ? -7.418  -4.909  -3.060  1.00 23.97 ? 74   PHE A CD2 1 
ATOM   573  C CE1 . PHE A 1 74  ? -10.134 -4.552  -3.434  1.00 26.83 ? 74   PHE A CE1 1 
ATOM   574  C CE2 . PHE A 1 74  ? -8.110  -4.001  -2.280  1.00 28.54 ? 74   PHE A CE2 1 
ATOM   575  C CZ  . PHE A 1 74  ? -9.472  -3.814  -2.464  1.00 29.36 ? 74   PHE A CZ  1 
ATOM   576  N N   . THR A 1 75  ? -8.713  -5.302  -7.885  1.00 29.04 ? 75   THR A N   1 
ATOM   577  C CA  . THR A 1 75  ? -9.831  -5.560  -8.809  1.00 28.79 ? 75   THR A CA  1 
ATOM   578  C C   . THR A 1 75  ? -9.332  -5.575  -10.249 1.00 37.62 ? 75   THR A C   1 
ATOM   579  O O   . THR A 1 75  ? -9.761  -6.398  -11.063 1.00 52.19 ? 75   THR A O   1 
ATOM   580  C CB  . THR A 1 75  ? -10.990 -4.558  -8.676  1.00 23.79 ? 75   THR A CB  1 
ATOM   581  O OG1 . THR A 1 75  ? -10.612 -3.261  -9.151  1.00 28.58 ? 75   THR A OG1 1 
ATOM   582  C CG2 . THR A 1 75  ? -11.360 -4.421  -7.200  1.00 27.88 ? 75   THR A CG2 1 
ATOM   583  N N   . ARG A 1 76  ? -8.407  -4.690  -10.606 1.00 36.85 ? 76   ARG A N   1 
ATOM   584  C CA  . ARG A 1 76  ? -7.975  -4.683  -12.007 1.00 42.01 ? 76   ARG A CA  1 
ATOM   585  C C   . ARG A 1 76  ? -6.545  -5.171  -12.147 1.00 44.56 ? 76   ARG A C   1 
ATOM   586  O O   . ARG A 1 76  ? -6.114  -5.605  -13.214 1.00 52.21 ? 76   ARG A O   1 
ATOM   587  C CB  . ARG A 1 76  ? -8.110  -3.274  -12.596 1.00 36.91 ? 76   ARG A CB  1 
ATOM   588  C CG  . ARG A 1 76  ? -8.754  -3.284  -13.971 1.00 65.01 ? 76   ARG A CG  1 
ATOM   589  C CD  . ARG A 1 76  ? -10.268 -3.356  -13.898 1.00 82.68 ? 76   ARG A CD  1 
ATOM   590  N NE  . ARG A 1 76  ? -10.783 -3.252  -12.539 1.00 98.23 ? 76   ARG A NE  1 
ATOM   591  C CZ  . ARG A 1 76  ? -11.787 -2.464  -12.162 1.00 93.19 ? 76   ARG A CZ  1 
ATOM   592  N NH1 . ARG A 1 76  ? -12.376 -1.705  -13.080 1.00 94.79 ? 76   ARG A NH1 1 
ATOM   593  N NH2 . ARG A 1 76  ? -12.199 -2.430  -10.894 1.00 57.50 ? 76   ARG A NH2 1 
ATOM   594  N N   . GLY A 1 77  ? -5.793  -5.074  -11.055 1.00 31.21 ? 77   GLY A N   1 
ATOM   595  C CA  . GLY A 1 77  ? -4.432  -5.570  -11.036 1.00 28.88 ? 77   GLY A CA  1 
ATOM   596  C C   . GLY A 1 77  ? -3.501  -4.695  -11.838 1.00 37.09 ? 77   GLY A C   1 
ATOM   597  O O   . GLY A 1 77  ? -2.373  -5.081  -12.159 1.00 38.24 ? 77   GLY A O   1 
ATOM   598  N N   . ASN A 1 78  ? -3.960  -3.480  -12.183 1.00 35.11 ? 78   ASN A N   1 
ATOM   599  C CA  . ASN A 1 78  ? -3.088  -2.793  -13.145 1.00 36.13 ? 78   ASN A CA  1 
ATOM   600  C C   . ASN A 1 78  ? -3.000  -1.308  -12.920 1.00 31.06 ? 78   ASN A C   1 
ATOM   601  O O   . ASN A 1 78  ? -2.470  -0.553  -13.734 1.00 34.80 ? 78   ASN A O   1 
ATOM   602  C CB  . ASN A 1 78  ? -3.618  -3.074  -14.558 1.00 50.02 ? 78   ASN A CB  1 
ATOM   603  C CG  . ASN A 1 78  ? -5.026  -2.543  -14.762 1.00 48.10 ? 78   ASN A CG  1 
ATOM   604  O OD1 . ASN A 1 78  ? -5.628  -1.952  -13.866 1.00 49.41 ? 78   ASN A OD1 1 
ATOM   605  N ND2 . ASN A 1 78  ? -5.556  -2.763  -15.965 1.00 55.31 ? 78   ASN A ND2 1 
ATOM   606  N N   . GLY A 1 79  ? -3.535  -0.851  -11.790 1.00 23.28 ? 79   GLY A N   1 
ATOM   607  C CA  . GLY A 1 79  ? -3.506  0.586   -11.560 1.00 27.95 ? 79   GLY A CA  1 
ATOM   608  C C   . GLY A 1 79  ? -4.830  1.240   -11.878 1.00 29.04 ? 79   GLY A C   1 
ATOM   609  O O   . GLY A 1 79  ? -5.135  2.348   -11.432 1.00 37.97 ? 79   GLY A O   1 
ATOM   610  N N   . THR A 1 80  ? -5.659  0.531   -12.665 1.00 30.05 ? 80   THR A N   1 
ATOM   611  C CA  . THR A 1 80  ? -6.964  1.154   -12.894 1.00 36.09 ? 80   THR A CA  1 
ATOM   612  C C   . THR A 1 80  ? -7.956  0.789   -11.804 1.00 42.48 ? 80   THR A C   1 
ATOM   613  O O   . THR A 1 80  ? -9.012  1.424   -11.759 1.00 47.34 ? 80   THR A O   1 
ATOM   614  C CB  . THR A 1 80  ? -7.564  0.754   -14.259 1.00 34.32 ? 80   THR A CB  1 
ATOM   615  O OG1 . THR A 1 80  ? -7.940  -0.633  -14.311 1.00 34.96 ? 80   THR A OG1 1 
ATOM   616  C CG2 . THR A 1 80  ? -6.508  0.998   -15.338 1.00 46.25 ? 80   THR A CG2 1 
ATOM   617  N N   . GLY A 1 81  ? -7.668  -0.206  -10.965 1.00 33.69 ? 81   GLY A N   1 
ATOM   618  C CA  . GLY A 1 81  ? -8.689  -0.714  -10.076 1.00 33.00 ? 81   GLY A CA  1 
ATOM   619  C C   . GLY A 1 81  ? -8.529  -0.360  -8.620  1.00 30.36 ? 81   GLY A C   1 
ATOM   620  O O   . GLY A 1 81  ? -8.010  0.682   -8.237  1.00 29.78 ? 81   GLY A O   1 
ATOM   621  N N   . GLY A 1 82  ? -8.998  -1.265  -7.751  1.00 35.77 ? 82   GLY A N   1 
ATOM   622  C CA  . GLY A 1 82  ? -8.923  -0.972  -6.316  1.00 27.56 ? 82   GLY A CA  1 
ATOM   623  C C   . GLY A 1 82  ? -10.262 -0.442  -5.827  1.00 33.29 ? 82   GLY A C   1 
ATOM   624  O O   . GLY A 1 82  ? -11.037 0.099   -6.615  1.00 27.21 ? 82   GLY A O   1 
ATOM   625  N N   . GLU A 1 83  ? -10.508 -0.629  -4.535  1.00 28.84 ? 83   GLU A N   1 
ATOM   626  C CA  . GLU A 1 83  ? -11.767 -0.261  -3.895  1.00 25.35 ? 83   GLU A CA  1 
ATOM   627  C C   . GLU A 1 83  ? -11.521 -0.176  -2.398  1.00 23.95 ? 83   GLU A C   1 
ATOM   628  O O   . GLU A 1 83  ? -10.980 -1.110  -1.804  1.00 27.22 ? 83   GLU A O   1 
ATOM   629  C CB  . GLU A 1 83  ? -12.885 -1.267  -4.193  1.00 27.19 ? 83   GLU A CB  1 
ATOM   630  C CG  . GLU A 1 83  ? -14.215 -0.952  -3.526  1.00 35.19 ? 83   GLU A CG  1 
ATOM   631  C CD  . GLU A 1 83  ? -15.284 -2.012  -3.706  1.00 32.78 ? 83   GLU A CD  1 
ATOM   632  O OE1 . GLU A 1 83  ? -15.146 -2.902  -4.566  1.00 29.85 ? 83   GLU A OE1 1 
ATOM   633  O OE2 . GLU A 1 83  ? -16.311 -1.997  -2.988  1.00 31.59 ? 83   GLU A OE2 1 
ATOM   634  N N   . SER A 1 84  ? -11.916 0.958   -1.832  1.00 22.03 ? 84   SER A N   1 
ATOM   635  C CA  . SER A 1 84  ? -11.834 1.117   -0.399  1.00 19.31 ? 84   SER A CA  1 
ATOM   636  C C   . SER A 1 84  ? -12.946 0.319   0.256   1.00 18.79 ? 84   SER A C   1 
ATOM   637  O O   . SER A 1 84  ? -13.922 -0.067  -0.390  1.00 22.15 ? 84   SER A O   1 
ATOM   638  C CB  . SER A 1 84  ? -12.027 2.595   0.002   1.00 22.19 ? 84   SER A CB  1 
ATOM   639  O OG  . SER A 1 84  ? -13.404 2.908   -0.128  1.00 33.04 ? 84   SER A OG  1 
ATOM   640  N N   . ILE A 1 85  ? -12.801 0.128   1.557   1.00 19.85 ? 85   ILE A N   1 
ATOM   641  C CA  . ILE A 1 85  ? -13.873 -0.562  2.275   1.00 29.12 ? 85   ILE A CA  1 
ATOM   642  C C   . ILE A 1 85  ? -15.099 0.342   2.313   1.00 37.10 ? 85   ILE A C   1 
ATOM   643  O O   . ILE A 1 85  ? -16.219 -0.131  2.507   1.00 35.58 ? 85   ILE A O   1 
ATOM   644  C CB  . ILE A 1 85  ? -13.482 -0.955  3.706   1.00 26.08 ? 85   ILE A CB  1 
ATOM   645  C CG1 . ILE A 1 85  ? -13.188 0.187   4.684   1.00 22.39 ? 85   ILE A CG1 1 
ATOM   646  C CG2 . ILE A 1 85  ? -12.299 -1.918  3.657   1.00 23.50 ? 85   ILE A CG2 1 
ATOM   647  C CD1 . ILE A 1 85  ? -13.100 -0.293  6.130   1.00 18.90 ? 85   ILE A CD1 1 
ATOM   648  N N   . TYR A 1 86  ? -14.864 1.646   2.129   1.00 29.52 ? 86   TYR A N   1 
ATOM   649  C CA  . TYR A 1 86  ? -16.021 2.545   2.155   1.00 31.76 ? 86   TYR A CA  1 
ATOM   650  C C   . TYR A 1 86  ? -16.798 2.498   0.860   1.00 35.70 ? 86   TYR A C   1 
ATOM   651  O O   . TYR A 1 86  ? -17.888 3.071   0.805   1.00 37.04 ? 86   TYR A O   1 
ATOM   652  C CB  . TYR A 1 86  ? -15.595 3.980   2.505   1.00 26.08 ? 86   TYR A CB  1 
ATOM   653  C CG  . TYR A 1 86  ? -14.696 3.920   3.729   1.00 22.10 ? 86   TYR A CG  1 
ATOM   654  C CD1 . TYR A 1 86  ? -15.195 3.392   4.915   1.00 23.85 ? 86   TYR A CD1 1 
ATOM   655  C CD2 . TYR A 1 86  ? -13.386 4.361   3.693   1.00 22.18 ? 86   TYR A CD2 1 
ATOM   656  C CE1 . TYR A 1 86  ? -14.400 3.326   6.040   1.00 27.00 ? 86   TYR A CE1 1 
ATOM   657  C CE2 . TYR A 1 86  ? -12.576 4.299   4.816   1.00 21.10 ? 86   TYR A CE2 1 
ATOM   658  C CZ  . TYR A 1 86  ? -13.092 3.776   5.981   1.00 24.93 ? 86   TYR A CZ  1 
ATOM   659  O OH  . TYR A 1 86  ? -12.304 3.706   7.104   1.00 25.30 ? 86   TYR A OH  1 
ATOM   660  N N   . GLY A 1 87  ? -16.324 1.823   -0.194  1.00 36.00 ? 87   GLY A N   1 
ATOM   661  C CA  . GLY A 1 87  ? -17.243 1.743   -1.316  1.00 50.81 ? 87   GLY A CA  1 
ATOM   662  C C   . GLY A 1 87  ? -16.767 2.189   -2.670  1.00 64.86 ? 87   GLY A C   1 
ATOM   663  O O   . GLY A 1 87  ? -17.474 1.859   -3.636  1.00 92.67 ? 87   GLY A O   1 
ATOM   664  N N   . GLU A 1 88  ? -15.647 2.885   -2.777  1.00 68.73 ? 88   GLU A N   1 
ATOM   665  C CA  . GLU A 1 88  ? -14.965 3.164   -4.030  1.00 77.59 ? 88   GLU A CA  1 
ATOM   666  C C   . GLU A 1 88  ? -13.885 4.252   -3.897  1.00 67.69 ? 88   GLU A C   1 
ATOM   667  O O   . GLU A 1 88  ? -12.752 3.873   -4.224  1.00 43.65 ? 88   GLU A O   1 
ATOM   668  C CB  . GLU A 1 88  ? -15.900 3.579   -5.173  1.00 92.69 ? 88   GLU A CB  1 
ATOM   669  C CG  . GLU A 1 88  ? -15.372 3.177   -6.546  1.00 91.52 ? 88   GLU A CG  1 
ATOM   670  C CD  . GLU A 1 88  ? -15.961 4.014   -7.664  1.00 91.44 ? 88   GLU A CD  1 
ATOM   671  O OE1 . GLU A 1 88  ? -17.170 3.862   -7.944  1.00 97.72 ? 88   GLU A OE1 1 
ATOM   672  O OE2 . GLU A 1 88  ? -15.212 4.820   -8.256  1.00 90.96 ? 88   GLU A OE2 1 
ATOM   673  N N   . LYS A 1 89  ? -14.263 5.461   -3.480  1.00 43.28 ? 89   LYS A N   1 
ATOM   674  C CA  . LYS A 1 89  ? -13.351 6.568   -3.225  1.00 42.16 ? 89   LYS A CA  1 
ATOM   675  C C   . LYS A 1 89  ? -13.822 7.366   -2.007  1.00 42.50 ? 89   LYS A C   1 
ATOM   676  O O   . LYS A 1 89  ? -15.015 7.547   -1.772  1.00 45.46 ? 89   LYS A O   1 
ATOM   677  C CB  . LYS A 1 89  ? -13.194 7.541   -4.397  1.00 39.93 ? 89   LYS A CB  1 
ATOM   678  C CG  . LYS A 1 89  ? -12.813 6.869   -5.707  1.00 56.25 ? 89   LYS A CG  1 
ATOM   679  C CD  . LYS A 1 89  ? -11.349 6.459   -5.707  1.00 73.02 ? 89   LYS A CD  1 
ATOM   680  C CE  . LYS A 1 89  ? -11.065 5.384   -6.745  1.00 75.91 ? 89   LYS A CE  1 
ATOM   681  N NZ  . LYS A 1 89  ? -10.821 4.057   -6.103  1.00 71.78 ? 89   LYS A NZ  1 
ATOM   682  N N   . PHE A 1 90  ? -12.838 7.827   -1.252  1.00 34.19 ? 90   PHE A N   1 
ATOM   683  C CA  . PHE A 1 90  ? -13.066 8.644   -0.067  1.00 33.61 ? 90   PHE A CA  1 
ATOM   684  C C   . PHE A 1 90  ? -12.063 9.794   -0.068  1.00 30.65 ? 90   PHE A C   1 
ATOM   685  O O   . PHE A 1 90  ? -10.986 9.732   -0.672  1.00 31.66 ? 90   PHE A O   1 
ATOM   686  C CB  . PHE A 1 90  ? -13.012 7.820   1.213   1.00 37.21 ? 90   PHE A CB  1 
ATOM   687  C CG  . PHE A 1 90  ? -11.700 7.215   1.662   1.00 35.18 ? 90   PHE A CG  1 
ATOM   688  C CD1 . PHE A 1 90  ? -11.236 6.037   1.078   1.00 26.48 ? 90   PHE A CD1 1 
ATOM   689  C CD2 . PHE A 1 90  ? -10.965 7.828   2.667   1.00 26.91 ? 90   PHE A CD2 1 
ATOM   690  C CE1 . PHE A 1 90  ? -10.034 5.504   1.508   1.00 22.05 ? 90   PHE A CE1 1 
ATOM   691  C CE2 . PHE A 1 90  ? -9.767  7.293   3.094   1.00 24.19 ? 90   PHE A CE2 1 
ATOM   692  C CZ  . PHE A 1 90  ? -9.321  6.108   2.523   1.00 26.20 ? 90   PHE A CZ  1 
ATOM   693  N N   . PRO A 1 91  ? -12.459 10.873  0.583   1.00 40.01 ? 91   PRO A N   1 
ATOM   694  C CA  . PRO A 1 91  ? -11.663 12.107  0.566   1.00 31.06 ? 91   PRO A CA  1 
ATOM   695  C C   . PRO A 1 91  ? -10.341 11.969  1.300   1.00 34.90 ? 91   PRO A C   1 
ATOM   696  O O   . PRO A 1 91  ? -10.131 11.075  2.125   1.00 30.26 ? 91   PRO A O   1 
ATOM   697  C CB  . PRO A 1 91  ? -12.555 13.102  1.320   1.00 37.49 ? 91   PRO A CB  1 
ATOM   698  C CG  . PRO A 1 91  ? -13.935 12.525  1.210   1.00 43.33 ? 91   PRO A CG  1 
ATOM   699  C CD  . PRO A 1 91  ? -13.710 11.035  1.353   1.00 45.35 ? 91   PRO A CD  1 
ATOM   700  N N   . ASP A 1 92  ? -9.445  12.901  0.955   1.00 27.04 ? 92   ASP A N   1 
ATOM   701  C CA  . ASP A 1 92  ? -8.180  13.000  1.661   1.00 25.10 ? 92   ASP A CA  1 
ATOM   702  C C   . ASP A 1 92  ? -8.480  13.392  3.100   1.00 34.47 ? 92   ASP A C   1 
ATOM   703  O O   . ASP A 1 92  ? -9.083  14.450  3.287   1.00 35.85 ? 92   ASP A O   1 
ATOM   704  C CB  . ASP A 1 92  ? -7.243  14.020  1.014   1.00 28.77 ? 92   ASP A CB  1 
ATOM   705  C CG  . ASP A 1 92  ? -6.970  13.645  -0.427  1.00 35.59 ? 92   ASP A CG  1 
ATOM   706  O OD1 . ASP A 1 92  ? -6.625  12.472  -0.694  1.00 30.70 ? 92   ASP A OD1 1 
ATOM   707  O OD2 . ASP A 1 92  ? -7.132  14.540  -1.281  1.00 37.13 ? 92   ASP A OD2 1 
ATOM   708  N N   . GLU A 1 93  ? -8.091  12.542  4.041   1.00 36.95 ? 93   GLU A N   1 
ATOM   709  C CA  . GLU A 1 93  ? -8.443  12.744  5.447   1.00 27.94 ? 93   GLU A CA  1 
ATOM   710  C C   . GLU A 1 93  ? -7.654  13.916  6.014   1.00 38.44 ? 93   GLU A C   1 
ATOM   711  O O   . GLU A 1 93  ? -8.230  14.883  6.516   1.00 39.72 ? 93   GLU A O   1 
ATOM   712  C CB  . GLU A 1 93  ? -8.213  11.470  6.237   1.00 23.98 ? 93   GLU A CB  1 
ATOM   713  C CG  . GLU A 1 93  ? -8.746  11.473  7.675   1.00 30.64 ? 93   GLU A CG  1 
ATOM   714  C CD  . GLU A 1 93  ? -8.596  10.093  8.287   1.00 30.67 ? 93   GLU A CD  1 
ATOM   715  O OE1 . GLU A 1 93  ? -8.007  9.202   7.629   1.00 30.30 ? 93   GLU A OE1 1 
ATOM   716  O OE2 . GLU A 1 93  ? -9.019  9.815   9.421   1.00 31.46 ? 93   GLU A OE2 1 
ATOM   717  N N   . ASN A 1 94  ? -6.329  13.849  5.933   1.00 41.71 ? 94   ASN A N   1 
ATOM   718  C CA  . ASN A 1 94  ? -5.499  15.011  6.221   1.00 39.77 ? 94   ASN A CA  1 
ATOM   719  C C   . ASN A 1 94  ? -4.090  14.824  5.656   1.00 42.05 ? 94   ASN A C   1 
ATOM   720  O O   . ASN A 1 94  ? -3.715  13.754  5.194   1.00 30.14 ? 94   ASN A O   1 
ATOM   721  C CB  . ASN A 1 94  ? -5.429  15.318  7.708   1.00 36.09 ? 94   ASN A CB  1 
ATOM   722  C CG  . ASN A 1 94  ? -4.761  14.244  8.542   1.00 41.33 ? 94   ASN A CG  1 
ATOM   723  O OD1 . ASN A 1 94  ? -3.554  13.993  8.477   1.00 37.61 ? 94   ASN A OD1 1 
ATOM   724  N ND2 . ASN A 1 94  ? -5.583  13.597  9.374   1.00 34.91 ? 94   ASN A ND2 1 
ATOM   725  N N   . PHE A 1 95  ? -3.290  15.891  5.694   1.00 30.24 ? 95   PHE A N   1 
ATOM   726  C CA  . PHE A 1 95  ? -1.941  15.762  5.141   1.00 31.11 ? 95   PHE A CA  1 
ATOM   727  C C   . PHE A 1 95  ? -0.982  16.075  6.269   1.00 33.04 ? 95   PHE A C   1 
ATOM   728  O O   . PHE A 1 95  ? 0.080   16.654  6.096   1.00 39.72 ? 95   PHE A O   1 
ATOM   729  C CB  . PHE A 1 95  ? -1.727  16.672  3.940   1.00 32.45 ? 95   PHE A CB  1 
ATOM   730  C CG  . PHE A 1 95  ? -2.597  16.332  2.749   1.00 31.40 ? 95   PHE A CG  1 
ATOM   731  C CD1 . PHE A 1 95  ? -2.373  15.165  2.033   1.00 27.60 ? 95   PHE A CD1 1 
ATOM   732  C CD2 . PHE A 1 95  ? -3.627  17.159  2.337   1.00 35.29 ? 95   PHE A CD2 1 
ATOM   733  C CE1 . PHE A 1 95  ? -3.152  14.833  0.948   1.00 24.15 ? 95   PHE A CE1 1 
ATOM   734  C CE2 . PHE A 1 95  ? -4.423  16.833  1.249   1.00 32.04 ? 95   PHE A CE2 1 
ATOM   735  C CZ  . PHE A 1 95  ? -4.188  15.660  0.552   1.00 31.98 ? 95   PHE A CZ  1 
ATOM   736  N N   . LYS A 1 96  ? -1.428  15.661  7.454   1.00 27.27 ? 96   LYS A N   1 
ATOM   737  C CA  . LYS A 1 96  ? -0.608  15.923  8.627   1.00 33.14 ? 96   LYS A CA  1 
ATOM   738  C C   . LYS A 1 96  ? 0.714   15.172  8.578   1.00 44.58 ? 96   LYS A C   1 
ATOM   739  O O   . LYS A 1 96  ? 1.770   15.707  8.960   1.00 46.96 ? 96   LYS A O   1 
ATOM   740  C CB  . LYS A 1 96  ? -1.447  15.571  9.859   1.00 43.64 ? 96   LYS A CB  1 
ATOM   741  C CG  . LYS A 1 96  ? -0.786  15.820  11.195  1.00 63.11 ? 96   LYS A CG  1 
ATOM   742  C CD  . LYS A 1 96  ? -0.060  14.603  11.735  1.00 75.65 ? 96   LYS A CD  1 
ATOM   743  C CE  . LYS A 1 96  ? 1.052   14.919  12.718  1.00 70.16 ? 96   LYS A CE  1 
ATOM   744  N NZ  . LYS A 1 96  ? 1.597   13.683  13.356  1.00 61.35 ? 96   LYS A NZ  1 
ATOM   745  N N   . GLU A 1 97  ? 0.750   13.917  8.121   1.00 34.69 ? 97   GLU A N   1 
ATOM   746  C CA  . GLU A 1 97  ? 2.022   13.203  8.074   1.00 30.19 ? 97   GLU A CA  1 
ATOM   747  C C   . GLU A 1 97  ? 2.760   13.469  6.764   1.00 26.36 ? 97   GLU A C   1 
ATOM   748  O O   . GLU A 1 97  ? 2.165   13.681  5.714   1.00 25.42 ? 97   GLU A O   1 
ATOM   749  C CB  . GLU A 1 97  ? 1.836   11.694  8.266   1.00 25.89 ? 97   GLU A CB  1 
ATOM   750  C CG  . GLU A 1 97  ? 1.556   11.314  9.720   1.00 26.65 ? 97   GLU A CG  1 
ATOM   751  C CD  . GLU A 1 97  ? 2.754   11.535  10.614  1.00 35.32 ? 97   GLU A CD  1 
ATOM   752  O OE1 . GLU A 1 97  ? 3.897   11.356  10.141  1.00 43.67 ? 97   GLU A OE1 1 
ATOM   753  O OE2 . GLU A 1 97  ? 2.565   11.884  11.792  1.00 47.45 ? 97   GLU A OE2 1 
ATOM   754  N N   . LYS A 1 98  ? 4.100   13.472  6.799   1.00 28.80 ? 98   LYS A N   1 
ATOM   755  C CA  . LYS A 1 98  ? 4.817   13.766  5.564   1.00 27.30 ? 98   LYS A CA  1 
ATOM   756  C C   . LYS A 1 98  ? 5.636   12.579  5.049   1.00 28.10 ? 98   LYS A C   1 
ATOM   757  O O   . LYS A 1 98  ? 5.839   11.577  5.731   1.00 30.84 ? 98   LYS A O   1 
ATOM   758  C CB  . LYS A 1 98  ? 5.772   14.956  5.746   1.00 34.07 ? 98   LYS A CB  1 
ATOM   759  C CG  . LYS A 1 98  ? 5.125   16.182  6.376   1.00 44.13 ? 98   LYS A CG  1 
ATOM   760  C CD  . LYS A 1 98  ? 4.581   17.123  5.309   1.00 63.75 ? 98   LYS A CD  1 
ATOM   761  C CE  . LYS A 1 98  ? 3.868   18.316  5.930   1.00 76.48 ? 98   LYS A CE  1 
ATOM   762  N NZ  . LYS A 1 98  ? 2.519   17.943  6.448   1.00 82.27 ? 98   LYS A NZ  1 
ATOM   763  N N   . HIS A 1 99  ? 6.105   12.765  3.824   1.00 28.23 ? 99   HIS A N   1 
ATOM   764  C CA  . HIS A 1 99  ? 6.906   11.798  3.086   1.00 26.85 ? 99   HIS A CA  1 
ATOM   765  C C   . HIS A 1 99  ? 8.365   12.121  3.373   1.00 28.64 ? 99   HIS A C   1 
ATOM   766  O O   . HIS A 1 99  ? 8.999   12.895  2.658   1.00 35.09 ? 99   HIS A O   1 
ATOM   767  C CB  . HIS A 1 99  ? 6.608   11.895  1.597   1.00 23.87 ? 99   HIS A CB  1 
ATOM   768  C CG  . HIS A 1 99  ? 5.222   11.596  1.135   1.00 25.07 ? 99   HIS A CG  1 
ATOM   769  N ND1 . HIS A 1 99  ? 4.250   12.564  1.013   1.00 26.66 ? 99   HIS A ND1 1 
ATOM   770  C CD2 . HIS A 1 99  ? 4.632   10.437  0.732   1.00 21.18 ? 99   HIS A CD2 1 
ATOM   771  C CE1 . HIS A 1 99  ? 3.123   12.028  0.568   1.00 25.69 ? 99   HIS A CE1 1 
ATOM   772  N NE2 . HIS A 1 99  ? 3.328   10.730  0.396   1.00 29.41 ? 99   HIS A NE2 1 
ATOM   773  N N   . THR A 1 100 ? 8.861   11.545  4.447   1.00 26.69 ? 100  THR A N   1 
ATOM   774  C CA  . THR A 1 100 ? 10.160  11.929  4.969   1.00 30.80 ? 100  THR A CA  1 
ATOM   775  C C   . THR A 1 100 ? 11.294  10.980  4.663   1.00 36.94 ? 100  THR A C   1 
ATOM   776  O O   . THR A 1 100 ? 12.440  11.215  5.069   1.00 37.17 ? 100  THR A O   1 
ATOM   777  C CB  . THR A 1 100 ? 9.976   12.030  6.501   1.00 33.90 ? 100  THR A CB  1 
ATOM   778  O OG1 . THR A 1 100 ? 9.482   10.769  6.963   1.00 45.59 ? 100  THR A OG1 1 
ATOM   779  C CG2 . THR A 1 100 ? 8.932   13.082  6.843   1.00 32.73 ? 100  THR A CG2 1 
ATOM   780  N N   . GLY A 1 101 ? 11.086  9.863   3.973   1.00 34.90 ? 101  GLY A N   1 
ATOM   781  C CA  . GLY A 1 101 ? 12.194  8.913   3.859   1.00 28.28 ? 101  GLY A CA  1 
ATOM   782  C C   . GLY A 1 101 ? 11.658  7.547   3.475   1.00 33.65 ? 101  GLY A C   1 
ATOM   783  O O   . GLY A 1 101 ? 10.452  7.316   3.398   1.00 30.56 ? 101  GLY A O   1 
ATOM   784  N N   . PRO A 1 102 ? 12.561  6.610   3.219   1.00 43.69 ? 102  PRO A N   1 
ATOM   785  C CA  . PRO A 1 102 ? 12.178  5.260   2.790   1.00 34.60 ? 102  PRO A CA  1 
ATOM   786  C C   . PRO A 1 102 ? 11.267  4.611   3.823   1.00 30.99 ? 102  PRO A C   1 
ATOM   787  O O   . PRO A 1 102 ? 11.450  4.915   4.999   1.00 34.29 ? 102  PRO A O   1 
ATOM   788  C CB  . PRO A 1 102 ? 13.505  4.498   2.788   1.00 33.14 ? 102  PRO A CB  1 
ATOM   789  C CG  . PRO A 1 102 ? 14.436  5.334   3.597   1.00 50.25 ? 102  PRO A CG  1 
ATOM   790  C CD  . PRO A 1 102 ? 14.016  6.758   3.353   1.00 46.46 ? 102  PRO A CD  1 
ATOM   791  N N   . GLY A 1 103 ? 10.328  3.741   3.474   1.00 29.90 ? 103  GLY A N   1 
ATOM   792  C CA  . GLY A 1 103 ? 9.549   3.139   4.553   1.00 34.07 ? 103  GLY A CA  1 
ATOM   793  C C   . GLY A 1 103 ? 8.206   3.824   4.706   1.00 34.55 ? 103  GLY A C   1 
ATOM   794  O O   . GLY A 1 103 ? 7.293   3.273   5.305   1.00 28.86 ? 103  GLY A O   1 
ATOM   795  N N   . VAL A 1 104 ? 8.066   5.036   4.171   1.00 33.09 ? 104  VAL A N   1 
ATOM   796  C CA  . VAL A 1 104 ? 6.798   5.744   4.359   1.00 34.44 ? 104  VAL A CA  1 
ATOM   797  C C   . VAL A 1 104 ? 5.687   5.034   3.596   1.00 30.45 ? 104  VAL A C   1 
ATOM   798  O O   . VAL A 1 104 ? 5.910   4.626   2.459   1.00 30.86 ? 104  VAL A O   1 
ATOM   799  C CB  . VAL A 1 104 ? 6.919   7.205   3.901   1.00 26.92 ? 104  VAL A CB  1 
ATOM   800  C CG1 . VAL A 1 104 ? 5.564   7.788   3.551   1.00 25.39 ? 104  VAL A CG1 1 
ATOM   801  C CG2 . VAL A 1 104 ? 7.597   8.055   4.971   1.00 26.17 ? 104  VAL A CG2 1 
ATOM   802  N N   . LEU A 1 105 ? 4.529   4.902   4.208   1.00 21.63 ? 105  LEU A N   1 
ATOM   803  C CA  . LEU A 1 105 ? 3.334   4.279   3.667   1.00 23.90 ? 105  LEU A CA  1 
ATOM   804  C C   . LEU A 1 105 ? 2.269   5.344   3.411   1.00 25.82 ? 105  LEU A C   1 
ATOM   805  O O   . LEU A 1 105 ? 1.830   6.029   4.340   1.00 29.60 ? 105  LEU A O   1 
ATOM   806  C CB  . LEU A 1 105 ? 2.837   3.203   4.619   1.00 21.66 ? 105  LEU A CB  1 
ATOM   807  C CG  . LEU A 1 105 ? 1.553   2.467   4.229   1.00 28.82 ? 105  LEU A CG  1 
ATOM   808  C CD1 . LEU A 1 105 ? 1.697   1.718   2.912   1.00 25.66 ? 105  LEU A CD1 1 
ATOM   809  C CD2 . LEU A 1 105 ? 1.149   1.533   5.373   1.00 24.92 ? 105  LEU A CD2 1 
ATOM   810  N N   . SER A 1 106 ? 1.894   5.469   2.148   1.00 24.25 ? 106  SER A N   1 
ATOM   811  C CA  . SER A 1 106 ? 1.071   6.551   1.641   1.00 29.47 ? 106  SER A CA  1 
ATOM   812  C C   . SER A 1 106 ? 0.024   6.100   0.644   1.00 25.70 ? 106  SER A C   1 
ATOM   813  O O   . SER A 1 106 ? 0.129   5.057   -0.016  1.00 26.50 ? 106  SER A O   1 
ATOM   814  C CB  . SER A 1 106 ? 2.002   7.602   0.992   1.00 31.95 ? 106  SER A CB  1 
ATOM   815  O OG  . SER A 1 106 ? 1.260   8.783   0.714   1.00 31.48 ? 106  SER A OG  1 
ATOM   816  N N   . MET A 1 107 ? -1.050  6.887   0.487   1.00 25.21 ? 107  MET A N   1 
ATOM   817  C CA  . MET A 1 107 ? -2.089  6.412   -0.434  1.00 26.00 ? 107  MET A CA  1 
ATOM   818  C C   . MET A 1 107 ? -1.823  6.845   -1.873  1.00 31.15 ? 107  MET A C   1 
ATOM   819  O O   . MET A 1 107 ? -1.560  8.022   -2.151  1.00 29.50 ? 107  MET A O   1 
ATOM   820  C CB  . MET A 1 107 ? -3.466  6.926   -0.005  1.00 26.71 ? 107  MET A CB  1 
ATOM   821  C CG  . MET A 1 107 ? -4.010  6.355   1.305   1.00 25.45 ? 107  MET A CG  1 
ATOM   822  S SD  . MET A 1 107 ? -4.475  4.618   1.081   1.00 25.82 ? 107  MET A SD  1 
ATOM   823  C CE  . MET A 1 107 ? -5.875  4.805   -0.014  1.00 21.50 ? 107  MET A CE  1 
ATOM   824  N N   . ALA A 1 108 ? -1.925  5.933   -2.838  1.00 24.21 ? 108  ALA A N   1 
ATOM   825  C CA  . ALA A 1 108 ? -1.866  6.302   -4.249  1.00 27.50 ? 108  ALA A CA  1 
ATOM   826  C C   . ALA A 1 108 ? -3.223  6.912   -4.595  1.00 35.82 ? 108  ALA A C   1 
ATOM   827  O O   . ALA A 1 108 ? -4.187  6.610   -3.872  1.00 24.67 ? 108  ALA A O   1 
ATOM   828  C CB  . ALA A 1 108 ? -1.554  5.123   -5.161  1.00 26.52 ? 108  ALA A CB  1 
ATOM   829  N N   . ASN A 1 109 ? -3.330  7.751   -5.620  1.00 24.88 ? 109  ASN A N   1 
ATOM   830  C CA  . ASN A 1 109 ? -4.656  8.300   -5.920  1.00 25.58 ? 109  ASN A CA  1 
ATOM   831  C C   . ASN A 1 109 ? -4.684  8.763   -7.371  1.00 33.94 ? 109  ASN A C   1 
ATOM   832  O O   . ASN A 1 109 ? -3.706  8.595   -8.097  1.00 32.71 ? 109  ASN A O   1 
ATOM   833  C CB  . ASN A 1 109 ? -5.029  9.410   -4.944  1.00 26.86 ? 109  ASN A CB  1 
ATOM   834  C CG  . ASN A 1 109 ? -4.125  10.610  -4.846  1.00 31.21 ? 109  ASN A CG  1 
ATOM   835  O OD1 . ASN A 1 109 ? -3.702  11.061  -3.762  1.00 33.38 ? 109  ASN A OD1 1 
ATOM   836  N ND2 . ASN A 1 109 ? -3.773  11.225  -5.966  1.00 28.69 ? 109  ASN A ND2 1 
ATOM   837  N N   . ALA A 1 110 ? -5.792  9.382   -7.746  1.00 30.77 ? 110  ALA A N   1 
ATOM   838  C CA  . ALA A 1 110 ? -5.925  9.953   -9.080  1.00 28.75 ? 110  ALA A CA  1 
ATOM   839  C C   . ALA A 1 110 ? -6.288  11.425  -8.974  1.00 28.41 ? 110  ALA A C   1 
ATOM   840  O O   . ALA A 1 110 ? -7.149  11.935  -9.681  1.00 33.81 ? 110  ALA A O   1 
ATOM   841  C CB  . ALA A 1 110 ? -6.995  9.223   -9.855  1.00 32.20 ? 110  ALA A CB  1 
ATOM   842  N N   . GLY A 1 111 ? -5.634  12.121  -8.046  1.00 32.23 ? 111  GLY A N   1 
ATOM   843  C CA  . GLY A 1 111 ? -6.100  13.484  -7.821  1.00 35.00 ? 111  GLY A CA  1 
ATOM   844  C C   . GLY A 1 111 ? -6.739  13.602  -6.444  1.00 39.46 ? 111  GLY A C   1 
ATOM   845  O O   . GLY A 1 111 ? -6.891  12.616  -5.711  1.00 30.10 ? 111  GLY A O   1 
ATOM   846  N N   . PRO A 1 112 ? -7.097  14.839  -6.115  1.00 32.74 ? 112  PRO A N   1 
ATOM   847  C CA  . PRO A 1 112 ? -7.694  15.131  -4.807  1.00 31.00 ? 112  PRO A CA  1 
ATOM   848  C C   . PRO A 1 112 ? -8.905  14.267  -4.505  1.00 26.47 ? 112  PRO A C   1 
ATOM   849  O O   . PRO A 1 112 ? -9.772  13.985  -5.333  1.00 32.59 ? 112  PRO A O   1 
ATOM   850  C CB  . PRO A 1 112 ? -8.112  16.596  -4.979  1.00 37.07 ? 112  PRO A CB  1 
ATOM   851  C CG  . PRO A 1 112 ? -7.082  17.143  -5.923  1.00 31.95 ? 112  PRO A CG  1 
ATOM   852  C CD  . PRO A 1 112 ? -6.953  16.043  -6.960  1.00 30.73 ? 112  PRO A CD  1 
ATOM   853  N N   . ASN A 1 113 ? -8.962  13.803  -3.253  1.00 31.12 ? 113  ASN A N   1 
ATOM   854  C CA  . ASN A 1 113 ? -10.113 13.028  -2.820  1.00 26.15 ? 113  ASN A CA  1 
ATOM   855  C C   . ASN A 1 113 ? -10.424 11.826  -3.681  1.00 30.84 ? 113  ASN A C   1 
ATOM   856  O O   . ASN A 1 113 ? -11.589 11.638  -4.059  1.00 28.44 ? 113  ASN A O   1 
ATOM   857  C CB  . ASN A 1 113 ? -11.331 13.983  -2.787  1.00 28.00 ? 113  ASN A CB  1 
ATOM   858  C CG  . ASN A 1 113 ? -11.049 15.142  -1.841  1.00 37.04 ? 113  ASN A CG  1 
ATOM   859  O OD1 . ASN A 1 113 ? -10.515 15.027  -0.733  1.00 31.48 ? 113  ASN A OD1 1 
ATOM   860  N ND2 . ASN A 1 113 ? -11.408 16.341  -2.288  1.00 43.69 ? 113  ASN A ND2 1 
ATOM   861  N N   . THR A 1 114 ? -9.438  10.988  -4.003  1.00 30.52 ? 114  THR A N   1 
ATOM   862  C CA  . THR A 1 114 ? -9.763  9.770   -4.749  1.00 27.70 ? 114  THR A CA  1 
ATOM   863  C C   . THR A 1 114 ? -9.126  8.521   -4.156  1.00 30.12 ? 114  THR A C   1 
ATOM   864  O O   . THR A 1 114 ? -8.760  7.617   -4.910  1.00 31.73 ? 114  THR A O   1 
ATOM   865  C CB  . THR A 1 114 ? -9.296  9.878   -6.207  1.00 32.44 ? 114  THR A CB  1 
ATOM   866  O OG1 . THR A 1 114 ? -7.944  10.339  -6.235  1.00 26.48 ? 114  THR A OG1 1 
ATOM   867  C CG2 . THR A 1 114 ? -10.148 10.916  -6.935  1.00 33.70 ? 114  THR A CG2 1 
ATOM   868  N N   . ASN A 1 115 ? -8.998  8.472   -2.830  1.00 26.62 ? 115  ASN A N   1 
ATOM   869  C CA  . ASN A 1 115 ? -8.462  7.267   -2.212  1.00 27.62 ? 115  ASN A CA  1 
ATOM   870  C C   . ASN A 1 115 ? -9.371  6.064   -2.424  1.00 30.65 ? 115  ASN A C   1 
ATOM   871  O O   . ASN A 1 115 ? -10.591 6.146   -2.275  1.00 32.94 ? 115  ASN A O   1 
ATOM   872  C CB  . ASN A 1 115 ? -8.255  7.467   -0.708  1.00 29.88 ? 115  ASN A CB  1 
ATOM   873  C CG  . ASN A 1 115 ? -7.428  8.718   -0.487  1.00 39.84 ? 115  ASN A CG  1 
ATOM   874  O OD1 . ASN A 1 115 ? -6.204  8.663   -0.641  1.00 28.78 ? 115  ASN A OD1 1 
ATOM   875  N ND2 . ASN A 1 115 ? -8.112  9.803   -0.135  1.00 30.55 ? 115  ASN A ND2 1 
ATOM   876  N N   . GLY A 1 116 ? -8.731  4.950   -2.763  1.00 24.64 ? 116  GLY A N   1 
ATOM   877  C CA  . GLY A 1 116 ? -9.391  3.670   -2.960  1.00 22.67 ? 116  GLY A CA  1 
ATOM   878  C C   . GLY A 1 116 ? -8.682  2.641   -2.076  1.00 28.93 ? 116  GLY A C   1 
ATOM   879  O O   . GLY A 1 116 ? -8.709  2.728   -0.854  1.00 22.77 ? 116  GLY A O   1 
ATOM   880  N N   . SER A 1 117 ? -8.034  1.669   -2.695  1.00 28.12 ? 117  SER A N   1 
ATOM   881  C CA  . SER A 1 117 ? -7.224  0.693   -1.984  1.00 25.60 ? 117  SER A CA  1 
ATOM   882  C C   . SER A 1 117 ? -5.772  0.761   -2.431  1.00 25.71 ? 117  SER A C   1 
ATOM   883  O O   . SER A 1 117 ? -4.922  0.092   -1.843  1.00 23.07 ? 117  SER A O   1 
ATOM   884  C CB  . SER A 1 117 ? -7.793  -0.717  -2.216  1.00 18.87 ? 117  SER A CB  1 
ATOM   885  O OG  . SER A 1 117 ? -7.741  -1.016  -3.591  1.00 23.06 ? 117  SER A OG  1 
ATOM   886  N N   . GLN A 1 118 ? -5.453  1.543   -3.472  1.00 20.39 ? 118  GLN A N   1 
ATOM   887  C CA  . GLN A 1 118 ? -4.055  1.568   -3.902  1.00 25.30 ? 118  GLN A CA  1 
ATOM   888  C C   . GLN A 1 118 ? -3.173  2.412   -2.993  1.00 31.77 ? 118  GLN A C   1 
ATOM   889  O O   . GLN A 1 118 ? -3.547  3.496   -2.548  1.00 26.17 ? 118  GLN A O   1 
ATOM   890  C CB  . GLN A 1 118 ? -3.944  2.068   -5.347  1.00 21.72 ? 118  GLN A CB  1 
ATOM   891  C CG  . GLN A 1 118 ? -4.505  1.045   -6.341  1.00 17.81 ? 118  GLN A CG  1 
ATOM   892  C CD  . GLN A 1 118 ? -4.372  1.545   -7.773  1.00 25.58 ? 118  GLN A CD  1 
ATOM   893  O OE1 . GLN A 1 118 ? -3.276  1.958   -8.161  1.00 29.67 ? 118  GLN A OE1 1 
ATOM   894  N NE2 . GLN A 1 118 ? -5.466  1.520   -8.519  1.00 33.24 ? 118  GLN A NE2 1 
ATOM   895  N N   . PHE A 1 119 ? -1.985  1.882   -2.716  1.00 27.38 ? 119  PHE A N   1 
ATOM   896  C CA  . PHE A 1 119 ? -1.032  2.488   -1.807  1.00 25.83 ? 119  PHE A CA  1 
ATOM   897  C C   . PHE A 1 119 ? 0.397   2.359   -2.339  1.00 31.16 ? 119  PHE A C   1 
ATOM   898  O O   . PHE A 1 119 ? 0.643   1.577   -3.251  1.00 24.51 ? 119  PHE A O   1 
ATOM   899  C CB  . PHE A 1 119 ? -1.085  1.826   -0.409  1.00 19.77 ? 119  PHE A CB  1 
ATOM   900  C CG  . PHE A 1 119 ? -0.620  0.368   -0.499  1.00 23.52 ? 119  PHE A CG  1 
ATOM   901  C CD1 . PHE A 1 119 ? -1.520  -0.591  -0.953  1.00 21.23 ? 119  PHE A CD1 1 
ATOM   902  C CD2 . PHE A 1 119 ? 0.657   -0.030  -0.117  1.00 24.64 ? 119  PHE A CD2 1 
ATOM   903  C CE1 . PHE A 1 119 ? -1.138  -1.922  -1.036  1.00 25.30 ? 119  PHE A CE1 1 
ATOM   904  C CE2 . PHE A 1 119 ? 1.038   -1.354  -0.242  1.00 23.30 ? 119  PHE A CE2 1 
ATOM   905  C CZ  . PHE A 1 119 ? 0.142   -2.313  -0.687  1.00 20.58 ? 119  PHE A CZ  1 
ATOM   906  N N   . PHE A 1 120 ? 1.339   3.048   -1.704  1.00 25.09 ? 120  PHE A N   1 
ATOM   907  C CA  . PHE A 1 120 ? 2.744   2.865   -2.068  1.00 21.59 ? 120  PHE A CA  1 
ATOM   908  C C   . PHE A 1 120 ? 3.600   2.916   -0.796  1.00 26.29 ? 120  PHE A C   1 
ATOM   909  O O   . PHE A 1 120 ? 3.251   3.517   0.225   1.00 28.83 ? 120  PHE A O   1 
ATOM   910  C CB  . PHE A 1 120 ? 3.227   3.843   -3.133  1.00 21.41 ? 120  PHE A CB  1 
ATOM   911  C CG  . PHE A 1 120 ? 3.115   5.319   -2.786  1.00 24.95 ? 120  PHE A CG  1 
ATOM   912  C CD1 . PHE A 1 120 ? 1.915   6.001   -2.922  1.00 33.88 ? 120  PHE A CD1 1 
ATOM   913  C CD2 . PHE A 1 120 ? 4.210   6.023   -2.321  1.00 28.20 ? 120  PHE A CD2 1 
ATOM   914  C CE1 . PHE A 1 120 ? 1.809   7.346   -2.614  1.00 32.46 ? 120  PHE A CE1 1 
ATOM   915  C CE2 . PHE A 1 120 ? 4.129   7.376   -2.006  1.00 29.63 ? 120  PHE A CE2 1 
ATOM   916  C CZ  . PHE A 1 120 ? 2.922   8.033   -2.148  1.00 34.18 ? 120  PHE A CZ  1 
ATOM   917  N N   . LEU A 1 121 ? 4.726   2.218   -0.913  1.00 23.58 ? 121  LEU A N   1 
ATOM   918  C CA  . LEU A 1 121 ? 5.807   2.183   0.069   1.00 21.50 ? 121  LEU A CA  1 
ATOM   919  C C   . LEU A 1 121 ? 6.989   2.907   -0.569  1.00 28.98 ? 121  LEU A C   1 
ATOM   920  O O   . LEU A 1 121 ? 7.424   2.507   -1.657  1.00 21.08 ? 121  LEU A O   1 
ATOM   921  C CB  . LEU A 1 121 ? 6.127   0.738   0.425   1.00 20.87 ? 121  LEU A CB  1 
ATOM   922  C CG  . LEU A 1 121 ? 5.016   0.006   1.177   1.00 30.13 ? 121  LEU A CG  1 
ATOM   923  C CD1 . LEU A 1 121 ? 5.241   -1.497  1.169   1.00 38.95 ? 121  LEU A CD1 1 
ATOM   924  C CD2 . LEU A 1 121 ? 4.925   0.517   2.603   1.00 29.66 ? 121  LEU A CD2 1 
ATOM   925  N N   . CYS A 1 122 ? 7.469   3.976   0.040   1.00 24.79 ? 122  CYS A N   1 
ATOM   926  C CA  . CYS A 1 122 ? 8.571   4.782   -0.471  1.00 26.25 ? 122  CYS A CA  1 
ATOM   927  C C   . CYS A 1 122 ? 9.906   4.113   -0.197  1.00 25.19 ? 122  CYS A C   1 
ATOM   928  O O   . CYS A 1 122 ? 10.078  3.491   0.859   1.00 32.82 ? 122  CYS A O   1 
ATOM   929  C CB  . CYS A 1 122 ? 8.563   6.166   0.199   1.00 27.47 ? 122  CYS A CB  1 
ATOM   930  S SG  . CYS A 1 122 ? 7.081   7.128   -0.205  1.00 26.59 ? 122  CYS A SG  1 
ATOM   931  N N   . THR A 1 123 ? 10.819  4.286   -1.144  1.00 29.42 ? 123  THR A N   1 
ATOM   932  C CA  . THR A 1 123 ? 12.166  3.736   -0.994  1.00 34.44 ? 123  THR A CA  1 
ATOM   933  C C   . THR A 1 123 ? 13.139  4.897   -0.844  1.00 40.71 ? 123  THR A C   1 
ATOM   934  O O   . THR A 1 123 ? 14.354  4.785   -0.702  1.00 30.19 ? 123  THR A O   1 
ATOM   935  C CB  . THR A 1 123 ? 12.530  2.836   -2.178  1.00 30.41 ? 123  THR A CB  1 
ATOM   936  O OG1 . THR A 1 123 ? 12.452  3.551   -3.417  1.00 28.04 ? 123  THR A OG1 1 
ATOM   937  C CG2 . THR A 1 123 ? 11.503  1.710   -2.322  1.00 34.04 ? 123  THR A CG2 1 
ATOM   938  N N   . VAL A 1 124 ? 12.538  6.088   -0.885  1.00 33.31 ? 124  VAL A N   1 
ATOM   939  C CA  . VAL A 1 124 ? 13.282  7.324   -0.666  1.00 35.06 ? 124  VAL A CA  1 
ATOM   940  C C   . VAL A 1 124 ? 12.368  8.374   -0.045  1.00 33.72 ? 124  VAL A C   1 
ATOM   941  O O   . VAL A 1 124 ? 11.165  8.118   0.020   1.00 28.11 ? 124  VAL A O   1 
ATOM   942  C CB  . VAL A 1 124 ? 13.814  7.961   -1.966  1.00 35.42 ? 124  VAL A CB  1 
ATOM   943  C CG1 . VAL A 1 124 ? 14.848  7.070   -2.634  1.00 24.75 ? 124  VAL A CG1 1 
ATOM   944  C CG2 . VAL A 1 124 ? 12.650  8.271   -2.898  1.00 26.97 ? 124  VAL A CG2 1 
ATOM   945  N N   . LYS A 1 125 ? 12.950  9.504   0.335   1.00 35.25 ? 125  LYS A N   1 
ATOM   946  C CA  . LYS A 1 125 ? 12.170  10.669  0.749   1.00 30.26 ? 125  LYS A CA  1 
ATOM   947  C C   . LYS A 1 125 ? 11.509  11.297  -0.465  1.00 31.21 ? 125  LYS A C   1 
ATOM   948  O O   . LYS A 1 125 ? 12.189  11.659  -1.433  1.00 29.25 ? 125  LYS A O   1 
ATOM   949  C CB  . LYS A 1 125 ? 13.049  11.709  1.448   1.00 29.83 ? 125  LYS A CB  1 
ATOM   950  C CG  . LYS A 1 125 ? 12.404  13.090  1.468   1.00 34.32 ? 125  LYS A CG  1 
ATOM   951  C CD  . LYS A 1 125 ? 13.153  13.999  2.429   1.00 53.38 ? 125  LYS A CD  1 
ATOM   952  C CE  . LYS A 1 125 ? 12.221  15.034  3.045   1.00 72.32 ? 125  LYS A CE  1 
ATOM   953  N NZ  . LYS A 1 125 ? 10.935  14.416  3.486   1.00 94.77 ? 125  LYS A NZ  1 
ATOM   954  N N   . THR A 1 126 ? 10.183  11.422  -0.471  1.00 27.80 ? 126  THR A N   1 
ATOM   955  C CA  . THR A 1 126 ? 9.493   11.908  -1.662  1.00 22.88 ? 126  THR A CA  1 
ATOM   956  C C   . THR A 1 126 ? 8.727   13.173  -1.286  1.00 37.58 ? 126  THR A C   1 
ATOM   957  O O   . THR A 1 126 ? 7.495   13.200  -1.373  1.00 34.34 ? 126  THR A O   1 
ATOM   958  C CB  . THR A 1 126 ? 8.524   10.888  -2.278  1.00 24.92 ? 126  THR A CB  1 
ATOM   959  O OG1 . THR A 1 126 ? 7.524   10.487  -1.306  1.00 29.08 ? 126  THR A OG1 1 
ATOM   960  C CG2 . THR A 1 126 ? 9.239   9.601   -2.675  1.00 29.41 ? 126  THR A CG2 1 
ATOM   961  N N   . GLU A 1 127 ? 9.441   14.226  -0.891  1.00 31.33 ? 127  GLU A N   1 
ATOM   962  C CA  . GLU A 1 127 ? 8.812   15.409  -0.298  1.00 34.73 ? 127  GLU A CA  1 
ATOM   963  C C   . GLU A 1 127 ? 7.866   16.045  -1.283  1.00 27.06 ? 127  GLU A C   1 
ATOM   964  O O   . GLU A 1 127 ? 6.884   16.735  -1.000  1.00 36.02 ? 127  GLU A O   1 
ATOM   965  C CB  . GLU A 1 127 ? 9.836   16.459  0.177   1.00 32.27 ? 127  GLU A CB  1 
ATOM   966  C CG  . GLU A 1 127 ? 10.562  17.102  -0.997  1.00 48.29 ? 127  GLU A CG  1 
ATOM   967  C CD  . GLU A 1 127 ? 11.687  16.241  -1.539  1.00 60.82 ? 127  GLU A CD  1 
ATOM   968  O OE1 . GLU A 1 127 ? 11.797  15.042  -1.192  1.00 43.97 ? 127  GLU A OE1 1 
ATOM   969  O OE2 . GLU A 1 127 ? 12.494  16.777  -2.331  1.00 75.04 ? 127  GLU A OE2 1 
ATOM   970  N N   . TRP A 1 128 ? 8.113   15.797  -2.568  1.00 23.76 ? 128  TRP A N   1 
ATOM   971  C CA  . TRP A 1 128 ? 7.216   16.445  -3.516  1.00 23.79 ? 128  TRP A CA  1 
ATOM   972  C C   . TRP A 1 128 ? 5.813   15.861  -3.460  1.00 39.12 ? 128  TRP A C   1 
ATOM   973  O O   . TRP A 1 128 ? 4.924   16.350  -4.167  1.00 30.07 ? 128  TRP A O   1 
ATOM   974  C CB  . TRP A 1 128 ? 7.799   16.312  -4.928  1.00 30.41 ? 128  TRP A CB  1 
ATOM   975  C CG  . TRP A 1 128 ? 7.941   14.910  -5.442  1.00 33.97 ? 128  TRP A CG  1 
ATOM   976  C CD1 . TRP A 1 128 ? 7.052   14.176  -6.168  1.00 32.19 ? 128  TRP A CD1 1 
ATOM   977  C CD2 . TRP A 1 128 ? 9.087   14.066  -5.258  1.00 29.88 ? 128  TRP A CD2 1 
ATOM   978  N NE1 . TRP A 1 128 ? 7.564   12.933  -6.445  1.00 30.89 ? 128  TRP A NE1 1 
ATOM   979  C CE2 . TRP A 1 128 ? 8.815   12.843  -5.895  1.00 33.61 ? 128  TRP A CE2 1 
ATOM   980  C CE3 . TRP A 1 128 ? 10.313  14.245  -4.608  1.00 27.03 ? 128  TRP A CE3 1 
ATOM   981  C CZ2 . TRP A 1 128 ? 9.730   11.783  -5.905  1.00 30.71 ? 128  TRP A CZ2 1 
ATOM   982  C CZ3 . TRP A 1 128 ? 11.218  13.196  -4.620  1.00 34.82 ? 128  TRP A CZ3 1 
ATOM   983  C CH2 . TRP A 1 128 ? 10.916  11.990  -5.264  1.00 28.71 ? 128  TRP A CH2 1 
ATOM   984  N N   . LEU A 1 129 ? 5.525   14.825  -2.677  1.00 32.22 ? 129  LEU A N   1 
ATOM   985  C CA  . LEU A 1 129 ? 4.176   14.268  -2.684  1.00 30.06 ? 129  LEU A CA  1 
ATOM   986  C C   . LEU A 1 129 ? 3.386   14.804  -1.493  1.00 28.86 ? 129  LEU A C   1 
ATOM   987  O O   . LEU A 1 129 ? 2.184   14.593  -1.368  1.00 27.71 ? 129  LEU A O   1 
ATOM   988  C CB  . LEU A 1 129 ? 4.249   12.739  -2.630  1.00 26.96 ? 129  LEU A CB  1 
ATOM   989  C CG  . LEU A 1 129 ? 4.880   12.050  -3.850  1.00 22.36 ? 129  LEU A CG  1 
ATOM   990  C CD1 . LEU A 1 129 ? 4.869   10.540  -3.666  1.00 20.92 ? 129  LEU A CD1 1 
ATOM   991  C CD2 . LEU A 1 129 ? 4.146   12.428  -5.118  1.00 22.64 ? 129  LEU A CD2 1 
ATOM   992  N N   . ASP A 1 130 ? 4.083   15.492  -0.610  1.00 23.10 ? 130  ASP A N   1 
ATOM   993  C CA  . ASP A 1 130 ? 3.485   16.087  0.577   1.00 30.79 ? 130  ASP A CA  1 
ATOM   994  C C   . ASP A 1 130 ? 2.301   16.979  0.234   1.00 31.60 ? 130  ASP A C   1 
ATOM   995  O O   . ASP A 1 130 ? 2.430   17.806  -0.664  1.00 27.73 ? 130  ASP A O   1 
ATOM   996  C CB  . ASP A 1 130 ? 4.521   16.923  1.322   1.00 35.28 ? 130  ASP A CB  1 
ATOM   997  C CG  . ASP A 1 130 ? 5.514   16.091  2.105   1.00 45.23 ? 130  ASP A CG  1 
ATOM   998  O OD1 . ASP A 1 130 ? 5.370   14.849  2.118   1.00 32.26 ? 130  ASP A OD1 1 
ATOM   999  O OD2 . ASP A 1 130 ? 6.418   16.707  2.708   1.00 37.20 ? 130  ASP A OD2 1 
ATOM   1000 N N   . GLY A 1 131 ? 1.164   16.857  0.907   1.00 35.02 ? 131  GLY A N   1 
ATOM   1001 C CA  . GLY A 1 131 ? -0.011  17.658  0.596   1.00 27.79 ? 131  GLY A CA  1 
ATOM   1002 C C   . GLY A 1 131 ? -0.791  17.165  -0.600  1.00 33.32 ? 131  GLY A C   1 
ATOM   1003 O O   . GLY A 1 131 ? -1.817  17.736  -0.983  1.00 31.34 ? 131  GLY A O   1 
ATOM   1004 N N   . LYS A 1 132 ? -0.349  16.079  -1.242  1.00 28.64 ? 132  LYS A N   1 
ATOM   1005 C CA  . LYS A 1 132 ? -1.126  15.500  -2.332  1.00 24.67 ? 132  LYS A CA  1 
ATOM   1006 C C   . LYS A 1 132 ? -1.432  14.019  -2.111  1.00 25.98 ? 132  LYS A C   1 
ATOM   1007 O O   . LYS A 1 132 ? -2.364  13.473  -2.682  1.00 28.39 ? 132  LYS A O   1 
ATOM   1008 C CB  . LYS A 1 132 ? -0.372  15.696  -3.650  1.00 34.33 ? 132  LYS A CB  1 
ATOM   1009 C CG  . LYS A 1 132 ? 0.142   17.127  -3.796  1.00 45.69 ? 132  LYS A CG  1 
ATOM   1010 C CD  . LYS A 1 132 ? 1.293   17.165  -4.785  1.00 51.93 ? 132  LYS A CD  1 
ATOM   1011 C CE  . LYS A 1 132 ? 0.893   16.577  -6.132  1.00 55.98 ? 132  LYS A CE  1 
ATOM   1012 N NZ  . LYS A 1 132 ? 0.073   17.520  -6.947  1.00 76.13 ? 132  LYS A NZ  1 
ATOM   1013 N N   . HIS A 1 133 ? -0.690  13.290  -1.307  1.00 27.91 ? 133  HIS A N   1 
ATOM   1014 C CA  . HIS A 1 133 ? -0.977  11.913  -0.971  1.00 31.61 ? 133  HIS A CA  1 
ATOM   1015 C C   . HIS A 1 133 ? -1.035  11.824  0.550   1.00 26.66 ? 133  HIS A C   1 
ATOM   1016 O O   . HIS A 1 133 ? -0.179  12.426  1.187   1.00 25.14 ? 133  HIS A O   1 
ATOM   1017 C CB  . HIS A 1 133 ? 0.074   10.915  -1.495  1.00 23.96 ? 133  HIS A CB  1 
ATOM   1018 C CG  . HIS A 1 133 ? 0.029   10.990  -2.994  1.00 22.18 ? 133  HIS A CG  1 
ATOM   1019 N ND1 . HIS A 1 133 ? -0.666  10.115  -3.787  1.00 25.73 ? 133  HIS A ND1 1 
ATOM   1020 C CD2 . HIS A 1 133 ? 0.578   11.904  -3.827  1.00 21.17 ? 133  HIS A CD2 1 
ATOM   1021 C CE1 . HIS A 1 133 ? -0.540  10.458  -5.061  1.00 26.32 ? 133  HIS A CE1 1 
ATOM   1022 N NE2 . HIS A 1 133 ? 0.219   11.544  -5.091  1.00 23.59 ? 133  HIS A NE2 1 
ATOM   1023 N N   . VAL A 1 134 ? -2.024  11.104  1.055   1.00 27.59 ? 134  VAL A N   1 
ATOM   1024 C CA  . VAL A 1 134 ? -2.165  10.980  2.505   1.00 20.62 ? 134  VAL A CA  1 
ATOM   1025 C C   . VAL A 1 134 ? -1.255  9.892   3.037   1.00 20.67 ? 134  VAL A C   1 
ATOM   1026 O O   . VAL A 1 134 ? -1.425  8.734   2.681   1.00 31.08 ? 134  VAL A O   1 
ATOM   1027 C CB  . VAL A 1 134 ? -3.618  10.655  2.893   1.00 30.35 ? 134  VAL A CB  1 
ATOM   1028 C CG1 . VAL A 1 134 ? -3.696  10.407  4.389   1.00 29.54 ? 134  VAL A CG1 1 
ATOM   1029 C CG2 . VAL A 1 134 ? -4.531  11.788  2.442   1.00 25.98 ? 134  VAL A CG2 1 
ATOM   1030 N N   . VAL A 1 135 ? -0.296  10.270  3.859   1.00 21.50 ? 135  VAL A N   1 
ATOM   1031 C CA  . VAL A 1 135 ? 0.593   9.345   4.531   1.00 24.20 ? 135  VAL A CA  1 
ATOM   1032 C C   . VAL A 1 135 ? -0.117  8.756   5.740   1.00 31.75 ? 135  VAL A C   1 
ATOM   1033 O O   . VAL A 1 135 ? -0.619  9.540   6.550   1.00 24.29 ? 135  VAL A O   1 
ATOM   1034 C CB  . VAL A 1 135 ? 1.854   10.063  5.053   1.00 25.76 ? 135  VAL A CB  1 
ATOM   1035 C CG1 . VAL A 1 135 ? 2.616   9.125   5.974   1.00 21.94 ? 135  VAL A CG1 1 
ATOM   1036 C CG2 . VAL A 1 135 ? 2.703   10.568  3.897   1.00 24.26 ? 135  VAL A CG2 1 
ATOM   1037 N N   . PHE A 1 136 ? -0.175  7.439   5.860   1.00 28.17 ? 136  PHE A N   1 
ATOM   1038 C CA  . PHE A 1 136 ? -0.888  6.882   7.007   1.00 23.35 ? 136  PHE A CA  1 
ATOM   1039 C C   . PHE A 1 136 ? -0.088  5.822   7.730   1.00 23.43 ? 136  PHE A C   1 
ATOM   1040 O O   . PHE A 1 136 ? -0.610  5.058   8.546   1.00 25.10 ? 136  PHE A O   1 
ATOM   1041 C CB  . PHE A 1 136 ? -2.215  6.300   6.503   1.00 24.23 ? 136  PHE A CB  1 
ATOM   1042 C CG  . PHE A 1 136 ? -2.068  5.197   5.463   1.00 32.04 ? 136  PHE A CG  1 
ATOM   1043 C CD1 . PHE A 1 136 ? -1.907  5.518   4.122   1.00 24.84 ? 136  PHE A CD1 1 
ATOM   1044 C CD2 . PHE A 1 136 ? -2.088  3.860   5.827   1.00 27.01 ? 136  PHE A CD2 1 
ATOM   1045 C CE1 . PHE A 1 136 ? -1.784  4.521   3.162   1.00 31.91 ? 136  PHE A CE1 1 
ATOM   1046 C CE2 . PHE A 1 136 ? -1.944  2.866   4.867   1.00 18.67 ? 136  PHE A CE2 1 
ATOM   1047 C CZ  . PHE A 1 136 ? -1.824  3.181   3.523   1.00 24.47 ? 136  PHE A CZ  1 
ATOM   1048 N N   . GLY A 1 137 ? 1.219   5.687   7.456   1.00 23.97 ? 137  GLY A N   1 
ATOM   1049 C CA  . GLY A 1 137 ? 1.945   4.660   8.222   1.00 17.64 ? 137  GLY A CA  1 
ATOM   1050 C C   . GLY A 1 137 ? 3.422   4.593   7.847   1.00 24.65 ? 137  GLY A C   1 
ATOM   1051 O O   . GLY A 1 137 ? 3.968   5.444   7.138   1.00 28.04 ? 137  GLY A O   1 
ATOM   1052 N N   . ARG A 1 138 ? 4.114   3.560   8.336   1.00 23.09 ? 138  ARG A N   1 
ATOM   1053 C CA  . ARG A 1 138 ? 5.513   3.383   7.979   1.00 27.83 ? 138  ARG A CA  1 
ATOM   1054 C C   . ARG A 1 138 ? 5.913   1.922   8.170   1.00 26.23 ? 138  ARG A C   1 
ATOM   1055 O O   . ARG A 1 138 ? 5.309   1.211   8.973   1.00 24.10 ? 138  ARG A O   1 
ATOM   1056 C CB  . ARG A 1 138 ? 6.407   4.290   8.849   1.00 28.27 ? 138  ARG A CB  1 
ATOM   1057 C CG  . ARG A 1 138 ? 6.174   3.889   10.318  1.00 31.67 ? 138  ARG A CG  1 
ATOM   1058 C CD  . ARG A 1 138 ? 7.287   4.384   11.221  1.00 34.09 ? 138  ARG A CD  1 
ATOM   1059 N NE  . ARG A 1 138 ? 6.776   4.718   12.541  1.00 41.91 ? 138  ARG A NE  1 
ATOM   1060 C CZ  . ARG A 1 138 ? 7.383   4.489   13.696  1.00 56.70 ? 138  ARG A CZ  1 
ATOM   1061 N NH1 . ARG A 1 138 ? 8.569   3.897   13.750  1.00 67.16 ? 138  ARG A NH1 1 
ATOM   1062 N NH2 . ARG A 1 138 ? 6.777   4.863   14.820  1.00 53.32 ? 138  ARG A NH2 1 
ATOM   1063 N N   . VAL A 1 139 ? 6.934   1.517   7.420   1.00 25.72 ? 139  VAL A N   1 
ATOM   1064 C CA  . VAL A 1 139 ? 7.491   0.176   7.564   1.00 27.33 ? 139  VAL A CA  1 
ATOM   1065 C C   . VAL A 1 139 ? 8.297   0.099   8.847   1.00 27.84 ? 139  VAL A C   1 
ATOM   1066 O O   . VAL A 1 139 ? 9.088   1.001   9.110   1.00 28.83 ? 139  VAL A O   1 
ATOM   1067 C CB  . VAL A 1 139 ? 8.348   -0.179  6.331   1.00 33.87 ? 139  VAL A CB  1 
ATOM   1068 C CG1 . VAL A 1 139 ? 9.176   -1.430  6.582   1.00 24.88 ? 139  VAL A CG1 1 
ATOM   1069 C CG2 . VAL A 1 139 ? 7.439   -0.343  5.110   1.00 19.09 ? 139  VAL A CG2 1 
ATOM   1070 N N   . VAL A 1 140 ? 8.127   -0.928  9.677   1.00 28.53 ? 140  VAL A N   1 
ATOM   1071 C CA  . VAL A 1 140 ? 8.962   -0.956  10.879  1.00 31.55 ? 140  VAL A CA  1 
ATOM   1072 C C   . VAL A 1 140 ? 9.792   -2.236  10.891  1.00 25.45 ? 140  VAL A C   1 
ATOM   1073 O O   . VAL A 1 140 ? 10.726  -2.316  11.690  1.00 36.59 ? 140  VAL A O   1 
ATOM   1074 C CB  . VAL A 1 140 ? 8.179   -0.801  12.195  1.00 30.70 ? 140  VAL A CB  1 
ATOM   1075 C CG1 . VAL A 1 140 ? 7.571   0.602   12.294  1.00 36.11 ? 140  VAL A CG1 1 
ATOM   1076 C CG2 . VAL A 1 140 ? 7.094   -1.855  12.345  1.00 30.37 ? 140  VAL A CG2 1 
ATOM   1077 N N   . GLU A 1 141 ? 9.493   -3.196  10.025  1.00 27.76 ? 141  GLU A N   1 
ATOM   1078 C CA  . GLU A 1 141 ? 10.333  -4.365  9.804   1.00 26.16 ? 141  GLU A CA  1 
ATOM   1079 C C   . GLU A 1 141 ? 10.270  -4.762  8.333   1.00 28.55 ? 141  GLU A C   1 
ATOM   1080 O O   . GLU A 1 141 ? 9.228   -4.551  7.708   1.00 25.46 ? 141  GLU A O   1 
ATOM   1081 C CB  . GLU A 1 141 ? 9.933   -5.616  10.582  1.00 25.59 ? 141  GLU A CB  1 
ATOM   1082 C CG  . GLU A 1 141 ? 9.795   -5.431  12.086  1.00 42.86 ? 141  GLU A CG  1 
ATOM   1083 C CD  . GLU A 1 141 ? 9.335   -6.732  12.741  1.00 53.64 ? 141  GLU A CD  1 
ATOM   1084 O OE1 . GLU A 1 141 ? 9.742   -7.803  12.235  1.00 50.20 ? 141  GLU A OE1 1 
ATOM   1085 O OE2 . GLU A 1 141 ? 8.579   -6.686  13.734  1.00 72.64 ? 141  GLU A OE2 1 
ATOM   1086 N N   . GLY A 1 142 ? 11.354  -5.356  7.841   1.00 23.98 ? 142  GLY A N   1 
ATOM   1087 C CA  . GLY A 1 142 ? 11.317  -5.847  6.467   1.00 25.50 ? 142  GLY A CA  1 
ATOM   1088 C C   . GLY A 1 142 ? 11.647  -4.804  5.426   1.00 25.37 ? 142  GLY A C   1 
ATOM   1089 O O   . GLY A 1 142 ? 11.320  -5.027  4.266   1.00 23.93 ? 142  GLY A O   1 
ATOM   1090 N N   . LEU A 1 143 ? 12.301  -3.681  5.738   1.00 23.25 ? 143  LEU A N   1 
ATOM   1091 C CA  . LEU A 1 143 ? 12.586  -2.712  4.672   1.00 22.20 ? 143  LEU A CA  1 
ATOM   1092 C C   . LEU A 1 143 ? 13.475  -3.362  3.623   1.00 24.92 ? 143  LEU A C   1 
ATOM   1093 O O   . LEU A 1 143 ? 13.421  -3.013  2.439   1.00 28.57 ? 143  LEU A O   1 
ATOM   1094 C CB  . LEU A 1 143 ? 13.227  -1.440  5.209   1.00 26.00 ? 143  LEU A CB  1 
ATOM   1095 C CG  . LEU A 1 143 ? 13.405  -0.244  4.278   1.00 29.69 ? 143  LEU A CG  1 
ATOM   1096 C CD1 . LEU A 1 143 ? 12.074  0.396   3.911   1.00 26.69 ? 143  LEU A CD1 1 
ATOM   1097 C CD2 . LEU A 1 143 ? 14.314  0.805   4.921   1.00 23.79 ? 143  LEU A CD2 1 
ATOM   1098 N N   . ASP A 1 144 ? 14.267  -4.334  4.049   1.00 28.03 ? 144  ASP A N   1 
ATOM   1099 C CA  . ASP A 1 144 ? 15.065  -5.099  3.082   1.00 26.04 ? 144  ASP A CA  1 
ATOM   1100 C C   . ASP A 1 144 ? 14.150  -5.809  2.106   1.00 27.85 ? 144  ASP A C   1 
ATOM   1101 O O   . ASP A 1 144 ? 14.473  -6.020  0.935   1.00 22.87 ? 144  ASP A O   1 
ATOM   1102 C CB  . ASP A 1 144 ? 15.968  -6.096  3.814   1.00 25.58 ? 144  ASP A CB  1 
ATOM   1103 C CG  . ASP A 1 144 ? 15.235  -7.049  4.725   1.00 25.52 ? 144  ASP A CG  1 
ATOM   1104 O OD1 . ASP A 1 144 ? 14.540  -6.602  5.662   1.00 29.38 ? 144  ASP A OD1 1 
ATOM   1105 O OD2 . ASP A 1 144 ? 15.351  -8.268  4.482   1.00 27.65 ? 144  ASP A OD2 1 
ATOM   1106 N N   . VAL A 1 145 ? 12.964  -6.208  2.571   1.00 20.90 ? 145  VAL A N   1 
ATOM   1107 C CA  . VAL A 1 145 ? 12.055  -6.918  1.643   1.00 23.09 ? 145  VAL A CA  1 
ATOM   1108 C C   . VAL A 1 145 ? 11.522  -5.918  0.620   1.00 21.66 ? 145  VAL A C   1 
ATOM   1109 O O   . VAL A 1 145 ? 11.358  -6.212  -0.556  1.00 18.43 ? 145  VAL A O   1 
ATOM   1110 C CB  . VAL A 1 145 ? 10.919  -7.615  2.397   1.00 18.65 ? 145  VAL A CB  1 
ATOM   1111 C CG1 . VAL A 1 145 ? 9.995   -8.330  1.416   1.00 19.05 ? 145  VAL A CG1 1 
ATOM   1112 C CG2 . VAL A 1 145 ? 11.517  -8.585  3.410   1.00 18.23 ? 145  VAL A CG2 1 
ATOM   1113 N N   . VAL A 1 146 ? 11.318  -4.691  1.117   1.00 27.50 ? 146  VAL A N   1 
ATOM   1114 C CA  . VAL A 1 146 ? 10.932  -3.587  0.241   1.00 25.34 ? 146  VAL A CA  1 
ATOM   1115 C C   . VAL A 1 146 ? 11.967  -3.346  -0.859  1.00 23.73 ? 146  VAL A C   1 
ATOM   1116 O O   . VAL A 1 146 ? 11.553  -3.223  -2.021  1.00 19.95 ? 146  VAL A O   1 
ATOM   1117 C CB  . VAL A 1 146 ? 10.686  -2.303  1.054   1.00 21.20 ? 146  VAL A CB  1 
ATOM   1118 C CG1 . VAL A 1 146 ? 10.441  -1.150  0.103   1.00 22.29 ? 146  VAL A CG1 1 
ATOM   1119 C CG2 . VAL A 1 146 ? 9.491   -2.530  1.985   1.00 18.85 ? 146  VAL A CG2 1 
ATOM   1120 N N   . LYS A 1 147 ? 13.251  -3.284  -0.512  1.00 22.05 ? 147  LYS A N   1 
ATOM   1121 C CA  . LYS A 1 147 ? 14.349  -3.157  -1.475  1.00 23.31 ? 147  LYS A CA  1 
ATOM   1122 C C   . LYS A 1 147 ? 14.380  -4.288  -2.502  1.00 23.87 ? 147  LYS A C   1 
ATOM   1123 O O   . LYS A 1 147 ? 14.643  -4.042  -3.681  1.00 25.82 ? 147  LYS A O   1 
ATOM   1124 C CB  . LYS A 1 147 ? 15.714  -3.127  -0.766  1.00 19.94 ? 147  LYS A CB  1 
ATOM   1125 C CG  . LYS A 1 147 ? 15.890  -1.936  0.160   1.00 22.02 ? 147  LYS A CG  1 
ATOM   1126 C CD  . LYS A 1 147 ? 15.628  -0.607  -0.547  1.00 21.04 ? 147  LYS A CD  1 
ATOM   1127 C CE  . LYS A 1 147 ? 16.681  -0.279  -1.588  1.00 24.68 ? 147  LYS A CE  1 
ATOM   1128 N NZ  . LYS A 1 147 ? 16.530  1.095   -2.155  1.00 28.18 ? 147  LYS A NZ  1 
ATOM   1129 N N   . ALA A 1 148 ? 14.121  -5.521  -2.069  1.00 21.81 ? 148  ALA A N   1 
ATOM   1130 C CA  . ALA A 1 148 ? 14.132  -6.665  -2.964  1.00 23.37 ? 148  ALA A CA  1 
ATOM   1131 C C   . ALA A 1 148 ? 13.032  -6.483  -4.013  1.00 25.66 ? 148  ALA A C   1 
ATOM   1132 O O   . ALA A 1 148 ? 13.208  -6.744  -5.203  1.00 25.29 ? 148  ALA A O   1 
ATOM   1133 C CB  . ALA A 1 148 ? 13.934  -7.997  -2.260  1.00 20.51 ? 148  ALA A CB  1 
ATOM   1134 N N   . VAL A 1 149 ? 11.880  -6.002  -3.544  1.00 24.97 ? 149  VAL A N   1 
ATOM   1135 C CA  . VAL A 1 149 ? 10.803  -5.757  -4.510  1.00 26.26 ? 149  VAL A CA  1 
ATOM   1136 C C   . VAL A 1 149 ? 11.251  -4.625  -5.435  1.00 17.61 ? 149  VAL A C   1 
ATOM   1137 O O   . VAL A 1 149 ? 11.136  -4.720  -6.653  1.00 22.42 ? 149  VAL A O   1 
ATOM   1138 C CB  . VAL A 1 149 ? 9.454   -5.411  -3.849  1.00 25.05 ? 149  VAL A CB  1 
ATOM   1139 C CG1 . VAL A 1 149 ? 8.493   -4.887  -4.914  1.00 21.19 ? 149  VAL A CG1 1 
ATOM   1140 C CG2 . VAL A 1 149 ? 8.871   -6.610  -3.102  1.00 16.72 ? 149  VAL A CG2 1 
ATOM   1141 N N   . GLU A 1 150 ? 11.790  -3.552  -4.866  1.00 19.32 ? 150  GLU A N   1 
ATOM   1142 C CA  . GLU A 1 150 ? 12.253  -2.445  -5.688  1.00 18.69 ? 150  GLU A CA  1 
ATOM   1143 C C   . GLU A 1 150 ? 13.232  -2.857  -6.781  1.00 21.47 ? 150  GLU A C   1 
ATOM   1144 O O   . GLU A 1 150 ? 13.276  -2.271  -7.875  1.00 19.16 ? 150  GLU A O   1 
ATOM   1145 C CB  . GLU A 1 150 ? 12.931  -1.401  -4.783  1.00 22.13 ? 150  GLU A CB  1 
ATOM   1146 C CG  . GLU A 1 150 ? 13.252  -0.097  -5.527  1.00 25.08 ? 150  GLU A CG  1 
ATOM   1147 C CD  . GLU A 1 150 ? 14.018  0.876   -4.646  1.00 22.57 ? 150  GLU A CD  1 
ATOM   1148 O OE1 . GLU A 1 150 ? 14.201  0.625   -3.427  1.00 24.45 ? 150  GLU A OE1 1 
ATOM   1149 O OE2 . GLU A 1 150 ? 14.442  1.916   -5.169  1.00 23.20 ? 150  GLU A OE2 1 
ATOM   1150 N N   . SER A 1 151 ? 14.063  -3.863  -6.545  1.00 22.77 ? 151  SER A N   1 
ATOM   1151 C CA  . SER A 1 151 ? 15.059  -4.224  -7.567  1.00 25.95 ? 151  SER A CA  1 
ATOM   1152 C C   . SER A 1 151 ? 14.397  -4.836  -8.790  1.00 26.50 ? 151  SER A C   1 
ATOM   1153 O O   . SER A 1 151 ? 15.038  -4.963  -9.837  1.00 27.41 ? 151  SER A O   1 
ATOM   1154 C CB  . SER A 1 151 ? 16.142  -5.127  -6.971  1.00 22.21 ? 151  SER A CB  1 
ATOM   1155 O OG  . SER A 1 151 ? 15.737  -6.450  -6.778  1.00 26.16 ? 151  SER A OG  1 
ATOM   1156 N N   . ASN A 1 152 ? 13.121  -5.191  -8.689  1.00 17.94 ? 152  ASN A N   1 
ATOM   1157 C CA  . ASN A 1 152 ? 12.403  -5.764  -9.808  1.00 19.44 ? 152  ASN A CA  1 
ATOM   1158 C C   . ASN A 1 152 ? 11.577  -4.742  -10.581 1.00 19.80 ? 152  ASN A C   1 
ATOM   1159 O O   . ASN A 1 152 ? 10.824  -5.051  -11.505 1.00 21.31 ? 152  ASN A O   1 
ATOM   1160 C CB  . ASN A 1 152 ? 11.487  -6.872  -9.258  1.00 25.18 ? 152  ASN A CB  1 
ATOM   1161 C CG  . ASN A 1 152 ? 12.319  -8.107  -8.932  1.00 28.47 ? 152  ASN A CG  1 
ATOM   1162 O OD1 . ASN A 1 152 ? 12.662  -8.827  -9.865  1.00 26.39 ? 152  ASN A OD1 1 
ATOM   1163 N ND2 . ASN A 1 152 ? 12.622  -8.281  -7.656  1.00 19.94 ? 152  ASN A ND2 1 
ATOM   1164 N N   . GLY A 1 153 ? 11.677  -3.471  -10.235 1.00 19.15 ? 153  GLY A N   1 
ATOM   1165 C CA  . GLY A 1 153 ? 10.924  -2.437  -10.936 1.00 17.64 ? 153  GLY A CA  1 
ATOM   1166 C C   . GLY A 1 153 ? 11.748  -1.917  -12.104 1.00 20.84 ? 153  GLY A C   1 
ATOM   1167 O O   . GLY A 1 153 ? 12.910  -2.268  -12.279 1.00 25.33 ? 153  GLY A O   1 
ATOM   1168 N N   . SER A 1 154 ? 11.131  -1.084  -12.908 1.00 20.72 ? 154  SER A N   1 
ATOM   1169 C CA  . SER A 1 154 ? 11.801  -0.484  -14.061 1.00 26.21 ? 154  SER A CA  1 
ATOM   1170 C C   . SER A 1 154 ? 11.467  1.000   -14.076 1.00 25.62 ? 154  SER A C   1 
ATOM   1171 O O   . SER A 1 154 ? 10.505  1.381   -13.389 1.00 21.07 ? 154  SER A O   1 
ATOM   1172 C CB  . SER A 1 154 ? 11.358  -1.167  -15.345 1.00 29.80 ? 154  SER A CB  1 
ATOM   1173 O OG  . SER A 1 154 ? 9.984   -0.951  -15.628 1.00 22.21 ? 154  SER A OG  1 
ATOM   1174 N N   . GLN A 1 155 ? 12.224  1.796   -14.815 1.00 28.59 ? 155  GLN A N   1 
ATOM   1175 C CA  . GLN A 1 155 ? 11.862  3.205   -14.900 1.00 21.62 ? 155  GLN A CA  1 
ATOM   1176 C C   . GLN A 1 155 ? 10.424  3.335   -15.383 1.00 29.87 ? 155  GLN A C   1 
ATOM   1177 O O   . GLN A 1 155 ? 9.680   4.213   -14.947 1.00 29.47 ? 155  GLN A O   1 
ATOM   1178 C CB  . GLN A 1 155 ? 12.803  3.940   -15.860 1.00 21.92 ? 155  GLN A CB  1 
ATOM   1179 C CG  . GLN A 1 155 ? 14.117  4.327   -15.191 1.00 21.75 ? 155  GLN A CG  1 
ATOM   1180 C CD  . GLN A 1 155 ? 15.107  4.849   -16.231 1.00 21.49 ? 155  GLN A CD  1 
ATOM   1181 O OE1 . GLN A 1 155 ? 16.208  5.286   -15.890 1.00 27.11 ? 155  GLN A OE1 1 
ATOM   1182 N NE2 . GLN A 1 155 ? 14.714  4.785   -17.490 1.00 22.05 ? 155  GLN A NE2 1 
ATOM   1183 N N   . SER A 1 156 ? 10.029  2.430   -16.288 1.00 22.68 ? 156  SER A N   1 
ATOM   1184 C CA  . SER A 1 156 ? 8.691   2.565   -16.844 1.00 21.28 ? 156  SER A CA  1 
ATOM   1185 C C   . SER A 1 156 ? 7.607   2.229   -15.831 1.00 25.96 ? 156  SER A C   1 
ATOM   1186 O O   . SER A 1 156 ? 6.435   2.458   -16.132 1.00 35.62 ? 156  SER A O   1 
ATOM   1187 C CB  . SER A 1 156 ? 8.539   1.633   -18.059 1.00 19.89 ? 156  SER A CB  1 
ATOM   1188 O OG  . SER A 1 156 ? 8.533   0.301   -17.554 1.00 24.29 ? 156  SER A OG  1 
ATOM   1189 N N   . GLY A 1 157 ? 7.963   1.674   -14.673 1.00 27.20 ? 157  GLY A N   1 
ATOM   1190 C CA  . GLY A 1 157 ? 6.983   1.189   -13.713 1.00 23.95 ? 157  GLY A CA  1 
ATOM   1191 C C   . GLY A 1 157 ? 6.699   -0.299  -13.783 1.00 23.04 ? 157  GLY A C   1 
ATOM   1192 O O   . GLY A 1 157 ? 6.269   -0.890  -12.781 1.00 28.35 ? 157  GLY A O   1 
ATOM   1193 N N   . LYS A 1 158 ? 6.899   -0.949  -14.922 1.00 24.32 ? 158  LYS A N   1 
ATOM   1194 C CA  . LYS A 1 158 ? 6.588   -2.372  -15.071 1.00 20.14 ? 158  LYS A CA  1 
ATOM   1195 C C   . LYS A 1 158 ? 7.570   -3.237  -14.305 1.00 24.01 ? 158  LYS A C   1 
ATOM   1196 O O   . LYS A 1 158 ? 8.780   -3.084  -14.484 1.00 29.41 ? 158  LYS A O   1 
ATOM   1197 C CB  . LYS A 1 158 ? 6.628   -2.815  -16.537 1.00 27.54 ? 158  LYS A CB  1 
ATOM   1198 C CG  . LYS A 1 158 ? 5.502   -2.293  -17.410 1.00 46.43 ? 158  LYS A CG  1 
ATOM   1199 C CD  . LYS A 1 158 ? 5.970   -1.328  -18.482 1.00 68.64 ? 158  LYS A CD  1 
ATOM   1200 C CE  . LYS A 1 158 ? 6.695   -1.991  -19.641 1.00 72.35 ? 158  LYS A CE  1 
ATOM   1201 N NZ  . LYS A 1 158 ? 7.991   -1.330  -19.979 1.00 40.59 ? 158  LYS A NZ  1 
ATOM   1202 N N   . PRO A 1 159 ? 7.072   -4.148  -13.484 1.00 24.13 ? 159  PRO A N   1 
ATOM   1203 C CA  . PRO A 1 159 ? 7.949   -5.101  -12.795 1.00 23.87 ? 159  PRO A CA  1 
ATOM   1204 C C   . PRO A 1 159 ? 8.540   -6.124  -13.760 1.00 22.97 ? 159  PRO A C   1 
ATOM   1205 O O   . PRO A 1 159 ? 7.983   -6.525  -14.778 1.00 26.52 ? 159  PRO A O   1 
ATOM   1206 C CB  . PRO A 1 159 ? 7.021   -5.808  -11.805 1.00 26.33 ? 159  PRO A CB  1 
ATOM   1207 C CG  . PRO A 1 159 ? 5.738   -5.054  -11.824 1.00 31.94 ? 159  PRO A CG  1 
ATOM   1208 C CD  . PRO A 1 159 ? 5.653   -4.337  -13.144 1.00 25.76 ? 159  PRO A CD  1 
ATOM   1209 N N   . VAL A 1 160 ? 9.751   -6.557  -13.440 1.00 25.87 ? 160  VAL A N   1 
ATOM   1210 C CA  . VAL A 1 160 ? 10.394  -7.583  -14.246 1.00 23.20 ? 160  VAL A CA  1 
ATOM   1211 C C   . VAL A 1 160 ? 9.885   -8.948  -13.823 1.00 28.06 ? 160  VAL A C   1 
ATOM   1212 O O   . VAL A 1 160 ? 9.908   -9.895  -14.596 1.00 27.27 ? 160  VAL A O   1 
ATOM   1213 C CB  . VAL A 1 160 ? 11.922  -7.534  -14.122 1.00 41.77 ? 160  VAL A CB  1 
ATOM   1214 C CG1 . VAL A 1 160 ? 12.423  -6.117  -14.322 1.00 60.95 ? 160  VAL A CG1 1 
ATOM   1215 C CG2 . VAL A 1 160 ? 12.406  -8.061  -12.784 1.00 38.57 ? 160  VAL A CG2 1 
ATOM   1216 N N   . LYS A 1 161 ? 9.388   -9.092  -12.597 1.00 28.19 ? 161  LYS A N   1 
ATOM   1217 C CA  . LYS A 1 161 ? 8.689   -10.332 -12.261 1.00 32.73 ? 161  LYS A CA  1 
ATOM   1218 C C   . LYS A 1 161 ? 7.561   -10.059 -11.269 1.00 29.07 ? 161  LYS A C   1 
ATOM   1219 O O   . LYS A 1 161 ? 7.545   -8.995  -10.656 1.00 23.79 ? 161  LYS A O   1 
ATOM   1220 C CB  . LYS A 1 161 ? 9.655   -11.369 -11.712 1.00 40.88 ? 161  LYS A CB  1 
ATOM   1221 C CG  . LYS A 1 161 ? 10.584  -10.915 -10.613 1.00 41.18 ? 161  LYS A CG  1 
ATOM   1222 C CD  . LYS A 1 161 ? 11.565  -12.017 -10.231 1.00 44.65 ? 161  LYS A CD  1 
ATOM   1223 C CE  . LYS A 1 161 ? 12.511  -12.380 -11.360 1.00 46.58 ? 161  LYS A CE  1 
ATOM   1224 N NZ  . LYS A 1 161 ? 13.651  -13.199 -10.838 1.00 48.36 ? 161  LYS A NZ  1 
ATOM   1225 N N   . ASP A 1 162 ? 6.635   -10.990 -11.104 1.00 23.43 ? 162  ASP A N   1 
ATOM   1226 C CA  . ASP A 1 162 ? 5.553   -10.810 -10.141 1.00 21.30 ? 162  ASP A CA  1 
ATOM   1227 C C   . ASP A 1 162 ? 6.025   -10.685 -8.709  1.00 20.44 ? 162  ASP A C   1 
ATOM   1228 O O   . ASP A 1 162 ? 6.623   -11.577 -8.113  1.00 21.37 ? 162  ASP A O   1 
ATOM   1229 C CB  . ASP A 1 162 ? 4.566   -11.983 -10.238 1.00 28.58 ? 162  ASP A CB  1 
ATOM   1230 C CG  . ASP A 1 162 ? 3.845   -12.002 -11.574 1.00 42.49 ? 162  ASP A CG  1 
ATOM   1231 O OD1 . ASP A 1 162 ? 3.753   -10.929 -12.212 1.00 41.46 ? 162  ASP A OD1 1 
ATOM   1232 O OD2 . ASP A 1 162 ? 3.377   -13.080 -11.998 1.00 59.25 ? 162  ASP A OD2 1 
ATOM   1233 N N   . CYS A 1 163 ? 5.747   -9.521  -8.103  1.00 22.35 ? 163  CYS A N   1 
ATOM   1234 C CA  . CYS A 1 163 ? 6.005   -9.347  -6.683  1.00 19.24 ? 163  CYS A CA  1 
ATOM   1235 C C   . CYS A 1 163 ? 4.679   -9.402  -5.948  1.00 26.50 ? 163  CYS A C   1 
ATOM   1236 O O   . CYS A 1 163 ? 3.899   -8.445  -6.038  1.00 24.24 ? 163  CYS A O   1 
ATOM   1237 C CB  . CYS A 1 163 ? 6.721   -8.018  -6.428  1.00 21.59 ? 163  CYS A CB  1 
ATOM   1238 S SG  . CYS A 1 163 ? 8.297   -8.001  -7.367  1.00 26.02 ? 163  CYS A SG  1 
ATOM   1239 N N   . MET A 1 164 ? 4.427   -10.513 -5.276  1.00 22.03 ? 164  MET A N   1 
ATOM   1240 C CA  . MET A 1 164 ? 3.069   -10.748 -4.803  1.00 23.40 ? 164  MET A CA  1 
ATOM   1241 C C   . MET A 1 164 ? 2.948   -10.714 -3.292  1.00 25.89 ? 164  MET A C   1 
ATOM   1242 O O   . MET A 1 164 ? 3.837   -11.165 -2.577  1.00 24.88 ? 164  MET A O   1 
ATOM   1243 C CB  . MET A 1 164 ? 2.582   -12.111 -5.348  1.00 29.90 ? 164  MET A CB  1 
ATOM   1244 C CG  . MET A 1 164 ? 1.365   -12.713 -4.661  1.00 42.42 ? 164  MET A CG  1 
ATOM   1245 S SD  . MET A 1 164 ? 0.546   -14.015 -5.643  1.00 40.95 ? 164  MET A SD  1 
ATOM   1246 C CE  . MET A 1 164 ? 1.118   -13.536 -7.272  1.00 29.39 ? 164  MET A CE  1 
ATOM   1247 N N   . ILE A 1 165 ? 1.822   -10.176 -2.828  1.00 19.99 ? 165  ILE A N   1 
ATOM   1248 C CA  . ILE A 1 165 ? 1.462   -10.224 -1.411  1.00 21.06 ? 165  ILE A CA  1 
ATOM   1249 C C   . ILE A 1 165 ? 0.832   -11.587 -1.148  1.00 28.42 ? 165  ILE A C   1 
ATOM   1250 O O   . ILE A 1 165 ? -0.384  -11.750 -1.261  1.00 28.90 ? 165  ILE A O   1 
ATOM   1251 C CB  . ILE A 1 165 ? 0.504   -9.091  -1.032  1.00 29.07 ? 165  ILE A CB  1 
ATOM   1252 C CG1 . ILE A 1 165 ? 1.107   -7.699  -1.252  1.00 26.20 ? 165  ILE A CG1 1 
ATOM   1253 C CG2 . ILE A 1 165 ? 0.029   -9.275  0.402   1.00 24.12 ? 165  ILE A CG2 1 
ATOM   1254 C CD1 . ILE A 1 165 ? 0.213   -6.533  -0.918  1.00 21.29 ? 165  ILE A CD1 1 
ATOM   1255 N N   . ALA A 1 166 ? 1.690   -12.564 -0.837  1.00 22.48 ? 166  ALA A N   1 
ATOM   1256 C CA  . ALA A 1 166 ? 1.245   -13.947 -0.729  1.00 32.45 ? 166  ALA A CA  1 
ATOM   1257 C C   . ALA A 1 166 ? 0.386   -14.162 0.516   1.00 23.36 ? 166  ALA A C   1 
ATOM   1258 O O   . ALA A 1 166 ? -0.502  -15.013 0.501   1.00 31.69 ? 166  ALA A O   1 
ATOM   1259 C CB  . ALA A 1 166 ? 2.420   -14.924 -0.704  1.00 25.51 ? 166  ALA A CB  1 
ATOM   1260 N N   . ASP A 1 167 ? 0.656   -13.398 1.557   1.00 22.59 ? 167  ASP A N   1 
ATOM   1261 C CA  . ASP A 1 167 ? -0.239  -13.420 2.718   1.00 22.94 ? 167  ASP A CA  1 
ATOM   1262 C C   . ASP A 1 167 ? -0.185  -12.045 3.373   1.00 27.29 ? 167  ASP A C   1 
ATOM   1263 O O   . ASP A 1 167 ? 0.740   -11.275 3.105   1.00 23.55 ? 167  ASP A O   1 
ATOM   1264 C CB  . ASP A 1 167 ? 0.143   -14.540 3.663   1.00 21.85 ? 167  ASP A CB  1 
ATOM   1265 C CG  . ASP A 1 167 ? -0.935  -14.910 4.656   1.00 34.24 ? 167  ASP A CG  1 
ATOM   1266 O OD1 . ASP A 1 167 ? -2.076  -14.408 4.608   1.00 23.60 ? 167  ASP A OD1 1 
ATOM   1267 O OD2 . ASP A 1 167 ? -0.623  -15.746 5.531   1.00 38.20 ? 167  ASP A OD2 1 
ATOM   1268 N N   . CYS A 1 168 ? -1.159  -11.733 4.216   1.00 20.55 ? 168  CYS A N   1 
ATOM   1269 C CA  . CYS A 1 168 ? -1.162  -10.458 4.927   1.00 21.41 ? 168  CYS A CA  1 
ATOM   1270 C C   . CYS A 1 168 ? -2.175  -10.552 6.054   1.00 29.58 ? 168  CYS A C   1 
ATOM   1271 O O   . CYS A 1 168 ? -3.011  -11.461 6.093   1.00 25.09 ? 168  CYS A O   1 
ATOM   1272 C CB  . CYS A 1 168 ? -1.532  -9.303  3.978   1.00 20.01 ? 168  CYS A CB  1 
ATOM   1273 S SG  . CYS A 1 168 ? -3.143  -9.596  3.155   1.00 23.37 ? 168  CYS A SG  1 
ATOM   1274 N N   . GLY A 1 169 ? -2.130  -9.600  6.970   1.00 25.70 ? 169  GLY A N   1 
ATOM   1275 C CA  . GLY A 1 169 ? -3.134  -9.672  8.040   1.00 27.67 ? 169  GLY A CA  1 
ATOM   1276 C C   . GLY A 1 169 ? -2.701  -8.662  9.092   1.00 32.58 ? 169  GLY A C   1 
ATOM   1277 O O   . GLY A 1 169 ? -1.800  -7.852  8.834   1.00 26.73 ? 169  GLY A O   1 
ATOM   1278 N N   . GLN A 1 170 ? -3.340  -8.722  10.250  1.00 30.04 ? 170  GLN A N   1 
ATOM   1279 C CA  . GLN A 1 170 ? -3.030  -7.795  11.326  1.00 25.11 ? 170  GLN A CA  1 
ATOM   1280 C C   . GLN A 1 170 ? -2.307  -8.528  12.453  1.00 28.73 ? 170  GLN A C   1 
ATOM   1281 O O   . GLN A 1 170 ? -2.616  -9.680  12.746  1.00 32.59 ? 170  GLN A O   1 
ATOM   1282 C CB  . GLN A 1 170 ? -4.292  -7.118  11.864  1.00 28.22 ? 170  GLN A CB  1 
ATOM   1283 C CG  . GLN A 1 170 ? -4.005  -6.185  13.039  1.00 27.91 ? 170  GLN A CG  1 
ATOM   1284 C CD  . GLN A 1 170 ? -5.265  -5.478  13.506  1.00 30.71 ? 170  GLN A CD  1 
ATOM   1285 O OE1 . GLN A 1 170 ? -6.339  -5.732  12.948  1.00 30.66 ? 170  GLN A OE1 1 
ATOM   1286 N NE2 . GLN A 1 170 ? -5.153  -4.626  14.518  1.00 27.77 ? 170  GLN A NE2 1 
ATOM   1287 N N   . LEU A 1 171 ? -1.341  -7.850  13.075  1.00 30.19 ? 171  LEU A N   1 
ATOM   1288 C CA  . LEU A 1 171 ? -0.646  -8.492  14.187  1.00 29.78 ? 171  LEU A CA  1 
ATOM   1289 C C   . LEU A 1 171 ? -1.293  -8.066  15.494  1.00 33.86 ? 171  LEU A C   1 
ATOM   1290 O O   . LEU A 1 171 ? -1.463  -8.930  16.367  1.00 54.95 ? 171  LEU A O   1 
ATOM   1291 C CB  . LEU A 1 171 ? 0.854   -8.188  14.173  1.00 27.83 ? 171  LEU A CB  1 
ATOM   1292 C CG  . LEU A 1 171 ? 1.571   -8.666  12.900  1.00 34.98 ? 171  LEU A CG  1 
ATOM   1293 C CD1 . LEU A 1 171 ? 2.953   -8.048  12.784  1.00 37.53 ? 171  LEU A CD1 1 
ATOM   1294 C CD2 . LEU A 1 171 ? 1.653   -10.187 12.863  1.00 26.22 ? 171  LEU A CD2 1 
ATOM   1295 N N   . LYS A 1 172 ? -1.680  -6.805  15.653  1.00 43.61 ? 172  LYS A N   1 
ATOM   1296 C CA  . LYS A 1 172 ? -2.248  -6.477  16.987  1.00 88.11 ? 172  LYS A CA  1 
ATOM   1297 C C   . LYS A 1 172 ? -3.166  -5.276  16.995  1.00 93.42 ? 172  LYS A C   1 
ATOM   1298 O O   . LYS A 1 172 ? -2.437  -4.249  17.215  1.00 90.55 ? 172  LYS A O   1 
ATOM   1299 C CB  . LYS A 1 172 ? -1.092  -6.421  18.004  1.00 72.62 ? 172  LYS A CB  1 
ATOM   1300 C CG  . LYS A 1 172 ? -0.896  -7.697  18.810  1.00 78.28 ? 172  LYS A CG  1 
ATOM   1301 C CD  . LYS A 1 172 ? -1.366  -7.567  20.247  1.00 87.50 ? 172  LYS A CD  1 
ATOM   1302 C CE  . LYS A 1 172 ? -2.048  -8.832  20.747  1.00 92.90 ? 172  LYS A CE  1 
ATOM   1303 N NZ  . LYS A 1 172 ? -2.578  -9.669  19.632  1.00 95.12 ? 172  LYS A NZ  1 
ATOM   1304 N N   . ALA A 1 173 ? -2.503  -4.312  15.348  1.00 68.79 ? 173  ALA A N   1 
HETATM 1305 N N   . ALA B 2 .   ? -1.534  7.691   -9.438  0.81 25.57 ? 1001 ALA A N   1 
HETATM 1306 C CA  . ALA B 2 .   ? -0.439  8.532   -9.010  0.81 28.21 ? 1001 ALA A CA  1 
HETATM 1307 C C   . ALA B 2 .   ? -0.126  8.092   -7.598  0.81 33.78 ? 1001 ALA A C   1 
HETATM 1308 O O   . ALA B 2 .   ? -1.037  7.725   -6.854  0.81 23.02 ? 1001 ALA A O   1 
HETATM 1309 C CB  . ALA B 2 .   ? -0.751  10.003  -9.020  0.81 29.85 ? 1001 ALA A CB  1 
HETATM 1310 N N   . PRO C 3 .   ? 1.163   8.093   -7.186  0.81 32.19 ? 1002 PRO A N   1 
HETATM 1311 C CA  . PRO C 3 .   ? 2.322   8.508   -7.993  0.81 33.89 ? 1002 PRO A CA  1 
HETATM 1312 C C   . PRO C 3 .   ? 2.837   7.543   -9.078  0.81 37.97 ? 1002 PRO A C   1 
HETATM 1313 O O   . PRO C 3 .   ? 2.442   6.370   -9.146  0.81 34.43 ? 1002 PRO A O   1 
HETATM 1314 C CB  . PRO C 3 .   ? 3.368   8.647   -6.861  0.81 36.60 ? 1002 PRO A CB  1 
HETATM 1315 C CG  . PRO C 3 .   ? 3.057   7.423   -6.057  0.81 34.77 ? 1002 PRO A CG  1 
HETATM 1316 C CD  . PRO C 3 .   ? 1.567   7.546   -5.897  0.81 34.62 ? 1002 PRO A CD  1 
HETATM 1317 O OXT . PRO C 3 .   ? 3.684   7.892   -9.917  0.81 34.03 ? 1002 PRO A OXT 1 
HETATM 1318 O O   . HOH D 4 .   ? 0.711   6.974   19.229  1.00 58.05 ? 2001 HOH A O   1 
HETATM 1319 O O   . HOH D 4 .   ? 9.371   -2.638  15.935  1.00 46.35 ? 2002 HOH A O   1 
HETATM 1320 O O   . HOH D 4 .   ? 4.163   -19.123 -2.927  1.00 31.19 ? 2003 HOH A O   1 
HETATM 1321 O O   . HOH D 4 .   ? 3.024   9.101   17.907  1.00 47.67 ? 2004 HOH A O   1 
HETATM 1322 O O   . HOH D 4 .   ? 5.334   8.420   14.833  1.00 36.35 ? 2005 HOH A O   1 
HETATM 1323 O O   . HOH D 4 .   ? 1.478   -0.672  17.510  1.00 31.42 ? 2006 HOH A O   1 
HETATM 1324 O O   . HOH D 4 .   ? 3.171   -17.023 2.493   1.00 49.68 ? 2007 HOH A O   1 
HETATM 1325 O O   . HOH D 4 .   ? 5.637   -16.420 7.500   1.00 43.62 ? 2008 HOH A O   1 
HETATM 1326 O O   . HOH D 4 .   ? 5.352   -16.878 1.550   1.00 31.75 ? 2009 HOH A O   1 
HETATM 1327 O O   . HOH D 4 .   ? -5.576  -1.725  16.432  1.00 48.17 ? 2010 HOH A O   1 
HETATM 1328 O O   . HOH D 4 .   ? 3.266   -17.884 -7.049  1.00 39.30 ? 2011 HOH A O   1 
HETATM 1329 O O   . HOH D 4 .   ? 3.733   -14.992 -8.358  1.00 46.15 ? 2012 HOH A O   1 
HETATM 1330 O O   . HOH D 4 .   ? 7.603   -4.493  15.186  1.00 44.03 ? 2013 HOH A O   1 
HETATM 1331 O O   . HOH D 4 .   ? 5.788   -22.188 -3.318  1.00 45.18 ? 2014 HOH A O   1 
HETATM 1332 O O   . HOH D 4 .   ? 16.833  -12.510 1.791   1.00 47.16 ? 2015 HOH A O   1 
HETATM 1333 O O   . HOH D 4 .   ? 13.171  -9.125  9.211   1.00 37.78 ? 2016 HOH A O   1 
HETATM 1334 O O   . HOH D 4 .   ? -6.319  -13.471 -5.587  1.00 34.83 ? 2017 HOH A O   1 
HETATM 1335 O O   . HOH D 4 .   ? 7.357   -14.076 5.499   1.00 25.48 ? 2018 HOH A O   1 
HETATM 1336 O O   . HOH D 4 .   ? 2.276   -16.306 5.681   1.00 32.29 ? 2019 HOH A O   1 
HETATM 1337 O O   . HOH D 4 .   ? -9.073  3.939   15.325  1.00 42.71 ? 2020 HOH A O   1 
HETATM 1338 O O   . HOH D 4 .   ? -10.231 8.362   15.943  1.00 31.21 ? 2021 HOH A O   1 
HETATM 1339 O O   . HOH D 4 .   ? 7.454   -14.789 2.136   1.00 36.48 ? 2022 HOH A O   1 
HETATM 1340 O O   . HOH D 4 .   ? -9.324  12.370  13.765  1.00 28.27 ? 2023 HOH A O   1 
HETATM 1341 O O   . HOH D 4 .   ? -4.032  16.863  11.956  1.00 29.31 ? 2024 HOH A O   1 
HETATM 1342 O O   . HOH D 4 .   ? 2.519   -15.828 -4.304  1.00 34.30 ? 2025 HOH A O   1 
HETATM 1343 O O   . HOH D 4 .   ? 5.623   -13.965 -6.746  1.00 25.57 ? 2026 HOH A O   1 
HETATM 1344 O O   . HOH D 4 .   ? 12.582  -14.687 -7.323  1.00 50.69 ? 2027 HOH A O   1 
HETATM 1345 O O   . HOH D 4 .   ? -5.582  19.913  13.349  1.00 30.32 ? 2028 HOH A O   1 
HETATM 1346 O O   . HOH D 4 .   ? 6.005   -16.261 -10.453 1.00 28.15 ? 2029 HOH A O   1 
HETATM 1347 O O   . HOH D 4 .   ? 8.265   -21.575 -4.654  1.00 44.57 ? 2030 HOH A O   1 
HETATM 1348 O O   . HOH D 4 .   ? 8.973   -21.286 -6.551  1.00 47.66 ? 2031 HOH A O   1 
HETATM 1349 O O   . HOH D 4 .   ? 9.485   7.303   11.270  1.00 31.42 ? 2032 HOH A O   1 
HETATM 1350 O O   . HOH D 4 .   ? 9.496   -20.088 -1.756  1.00 25.14 ? 2033 HOH A O   1 
HETATM 1351 O O   . HOH D 4 .   ? -5.767  -14.720 8.772   1.00 49.38 ? 2034 HOH A O   1 
HETATM 1352 O O   . HOH D 4 .   ? 13.834  -12.345 3.873   1.00 40.27 ? 2035 HOH A O   1 
HETATM 1353 O O   . HOH D 4 .   ? 13.992  -10.497 0.544   1.00 50.88 ? 2036 HOH A O   1 
HETATM 1354 O O   . HOH D 4 .   ? 13.543  -13.253 -3.324  1.00 25.16 ? 2037 HOH A O   1 
HETATM 1355 O O   . HOH D 4 .   ? -12.804 -9.833  11.846  1.00 45.55 ? 2038 HOH A O   1 
HETATM 1356 O O   . HOH D 4 .   ? -11.132 -6.796  14.215  1.00 34.66 ? 2039 HOH A O   1 
HETATM 1357 O O   . HOH D 4 .   ? -12.448 -3.101  14.923  1.00 36.24 ? 2040 HOH A O   1 
HETATM 1358 O O   . HOH D 4 .   ? -22.209 -7.620  -3.204  0.50 44.88 ? 2041 HOH A O   1 
HETATM 1359 O O   . HOH D 4 .   ? 10.533  -9.207  8.399   1.00 26.12 ? 2042 HOH A O   1 
HETATM 1360 O O   . HOH D 4 .   ? 1.971   -14.022 12.137  1.00 49.22 ? 2043 HOH A O   1 
HETATM 1361 O O   . HOH D 4 .   ? 5.641   -10.741 12.368  1.00 36.54 ? 2044 HOH A O   1 
HETATM 1362 O O   . HOH D 4 .   ? 0.987   -15.080 10.201  1.00 49.70 ? 2045 HOH A O   1 
HETATM 1363 O O   . HOH D 4 .   ? 11.167  -11.116 6.869   1.00 30.24 ? 2046 HOH A O   1 
HETATM 1364 O O   . HOH D 4 .   ? -23.592 -1.944  -5.983  1.00 32.08 ? 2047 HOH A O   1 
HETATM 1365 O O   . HOH D 4 .   ? -6.044  -10.091 -6.380  1.00 46.57 ? 2048 HOH A O   1 
HETATM 1366 O O   . HOH D 4 .   ? -7.277  -14.347 -3.670  1.00 38.59 ? 2049 HOH A O   1 
HETATM 1367 O O   . HOH D 4 .   ? 6.907   0.008   15.890  1.00 37.68 ? 2050 HOH A O   1 
HETATM 1368 O O   . HOH D 4 .   ? 3.743   -6.291  -15.836 1.00 53.43 ? 2051 HOH A O   1 
HETATM 1369 O O   . HOH D 4 .   ? -7.792  1.788   15.847  1.00 33.51 ? 2052 HOH A O   1 
HETATM 1370 O O   . HOH D 4 .   ? -7.894  8.431   16.070  1.00 35.63 ? 2053 HOH A O   1 
HETATM 1371 O O   . HOH D 4 .   ? -7.809  1.088   12.324  1.00 42.39 ? 2054 HOH A O   1 
HETATM 1372 O O   . HOH D 4 .   ? -7.851  11.309  15.265  1.00 41.98 ? 2055 HOH A O   1 
HETATM 1373 O O   . HOH D 4 .   ? 0.856   11.630  16.772  1.00 38.94 ? 2056 HOH A O   1 
HETATM 1374 O O   . HOH D 4 .   ? -3.715  13.808  16.257  1.00 51.17 ? 2057 HOH A O   1 
HETATM 1375 O O   . HOH D 4 .   ? -5.685  13.642  13.360  1.00 40.27 ? 2058 HOH A O   1 
HETATM 1376 O O   . HOH D 4 .   ? -0.067  -0.010  -17.647 1.00 51.20 ? 2059 HOH A O   1 
HETATM 1377 O O   . HOH D 4 .   ? -8.924  3.192   12.314  1.00 43.00 ? 2060 HOH A O   1 
HETATM 1378 O O   . HOH D 4 .   ? -6.842  4.659   -6.311  1.00 41.94 ? 2061 HOH A O   1 
HETATM 1379 O O   . HOH D 4 .   ? -16.789 9.551   6.988   1.00 34.23 ? 2062 HOH A O   1 
HETATM 1380 O O   . HOH D 4 .   ? -16.303 7.938   2.790   1.00 31.72 ? 2063 HOH A O   1 
HETATM 1381 O O   . HOH D 4 .   ? -7.588  9.789   2.943   1.00 26.49 ? 2064 HOH A O   1 
HETATM 1382 O O   . HOH D 4 .   ? -6.285  3.469   3.324   1.00 26.90 ? 2065 HOH A O   1 
HETATM 1383 O O   . HOH D 4 .   ? -19.234 6.118   -1.615  1.00 37.84 ? 2066 HOH A O   1 
HETATM 1384 O O   . HOH D 4 .   ? -10.759 -0.418  10.399  1.00 33.46 ? 2067 HOH A O   1 
HETATM 1385 O O   . HOH D 4 .   ? -12.650 12.718  5.800   1.00 27.54 ? 2068 HOH A O   1 
HETATM 1386 O O   . HOH D 4 .   ? -12.377 12.453  11.541  1.00 44.78 ? 2069 HOH A O   1 
HETATM 1387 O O   . HOH D 4 .   ? -5.367  18.744  8.954   1.00 47.93 ? 2070 HOH A O   1 
HETATM 1388 O O   . HOH D 4 .   ? 13.684  7.412   6.673   1.00 42.71 ? 2071 HOH A O   1 
HETATM 1389 O O   . HOH D 4 .   ? 8.510   7.264   8.691   1.00 45.79 ? 2072 HOH A O   1 
HETATM 1390 O O   . HOH D 4 .   ? -6.816  -11.812 8.500   1.00 36.37 ? 2073 HOH A O   1 
HETATM 1391 O O   . HOH D 4 .   ? -9.357  -13.076 5.597   1.00 39.00 ? 2074 HOH A O   1 
HETATM 1392 O O   . HOH D 4 .   ? -8.962  18.019  -11.958 1.00 52.06 ? 2075 HOH A O   1 
HETATM 1393 O O   . HOH D 4 .   ? -12.228 -10.008 1.965   1.00 22.42 ? 2076 HOH A O   1 
HETATM 1394 O O   . HOH D 4 .   ? -15.285 10.053  -6.825  1.00 45.92 ? 2077 HOH A O   1 
HETATM 1395 O O   . HOH D 4 .   ? -15.092 13.699  -2.110  1.00 53.07 ? 2078 HOH A O   1 
HETATM 1396 O O   . HOH D 4 .   ? -14.007 -3.352  9.141   1.00 25.49 ? 2079 HOH A O   1 
HETATM 1397 O O   . HOH D 4 .   ? -12.771 -5.407  13.312  1.00 39.38 ? 2080 HOH A O   1 
HETATM 1398 O O   . HOH D 4 .   ? -10.654 -8.502  11.823  1.00 29.16 ? 2081 HOH A O   1 
HETATM 1399 O O   . HOH D 4 .   ? -10.351 7.416   -9.136  1.00 42.25 ? 2082 HOH A O   1 
HETATM 1400 O O   . HOH D 4 .   ? -17.747 -4.557  2.664   1.00 29.68 ? 2083 HOH A O   1 
HETATM 1401 O O   . HOH D 4 .   ? 17.163  10.413  -2.024  1.00 41.78 ? 2084 HOH A O   1 
HETATM 1402 O O   . HOH D 4 .   ? 16.896  11.838  2.123   1.00 45.83 ? 2085 HOH A O   1 
HETATM 1403 O O   . HOH D 4 .   ? -20.693 -7.103  -4.851  1.00 37.06 ? 2086 HOH A O   1 
HETATM 1404 O O   . HOH D 4 .   ? -22.388 -4.278  -5.699  1.00 43.85 ? 2087 HOH A O   1 
HETATM 1405 O O   . HOH D 4 .   ? -23.131 -2.508  -3.165  1.00 19.44 ? 2088 HOH A O   1 
HETATM 1406 O O   . HOH D 4 .   ? -4.881  20.932  1.684   1.00 38.71 ? 2089 HOH A O   1 
HETATM 1407 O O   . HOH D 4 .   ? -3.369  21.001  3.690   1.00 42.56 ? 2090 HOH A O   1 
HETATM 1408 O O   . HOH D 4 .   ? -3.551  17.544  -9.134  1.00 39.44 ? 2091 HOH A O   1 
HETATM 1409 O O   . HOH D 4 .   ? -6.900  -8.507  -10.422 1.00 41.00 ? 2092 HOH A O   1 
HETATM 1410 O O   . HOH D 4 .   ? -9.007  -10.856 -6.206  1.00 42.44 ? 2093 HOH A O   1 
HETATM 1411 O O   . HOH D 4 .   ? -9.484  -9.345  -4.436  1.00 40.82 ? 2094 HOH A O   1 
HETATM 1412 O O   . HOH D 4 .   ? -11.874 -6.121  3.982   1.00 24.74 ? 2095 HOH A O   1 
HETATM 1413 O O   . HOH D 4 .   ? 4.936   -9.433  16.574  1.00 37.98 ? 2096 HOH A O   1 
HETATM 1414 O O   . HOH D 4 .   ? -9.132  -13.094 -0.003  1.00 44.68 ? 2097 HOH A O   1 
HETATM 1415 O O   . HOH D 4 .   ? -2.973  -18.958 2.643   1.00 45.06 ? 2098 HOH A O   1 
HETATM 1416 O O   . HOH D 4 .   ? -8.128  -11.834 -2.006  1.00 34.05 ? 2099 HOH A O   1 
HETATM 1417 O O   . HOH D 4 .   ? -6.949  -16.721 2.843   1.00 15.84 ? 2100 HOH A O   1 
HETATM 1418 O O   . HOH D 4 .   ? -6.005  -9.517  -3.423  1.00 40.57 ? 2101 HOH A O   1 
HETATM 1419 O O   . HOH D 4 .   ? -2.607  -10.814 -8.308  1.00 35.82 ? 2102 HOH A O   1 
HETATM 1420 O O   . HOH D 4 .   ? -2.818  -14.128 -6.994  1.00 26.00 ? 2103 HOH A O   1 
HETATM 1421 O O   . HOH D 4 .   ? 5.288   4.426   -19.523 1.00 45.93 ? 2104 HOH A O   1 
HETATM 1422 O O   . HOH D 4 .   ? -2.643  -6.721  -8.100  1.00 29.99 ? 2105 HOH A O   1 
HETATM 1423 O O   . HOH D 4 .   ? 1.551   -6.745  -11.749 1.00 34.27 ? 2106 HOH A O   1 
HETATM 1424 O O   . HOH D 4 .   ? -1.883  -4.126  -7.397  1.00 24.43 ? 2107 HOH A O   1 
HETATM 1425 O O   . HOH D 4 .   ? 5.649   -10.766 -15.492 1.00 39.08 ? 2108 HOH A O   1 
HETATM 1426 O O   . HOH D 4 .   ? 4.505   -7.340  -9.484  1.00 25.62 ? 2109 HOH A O   1 
HETATM 1427 O O   . HOH D 4 .   ? 3.063   -0.665  -14.276 1.00 36.90 ? 2110 HOH A O   1 
HETATM 1428 O O   . HOH D 4 .   ? 2.044   -4.673  -13.472 1.00 34.46 ? 2111 HOH A O   1 
HETATM 1429 O O   . HOH D 4 .   ? 9.696   -14.795 -13.204 1.00 47.62 ? 2112 HOH A O   1 
HETATM 1430 O O   . HOH D 4 .   ? 5.689   7.720   -13.881 1.00 45.70 ? 2113 HOH A O   1 
HETATM 1431 O O   . HOH D 4 .   ? 4.967   4.267   -14.471 0.19 35.05 ? 2114 HOH A O   1 
HETATM 1432 O O   . HOH D 4 .   ? 3.496   1.871   -14.474 1.00 31.74 ? 2115 HOH A O   1 
HETATM 1433 O O   . HOH D 4 .   ? 7.046   8.961   -12.500 1.00 40.24 ? 2116 HOH A O   1 
HETATM 1434 O O   . HOH D 4 .   ? -4.663  -16.670 6.957   1.00 45.99 ? 2117 HOH A O   1 
HETATM 1435 O O   . HOH D 4 .   ? -5.150  -8.175  16.530  1.00 40.64 ? 2118 HOH A O   1 
HETATM 1436 O O   . HOH D 4 .   ? -7.029  -10.731 12.488  1.00 37.83 ? 2119 HOH A O   1 
HETATM 1437 O O   . HOH D 4 .   ? -3.195  -12.780 10.564  1.00 27.67 ? 2120 HOH A O   1 
HETATM 1438 O O   . HOH D 4 .   ? 13.537  5.288   -11.757 1.00 23.93 ? 2121 HOH A O   1 
HETATM 1439 O O   . HOH D 4 .   ? 18.442  2.364   -9.097  1.00 37.54 ? 2122 HOH A O   1 
HETATM 1440 O O   . HOH D 4 .   ? 14.963  9.427   -5.825  1.00 30.60 ? 2123 HOH A O   1 
HETATM 1441 O O   . HOH D 4 .   ? -0.549  5.200   -9.975  1.00 44.87 ? 2124 HOH A O   1 
HETATM 1442 O O   . HOH D 4 .   ? -0.912  -5.111  -3.961  1.00 22.67 ? 2125 HOH A O   1 
HETATM 1443 O O   . HOH D 4 .   ? -4.578  -8.565  -8.287  1.00 20.85 ? 2126 HOH A O   1 
HETATM 1444 O O   . HOH D 4 .   ? -13.814 -5.157  -11.570 1.00 46.98 ? 2127 HOH A O   1 
HETATM 1445 O O   . HOH D 4 .   ? -1.186  -6.832  -10.883 1.00 47.98 ? 2128 HOH A O   1 
HETATM 1446 O O   . HOH D 4 .   ? -0.248  -5.253  -13.967 1.00 43.90 ? 2129 HOH A O   1 
HETATM 1447 O O   . HOH D 4 .   ? -2.878  -7.366  -14.826 1.00 49.66 ? 2130 HOH A O   1 
HETATM 1448 O O   . HOH D 4 .   ? 0.359   -0.940  -15.025 1.00 46.81 ? 2131 HOH A O   1 
HETATM 1449 O O   . HOH D 4 .   ? -4.866  5.722   -10.319 1.00 45.99 ? 2132 HOH A O   1 
HETATM 1450 O O   . HOH D 4 .   ? -6.825  5.397   -10.325 1.00 39.38 ? 2133 HOH A O   1 
HETATM 1451 O O   . HOH D 4 .   ? -8.867  3.519   -9.959  1.00 41.13 ? 2134 HOH A O   1 
HETATM 1452 O O   . HOH D 4 .   ? -8.001  2.276   -5.671  1.00 26.53 ? 2135 HOH A O   1 
HETATM 1453 O O   . HOH D 4 .   ? -16.747 -1.363  -0.475  1.00 29.85 ? 2136 HOH A O   1 
HETATM 1454 O O   . HOH D 4 .   ? -20.483 1.766   -1.055  1.00 40.06 ? 2137 HOH A O   1 
HETATM 1455 O O   . HOH D 4 .   ? -17.061 6.913   0.380   1.00 42.79 ? 2138 HOH A O   1 
HETATM 1456 O O   . HOH D 4 .   ? -17.432 5.797   -3.664  1.00 31.96 ? 2139 HOH A O   1 
HETATM 1457 O O   . HOH D 4 .   ? -11.727 10.776  4.285   1.00 41.99 ? 2140 HOH A O   1 
HETATM 1458 O O   . HOH D 4 .   ? -6.972  11.463  -3.070  1.00 23.77 ? 2141 HOH A O   1 
HETATM 1459 O O   . HOH D 4 .   ? -7.423  17.050  -1.156  1.00 37.36 ? 2142 HOH A O   1 
HETATM 1460 O O   . HOH D 4 .   ? -9.967  11.889  10.985  1.00 32.85 ? 2143 HOH A O   1 
HETATM 1461 O O   . HOH D 4 .   ? -8.286  14.795  10.524  1.00 42.30 ? 2144 HOH A O   1 
HETATM 1462 O O   . HOH D 4 .   ? -1.567  12.375  7.465   1.00 26.43 ? 2145 HOH A O   1 
HETATM 1463 O O   . HOH D 4 .   ? -3.940  18.418  6.303   1.00 41.59 ? 2146 HOH A O   1 
HETATM 1464 O O   . HOH D 4 .   ? -0.416  13.120  4.783   1.00 30.66 ? 2147 HOH A O   1 
HETATM 1465 O O   . HOH D 4 .   ? 5.931   9.808   12.402  1.00 34.22 ? 2148 HOH A O   1 
HETATM 1466 O O   . HOH D 4 .   ? 4.065   10.094  13.903  1.00 46.67 ? 2149 HOH A O   1 
HETATM 1467 O O   . HOH D 4 .   ? 5.518   13.703  9.343   1.00 50.68 ? 2150 HOH A O   1 
HETATM 1468 O O   . HOH D 4 .   ? 5.385   10.292  7.925   1.00 32.16 ? 2151 HOH A O   1 
HETATM 1469 O O   . HOH D 4 .   ? 7.960   10.353  9.435   1.00 31.61 ? 2152 HOH A O   1 
HETATM 1470 O O   . HOH D 4 .   ? 10.732  8.651   7.627   1.00 38.12 ? 2153 HOH A O   1 
HETATM 1471 O O   . HOH D 4 .   ? 15.397  10.561  5.214   1.00 41.90 ? 2154 HOH A O   1 
HETATM 1472 O O   . HOH D 4 .   ? 13.167  3.614   7.808   1.00 35.55 ? 2155 HOH A O   1 
HETATM 1473 O O   . HOH D 4 .   ? 9.606   5.359   7.385   1.00 29.02 ? 2156 HOH A O   1 
HETATM 1474 O O   . HOH D 4 .   ? -2.358  13.162  -6.938  1.00 36.99 ? 2157 HOH A O   1 
HETATM 1475 O O   . HOH D 4 .   ? -8.658  14.959  -10.064 1.00 41.24 ? 2158 HOH A O   1 
HETATM 1476 O O   . HOH D 4 .   ? -2.639  13.002  -9.745  1.00 42.84 ? 2159 HOH A O   1 
HETATM 1477 O O   . HOH D 4 .   ? -3.772  15.392  -5.661  1.00 22.55 ? 2160 HOH A O   1 
HETATM 1478 O O   . HOH D 4 .   ? -9.784  15.018  -8.049  1.00 34.15 ? 2161 HOH A O   1 
HETATM 1479 O O   . HOH D 4 .   ? -14.051 11.362  -2.170  1.00 36.59 ? 2162 HOH A O   1 
HETATM 1480 O O   . HOH D 4 .   ? -12.199 16.673  -4.727  1.00 31.37 ? 2163 HOH A O   1 
HETATM 1481 O O   . HOH D 4 .   ? -10.368 16.359  1.641   1.00 30.00 ? 2164 HOH A O   1 
HETATM 1482 O O   . HOH D 4 .   ? -13.494 12.841  -5.954  1.00 44.16 ? 2165 HOH A O   1 
HETATM 1483 O O   . HOH D 4 .   ? -8.161  6.898   -7.074  1.00 40.45 ? 2166 HOH A O   1 
HETATM 1484 O O   . HOH D 4 .   ? -4.305  10.476  -0.791  1.00 28.47 ? 2167 HOH A O   1 
HETATM 1485 O O   . HOH D 4 .   ? -6.074  4.519   -3.621  1.00 26.86 ? 2168 HOH A O   1 
HETATM 1486 O O   . HOH D 4 .   ? -3.390  4.753   -8.651  1.00 29.65 ? 2169 HOH A O   1 
HETATM 1487 O O   . HOH D 4 .   ? 15.774  3.142   0.043   1.00 38.42 ? 2170 HOH A O   1 
HETATM 1488 O O   . HOH D 4 .   ? 9.019   9.355   1.623   1.00 25.15 ? 2171 HOH A O   1 
HETATM 1489 O O   . HOH D 4 .   ? 14.620  11.648  -3.130  1.00 48.07 ? 2172 HOH A O   1 
HETATM 1490 O O   . HOH D 4 .   ? 15.603  9.639   0.541   1.00 38.44 ? 2173 HOH A O   1 
HETATM 1491 O O   . HOH D 4 .   ? 8.630   15.379  3.563   1.00 37.99 ? 2174 HOH A O   1 
HETATM 1492 O O   . HOH D 4 .   ? 11.551  16.131  6.493   1.00 44.64 ? 2175 HOH A O   1 
HETATM 1493 O O   . HOH D 4 .   ? 9.302   16.280  5.890   1.00 39.85 ? 2176 HOH A O   1 
HETATM 1494 O O   . HOH D 4 .   ? 14.587  14.331  -1.327  1.00 43.07 ? 2177 HOH A O   1 
HETATM 1495 O O   . HOH D 4 .   ? 6.055   19.524  -1.353  1.00 41.12 ? 2178 HOH A O   1 
HETATM 1496 O O   . HOH D 4 .   ? 14.464  15.629  -4.521  1.00 44.63 ? 2179 HOH A O   1 
HETATM 1497 O O   . HOH D 4 .   ? 5.991   11.941  -8.108  1.00 46.11 ? 2180 HOH A O   1 
HETATM 1498 O O   . HOH D 4 .   ? 6.768   19.321  2.398   1.00 34.18 ? 2181 HOH A O   1 
HETATM 1499 O O   . HOH D 4 .   ? 1.135   20.728  -2.051  1.00 36.03 ? 2182 HOH A O   1 
HETATM 1500 O O   . HOH D 4 .   ? -4.308  17.496  -2.529  1.00 21.58 ? 2183 HOH A O   1 
HETATM 1501 O O   . HOH D 4 .   ? -2.555  19.858  0.320   1.00 46.40 ? 2184 HOH A O   1 
HETATM 1502 O O   . HOH D 4 .   ? -4.674  14.877  -3.108  1.00 45.43 ? 2185 HOH A O   1 
HETATM 1503 O O   . HOH D 4 .   ? -3.291  18.169  -6.494  1.00 41.45 ? 2186 HOH A O   1 
HETATM 1504 O O   . HOH D 4 .   ? -1.683  19.669  -6.491  1.00 37.39 ? 2187 HOH A O   1 
HETATM 1505 O O   . HOH D 4 .   ? 0.509   13.312  -7.154  1.00 34.40 ? 2188 HOH A O   1 
HETATM 1506 O O   . HOH D 4 .   ? 1.250   14.424  2.769   1.00 36.24 ? 2189 HOH A O   1 
HETATM 1507 O O   . HOH D 4 .   ? 5.569   7.514   7.883   1.00 28.97 ? 2190 HOH A O   1 
HETATM 1508 O O   . HOH D 4 .   ? 11.632  1.493   7.538   1.00 37.73 ? 2191 HOH A O   1 
HETATM 1509 O O   . HOH D 4 .   ? 12.560  0.104   11.877  1.00 46.92 ? 2192 HOH A O   1 
HETATM 1510 O O   . HOH D 4 .   ? 9.189   -9.516  10.396  1.00 41.77 ? 2193 HOH A O   1 
HETATM 1511 O O   . HOH D 4 .   ? 6.569   -9.002  13.563  1.00 30.60 ? 2194 HOH A O   1 
HETATM 1512 O O   . HOH D 4 .   ? 12.449  -8.328  11.773  1.00 27.10 ? 2195 HOH A O   1 
HETATM 1513 O O   . HOH D 4 .   ? 13.258  -2.773  8.359   1.00 29.72 ? 2196 HOH A O   1 
HETATM 1514 O O   . HOH D 4 .   ? 17.241  -6.450  0.156   1.00 26.06 ? 2197 HOH A O   1 
HETATM 1515 O O   . HOH D 4 .   ? 14.207  -10.007 6.153   1.00 44.37 ? 2198 HOH A O   1 
HETATM 1516 O O   . HOH D 4 .   ? 13.937  -6.682  8.547   1.00 39.46 ? 2199 HOH A O   1 
HETATM 1517 O O   . HOH D 4 .   ? 16.017  -9.678  2.593   1.00 40.61 ? 2200 HOH A O   1 
HETATM 1518 O O   . HOH D 4 .   ? 15.599  3.605   -3.382  1.00 25.80 ? 2201 HOH A O   1 
HETATM 1519 O O   . HOH D 4 .   ? 16.648  -8.929  -7.270  1.00 30.97 ? 2202 HOH A O   1 
HETATM 1520 O O   . HOH D 4 .   ? 14.524  -10.111 -6.358  1.00 31.55 ? 2203 HOH A O   1 
HETATM 1521 O O   . HOH D 4 .   ? 6.911   5.414   -14.908 1.00 29.85 ? 2204 HOH A O   1 
HETATM 1522 O O   . HOH D 4 .   ? 14.349  1.152   -15.999 1.00 24.83 ? 2205 HOH A O   1 
HETATM 1523 O O   . HOH D 4 .   ? 5.613   5.420   -17.478 1.00 52.06 ? 2206 HOH A O   1 
HETATM 1524 O O   . HOH D 4 .   ? 6.902   0.000   -21.928 1.00 56.83 ? 2207 HOH A O   1 
HETATM 1525 O O   . HOH D 4 .   ? 8.077   -8.016  -17.024 1.00 22.69 ? 2208 HOH A O   1 
HETATM 1526 O O   . HOH D 4 .   ? 5.387   -7.892  -14.757 1.00 31.47 ? 2209 HOH A O   1 
HETATM 1527 O O   . HOH D 4 .   ? 7.215   -13.686 -12.178 1.00 20.44 ? 2210 HOH A O   1 
HETATM 1528 O O   . HOH D 4 .   ? 3.895   -7.895  -12.074 1.00 33.62 ? 2211 HOH A O   1 
HETATM 1529 O O   . HOH D 4 .   ? -1.791  -15.972 -1.799  1.00 38.71 ? 2212 HOH A O   1 
HETATM 1530 O O   . HOH D 4 .   ? -0.456  -18.448 3.672   1.00 37.53 ? 2213 HOH A O   1 
HETATM 1531 O O   . HOH D 4 .   ? -1.175  -15.469 8.299   1.00 23.26 ? 2214 HOH A O   1 
HETATM 1532 O O   . HOH D 4 .   ? -4.377  -15.166 5.562   1.00 27.44 ? 2215 HOH A O   1 
HETATM 1533 O O   . HOH D 4 .   ? -3.044  -14.552 7.230   1.00 42.46 ? 2216 HOH A O   1 
HETATM 1534 O O   . HOH D 4 .   ? -5.450  -12.062 5.787   1.00 25.41 ? 2217 HOH A O   1 
HETATM 1535 O O   . HOH D 4 .   ? -7.692  -3.181  15.510  1.00 43.01 ? 2218 HOH A O   1 
HETATM 1536 O O   . HOH D 4 .   ? -5.255  -10.915 10.269  1.00 32.95 ? 2219 HOH A O   1 
HETATM 1537 O O   . HOH D 4 .   ? -8.071  -7.918  13.563  1.00 50.66 ? 2220 HOH A O   1 
HETATM 1538 O O   . HOH D 4 .   ? -1.462  -12.329 13.719  1.00 38.73 ? 2221 HOH A O   1 
HETATM 1539 O O   . HOH D 4 .   ? -4.592  -10.802 14.628  1.00 39.13 ? 2222 HOH A O   1 
HETATM 1540 O O   . HOH D 4 .   ? 0.523   -11.548 15.952  1.00 31.25 ? 2223 HOH A O   1 
HETATM 1541 O O   . HOH D 4 .   ? -0.961  8.021   -6.364  0.19 38.53 ? 2224 HOH A O   1 
HETATM 1542 O O   . HOH D 4 .   ? -2.942  8.500   -11.786 1.00 44.89 ? 2225 HOH A O   1 
HETATM 1543 O O   . HOH D 4 .   ? 1.592   13.552  -9.576  1.00 38.40 ? 2226 HOH A O   1 
HETATM 1544 O O   . HOH D 4 .   ? 1.743   8.819   -8.728  0.19 51.23 ? 2227 HOH A O   1 
HETATM 1545 O O   . HOH D 4 .   ? 2.047   7.390   -6.040  0.19 36.41 ? 2228 HOH A O   1 
HETATM 1546 O O   . HOH D 4 .   ? 2.071   10.894  -10.830 1.00 27.05 ? 2229 HOH A O   1 
# 
loop_
_pdbx_poly_seq_scheme.asym_id 
_pdbx_poly_seq_scheme.entity_id 
_pdbx_poly_seq_scheme.seq_id 
_pdbx_poly_seq_scheme.mon_id 
_pdbx_poly_seq_scheme.ndb_seq_num 
_pdbx_poly_seq_scheme.pdb_seq_num 
_pdbx_poly_seq_scheme.auth_seq_num 
_pdbx_poly_seq_scheme.pdb_mon_id 
_pdbx_poly_seq_scheme.auth_mon_id 
_pdbx_poly_seq_scheme.pdb_strand_id 
_pdbx_poly_seq_scheme.pdb_ins_code 
_pdbx_poly_seq_scheme.hetero 
A 1 1   MET 1   1   1   MET MET A . n 
A 1 2   SER 2   2   2   SER SER A . n 
A 1 3   ARG 3   3   3   ARG ARG A . n 
A 1 4   SER 4   4   4   SER SER A . n 
A 1 5   LYS 5   5   5   LYS LYS A . n 
A 1 6   VAL 6   6   6   VAL VAL A . n 
A 1 7   PHE 7   7   7   PHE PHE A . n 
A 1 8   PHE 8   8   8   PHE PHE A . n 
A 1 9   ASP 9   9   9   ASP ASP A . n 
A 1 10  ILE 10  10  10  ILE ILE A . n 
A 1 11  THR 11  11  11  THR THR A . n 
A 1 12  ILE 12  12  12  ILE ILE A . n 
A 1 13  GLY 13  13  13  GLY GLY A . n 
A 1 14  GLY 14  14  14  GLY GLY A . n 
A 1 15  LYS 15  15  15  LYS LYS A . n 
A 1 16  ALA 16  16  16  ALA ALA A . n 
A 1 17  SER 17  17  17  SER SER A . n 
A 1 18  GLY 18  18  18  GLY GLY A . n 
A 1 19  ARG 19  19  19  ARG ARG A . n 
A 1 20  ILE 20  20  20  ILE ILE A . n 
A 1 21  VAL 21  21  21  VAL VAL A . n 
A 1 22  MET 22  22  22  MET MET A . n 
A 1 23  GLU 23  23  23  GLU GLU A . n 
A 1 24  LEU 24  24  24  LEU LEU A . n 
A 1 25  TYR 25  25  25  TYR TYR A . n 
A 1 26  ASP 26  26  26  ASP ASP A . n 
A 1 27  ASP 27  27  27  ASP ASP A . n 
A 1 28  VAL 28  28  28  VAL VAL A . n 
A 1 29  VAL 29  29  29  VAL VAL A . n 
A 1 30  PRO 30  30  30  PRO PRO A . n 
A 1 31  LYS 31  31  31  LYS LYS A . n 
A 1 32  THR 32  32  32  THR THR A . n 
A 1 33  ALA 33  33  33  ALA ALA A . n 
A 1 34  GLY 34  34  34  GLY GLY A . n 
A 1 35  ASN 35  35  35  ASN ASN A . n 
A 1 36  PHE 36  36  36  PHE PHE A . n 
A 1 37  ARG 37  37  37  ARG ARG A . n 
A 1 38  ALA 38  38  38  ALA ALA A . n 
A 1 39  LEU 39  39  39  LEU LEU A . n 
A 1 40  CYS 40  40  40  CYS CYS A . n 
A 1 41  THR 41  41  41  THR THR A . n 
A 1 42  GLY 42  42  42  GLY GLY A . n 
A 1 43  GLU 43  43  43  GLU GLU A . n 
A 1 44  ASN 44  44  44  ASN ASN A . n 
A 1 45  GLY 45  45  45  GLY GLY A . n 
A 1 46  ILE 46  46  46  ILE ILE A . n 
A 1 47  GLY 47  47  47  GLY GLY A . n 
A 1 48  LYS 48  48  48  LYS LYS A . n 
A 1 49  SER 49  49  49  SER SER A . n 
A 1 50  GLY 50  50  50  GLY GLY A . n 
A 1 51  LYS 51  51  51  LYS LYS A . n 
A 1 52  PRO 52  52  52  PRO PRO A . n 
A 1 53  LEU 53  53  53  LEU LEU A . n 
A 1 54  HIS 54  54  54  HIS HIS A . n 
A 1 55  PHE 55  55  55  PHE PHE A . n 
A 1 56  LYS 56  56  56  LYS LYS A . n 
A 1 57  GLY 57  57  57  GLY GLY A . n 
A 1 58  SER 58  58  58  SER SER A . n 
A 1 59  LYS 59  59  59  LYS LYS A . n 
A 1 60  PHE 60  60  60  PHE PHE A . n 
A 1 61  HIS 61  61  61  HIS HIS A . n 
A 1 62  ARG 62  62  62  ARG ARG A . n 
A 1 63  ILE 63  63  63  ILE ILE A . n 
A 1 64  ILE 64  64  64  ILE ILE A . n 
A 1 65  PRO 65  65  65  PRO PRO A . n 
A 1 66  ASN 66  66  66  ASN ASN A . n 
A 1 67  PHE 67  67  67  PHE PHE A . n 
A 1 68  MET 68  68  68  MET MET A . n 
A 1 69  ILE 69  69  69  ILE ILE A . n 
A 1 70  GLN 70  70  70  GLN GLN A . n 
A 1 71  GLY 71  71  71  GLY GLY A . n 
A 1 72  GLY 72  72  72  GLY GLY A . n 
A 1 73  ASP 73  73  73  ASP ASP A . n 
A 1 74  PHE 74  74  74  PHE PHE A . n 
A 1 75  THR 75  75  75  THR THR A . n 
A 1 76  ARG 76  76  76  ARG ARG A . n 
A 1 77  GLY 77  77  77  GLY GLY A . n 
A 1 78  ASN 78  78  78  ASN ASN A . n 
A 1 79  GLY 79  79  79  GLY GLY A . n 
A 1 80  THR 80  80  80  THR THR A . n 
A 1 81  GLY 81  81  81  GLY GLY A . n 
A 1 82  GLY 82  82  82  GLY GLY A . n 
A 1 83  GLU 83  83  83  GLU GLU A . n 
A 1 84  SER 84  84  84  SER SER A . n 
A 1 85  ILE 85  85  85  ILE ILE A . n 
A 1 86  TYR 86  86  86  TYR TYR A . n 
A 1 87  GLY 87  87  87  GLY GLY A . n 
A 1 88  GLU 88  88  88  GLU GLU A . n 
A 1 89  LYS 89  89  89  LYS LYS A . n 
A 1 90  PHE 90  90  90  PHE PHE A . n 
A 1 91  PRO 91  91  91  PRO PRO A . n 
A 1 92  ASP 92  92  92  ASP ASP A . n 
A 1 93  GLU 93  93  93  GLU GLU A . n 
A 1 94  ASN 94  94  94  ASN ASN A . n 
A 1 95  PHE 95  95  95  PHE PHE A . n 
A 1 96  LYS 96  96  96  LYS LYS A . n 
A 1 97  GLU 97  97  97  GLU GLU A . n 
A 1 98  LYS 98  98  98  LYS LYS A . n 
A 1 99  HIS 99  99  99  HIS HIS A . n 
A 1 100 THR 100 100 100 THR THR A . n 
A 1 101 GLY 101 101 101 GLY GLY A . n 
A 1 102 PRO 102 102 102 PRO PRO A . n 
A 1 103 GLY 103 103 103 GLY GLY A . n 
A 1 104 VAL 104 104 104 VAL VAL A . n 
A 1 105 LEU 105 105 105 LEU LEU A . n 
A 1 106 SER 106 106 106 SER SER A . n 
A 1 107 MET 107 107 107 MET MET A . n 
A 1 108 ALA 108 108 108 ALA ALA A . n 
A 1 109 ASN 109 109 109 ASN ASN A . n 
A 1 110 ALA 110 110 110 ALA ALA A . n 
A 1 111 GLY 111 111 111 GLY GLY A . n 
A 1 112 PRO 112 112 112 PRO PRO A . n 
A 1 113 ASN 113 113 113 ASN ASN A . n 
A 1 114 THR 114 114 114 THR THR A . n 
A 1 115 ASN 115 115 115 ASN ASN A . n 
A 1 116 GLY 116 116 116 GLY GLY A . n 
A 1 117 SER 117 117 117 SER SER A . n 
A 1 118 GLN 118 118 118 GLN GLN A . n 
A 1 119 PHE 119 119 119 PHE PHE A . n 
A 1 120 PHE 120 120 120 PHE PHE A . n 
A 1 121 LEU 121 121 121 LEU LEU A . n 
A 1 122 CYS 122 122 122 CYS CYS A . n 
A 1 123 THR 123 123 123 THR THR A . n 
A 1 124 VAL 124 124 124 VAL VAL A . n 
A 1 125 LYS 125 125 125 LYS LYS A . n 
A 1 126 THR 126 126 126 THR THR A . n 
A 1 127 GLU 127 127 127 GLU GLU A . n 
A 1 128 TRP 128 128 128 TRP TRP A . n 
A 1 129 LEU 129 129 129 LEU LEU A . n 
A 1 130 ASP 130 130 130 ASP ASP A . n 
A 1 131 GLY 131 131 131 GLY GLY A . n 
A 1 132 LYS 132 132 132 LYS LYS A . n 
A 1 133 HIS 133 133 133 HIS HIS A . n 
A 1 134 VAL 134 134 134 VAL VAL A . n 
A 1 135 VAL 135 135 135 VAL VAL A . n 
A 1 136 PHE 136 136 136 PHE PHE A . n 
A 1 137 GLY 137 137 137 GLY GLY A . n 
A 1 138 ARG 138 138 138 ARG ARG A . n 
A 1 139 VAL 139 139 139 VAL VAL A . n 
A 1 140 VAL 140 140 140 VAL VAL A . n 
A 1 141 GLU 141 141 141 GLU GLU A . n 
A 1 142 GLY 142 142 142 GLY GLY A . n 
A 1 143 LEU 143 143 143 LEU LEU A . n 
A 1 144 ASP 144 144 144 ASP ASP A . n 
A 1 145 VAL 145 145 145 VAL VAL A . n 
A 1 146 VAL 146 146 146 VAL VAL A . n 
A 1 147 LYS 147 147 147 LYS LYS A . n 
A 1 148 ALA 148 148 148 ALA ALA A . n 
A 1 149 VAL 149 149 149 VAL VAL A . n 
A 1 150 GLU 150 150 150 GLU GLU A . n 
A 1 151 SER 151 151 151 SER SER A . n 
A 1 152 ASN 152 152 152 ASN ASN A . n 
A 1 153 GLY 153 153 153 GLY GLY A . n 
A 1 154 SER 154 154 154 SER SER A . n 
A 1 155 GLN 155 155 155 GLN GLN A . n 
A 1 156 SER 156 156 156 SER SER A . n 
A 1 157 GLY 157 157 157 GLY GLY A . n 
A 1 158 LYS 158 158 158 LYS LYS A . n 
A 1 159 PRO 159 159 159 PRO PRO A . n 
A 1 160 VAL 160 160 160 VAL VAL A . n 
A 1 161 LYS 161 161 161 LYS LYS A . n 
A 1 162 ASP 162 162 162 ASP ASP A . n 
A 1 163 CYS 163 163 163 CYS CYS A . n 
A 1 164 MET 164 164 164 MET MET A . n 
A 1 165 ILE 165 165 165 ILE ILE A . n 
A 1 166 ALA 166 166 166 ALA ALA A . n 
A 1 167 ASP 167 167 167 ASP ASP A . n 
A 1 168 CYS 168 168 168 CYS CYS A . n 
A 1 169 GLY 169 169 169 GLY GLY A . n 
A 1 170 GLN 170 170 170 GLN GLN A . n 
A 1 171 LEU 171 171 171 LEU LEU A . n 
A 1 172 LYS 172 172 172 LYS LYS A . n 
A 1 173 ALA 173 173 173 ALA ALA A . n 
# 
loop_
_pdbx_nonpoly_scheme.asym_id 
_pdbx_nonpoly_scheme.entity_id 
_pdbx_nonpoly_scheme.mon_id 
_pdbx_nonpoly_scheme.ndb_seq_num 
_pdbx_nonpoly_scheme.pdb_seq_num 
_pdbx_nonpoly_scheme.auth_seq_num 
_pdbx_nonpoly_scheme.pdb_mon_id 
_pdbx_nonpoly_scheme.auth_mon_id 
_pdbx_nonpoly_scheme.pdb_strand_id 
_pdbx_nonpoly_scheme.pdb_ins_code 
B 2 ALA 1   1001 1001 ALA ALA A . 
C 3 PRO 1   1002 1002 PRO PRO A . 
D 4 HOH 1   2001 2001 HOH HOH A . 
D 4 HOH 2   2002 2002 HOH HOH A . 
D 4 HOH 3   2003 2003 HOH HOH A . 
D 4 HOH 4   2004 2004 HOH HOH A . 
D 4 HOH 5   2005 2005 HOH HOH A . 
D 4 HOH 6   2006 2006 HOH HOH A . 
D 4 HOH 7   2007 2007 HOH HOH A . 
D 4 HOH 8   2008 2008 HOH HOH A . 
D 4 HOH 9   2009 2009 HOH HOH A . 
D 4 HOH 10  2010 2010 HOH HOH A . 
D 4 HOH 11  2011 2011 HOH HOH A . 
D 4 HOH 12  2012 2012 HOH HOH A . 
D 4 HOH 13  2013 2013 HOH HOH A . 
D 4 HOH 14  2014 2014 HOH HOH A . 
D 4 HOH 15  2015 2015 HOH HOH A . 
D 4 HOH 16  2016 2016 HOH HOH A . 
D 4 HOH 17  2017 2017 HOH HOH A . 
D 4 HOH 18  2018 2018 HOH HOH A . 
D 4 HOH 19  2019 2019 HOH HOH A . 
D 4 HOH 20  2020 2020 HOH HOH A . 
D 4 HOH 21  2021 2021 HOH HOH A . 
D 4 HOH 22  2022 2022 HOH HOH A . 
D 4 HOH 23  2023 2023 HOH HOH A . 
D 4 HOH 24  2024 2024 HOH HOH A . 
D 4 HOH 25  2025 2025 HOH HOH A . 
D 4 HOH 26  2026 2026 HOH HOH A . 
D 4 HOH 27  2027 2027 HOH HOH A . 
D 4 HOH 28  2028 2028 HOH HOH A . 
D 4 HOH 29  2029 2029 HOH HOH A . 
D 4 HOH 30  2030 2030 HOH HOH A . 
D 4 HOH 31  2031 2031 HOH HOH A . 
D 4 HOH 32  2032 2032 HOH HOH A . 
D 4 HOH 33  2033 2033 HOH HOH A . 
D 4 HOH 34  2034 2034 HOH HOH A . 
D 4 HOH 35  2035 2035 HOH HOH A . 
D 4 HOH 36  2036 2036 HOH HOH A . 
D 4 HOH 37  2037 2037 HOH HOH A . 
D 4 HOH 38  2038 2038 HOH HOH A . 
D 4 HOH 39  2039 2039 HOH HOH A . 
D 4 HOH 40  2040 2040 HOH HOH A . 
D 4 HOH 41  2041 2041 HOH HOH A . 
D 4 HOH 42  2042 2042 HOH HOH A . 
D 4 HOH 43  2043 2043 HOH HOH A . 
D 4 HOH 44  2044 2044 HOH HOH A . 
D 4 HOH 45  2045 2045 HOH HOH A . 
D 4 HOH 46  2046 2046 HOH HOH A . 
D 4 HOH 47  2047 2047 HOH HOH A . 
D 4 HOH 48  2048 2048 HOH HOH A . 
D 4 HOH 49  2049 2049 HOH HOH A . 
D 4 HOH 50  2050 2050 HOH HOH A . 
D 4 HOH 51  2051 2051 HOH HOH A . 
D 4 HOH 52  2052 2052 HOH HOH A . 
D 4 HOH 53  2053 2053 HOH HOH A . 
D 4 HOH 54  2054 2054 HOH HOH A . 
D 4 HOH 55  2055 2055 HOH HOH A . 
D 4 HOH 56  2056 2056 HOH HOH A . 
D 4 HOH 57  2057 2057 HOH HOH A . 
D 4 HOH 58  2058 2058 HOH HOH A . 
D 4 HOH 59  2059 2059 HOH HOH A . 
D 4 HOH 60  2060 2060 HOH HOH A . 
D 4 HOH 61  2061 2061 HOH HOH A . 
D 4 HOH 62  2062 2062 HOH HOH A . 
D 4 HOH 63  2063 2063 HOH HOH A . 
D 4 HOH 64  2064 2064 HOH HOH A . 
D 4 HOH 65  2065 2065 HOH HOH A . 
D 4 HOH 66  2066 2066 HOH HOH A . 
D 4 HOH 67  2067 2067 HOH HOH A . 
D 4 HOH 68  2068 2068 HOH HOH A . 
D 4 HOH 69  2069 2069 HOH HOH A . 
D 4 HOH 70  2070 2070 HOH HOH A . 
D 4 HOH 71  2071 2071 HOH HOH A . 
D 4 HOH 72  2072 2072 HOH HOH A . 
D 4 HOH 73  2073 2073 HOH HOH A . 
D 4 HOH 74  2074 2074 HOH HOH A . 
D 4 HOH 75  2075 2075 HOH HOH A . 
D 4 HOH 76  2076 2076 HOH HOH A . 
D 4 HOH 77  2077 2077 HOH HOH A . 
D 4 HOH 78  2078 2078 HOH HOH A . 
D 4 HOH 79  2079 2079 HOH HOH A . 
D 4 HOH 80  2080 2080 HOH HOH A . 
D 4 HOH 81  2081 2081 HOH HOH A . 
D 4 HOH 82  2082 2082 HOH HOH A . 
D 4 HOH 83  2083 2083 HOH HOH A . 
D 4 HOH 84  2084 2084 HOH HOH A . 
D 4 HOH 85  2085 2085 HOH HOH A . 
D 4 HOH 86  2086 2086 HOH HOH A . 
D 4 HOH 87  2087 2087 HOH HOH A . 
D 4 HOH 88  2088 2088 HOH HOH A . 
D 4 HOH 89  2089 2089 HOH HOH A . 
D 4 HOH 90  2090 2090 HOH HOH A . 
D 4 HOH 91  2091 2091 HOH HOH A . 
D 4 HOH 92  2092 2092 HOH HOH A . 
D 4 HOH 93  2093 2093 HOH HOH A . 
D 4 HOH 94  2094 2094 HOH HOH A . 
D 4 HOH 95  2095 2095 HOH HOH A . 
D 4 HOH 96  2096 2096 HOH HOH A . 
D 4 HOH 97  2097 2097 HOH HOH A . 
D 4 HOH 98  2098 2098 HOH HOH A . 
D 4 HOH 99  2099 2099 HOH HOH A . 
D 4 HOH 100 2100 2100 HOH HOH A . 
D 4 HOH 101 2101 2101 HOH HOH A . 
D 4 HOH 102 2102 2102 HOH HOH A . 
D 4 HOH 103 2103 2103 HOH HOH A . 
D 4 HOH 104 2104 2104 HOH HOH A . 
D 4 HOH 105 2105 2105 HOH HOH A . 
D 4 HOH 106 2106 2106 HOH HOH A . 
D 4 HOH 107 2107 2107 HOH HOH A . 
D 4 HOH 108 2108 2108 HOH HOH A . 
D 4 HOH 109 2109 2109 HOH HOH A . 
D 4 HOH 110 2110 2110 HOH HOH A . 
D 4 HOH 111 2111 2111 HOH HOH A . 
D 4 HOH 112 2112 2112 HOH HOH A . 
D 4 HOH 113 2113 2113 HOH HOH A . 
D 4 HOH 114 2114 2114 HOH HOH A . 
D 4 HOH 115 2115 2115 HOH HOH A . 
D 4 HOH 116 2116 2116 HOH HOH A . 
D 4 HOH 117 2117 2117 HOH HOH A . 
D 4 HOH 118 2118 2118 HOH HOH A . 
D 4 HOH 119 2119 2119 HOH HOH A . 
D 4 HOH 120 2120 2120 HOH HOH A . 
D 4 HOH 121 2121 2121 HOH HOH A . 
D 4 HOH 122 2122 2122 HOH HOH A . 
D 4 HOH 123 2123 2123 HOH HOH A . 
D 4 HOH 124 2124 2124 HOH HOH A . 
D 4 HOH 125 2125 2125 HOH HOH A . 
D 4 HOH 126 2126 2126 HOH HOH A . 
D 4 HOH 127 2127 2127 HOH HOH A . 
D 4 HOH 128 2128 2128 HOH HOH A . 
D 4 HOH 129 2129 2129 HOH HOH A . 
D 4 HOH 130 2130 2130 HOH HOH A . 
D 4 HOH 131 2131 2131 HOH HOH A . 
D 4 HOH 132 2132 2132 HOH HOH A . 
D 4 HOH 133 2133 2133 HOH HOH A . 
D 4 HOH 134 2134 2134 HOH HOH A . 
D 4 HOH 135 2135 2135 HOH HOH A . 
D 4 HOH 136 2136 2136 HOH HOH A . 
D 4 HOH 137 2137 2137 HOH HOH A . 
D 4 HOH 138 2138 2138 HOH HOH A . 
D 4 HOH 139 2139 2139 HOH HOH A . 
D 4 HOH 140 2140 2140 HOH HOH A . 
D 4 HOH 141 2141 2141 HOH HOH A . 
D 4 HOH 142 2142 2142 HOH HOH A . 
D 4 HOH 143 2143 2143 HOH HOH A . 
D 4 HOH 144 2144 2144 HOH HOH A . 
D 4 HOH 145 2145 2145 HOH HOH A . 
D 4 HOH 146 2146 2146 HOH HOH A . 
D 4 HOH 147 2147 2147 HOH HOH A . 
D 4 HOH 148 2148 2148 HOH HOH A . 
D 4 HOH 149 2149 2149 HOH HOH A . 
D 4 HOH 150 2150 2150 HOH HOH A . 
D 4 HOH 151 2151 2151 HOH HOH A . 
D 4 HOH 152 2152 2152 HOH HOH A . 
D 4 HOH 153 2153 2153 HOH HOH A . 
D 4 HOH 154 2154 2154 HOH HOH A . 
D 4 HOH 155 2155 2155 HOH HOH A . 
D 4 HOH 156 2156 2156 HOH HOH A . 
D 4 HOH 157 2157 2157 HOH HOH A . 
D 4 HOH 158 2158 2158 HOH HOH A . 
D 4 HOH 159 2159 2159 HOH HOH A . 
D 4 HOH 160 2160 2160 HOH HOH A . 
D 4 HOH 161 2161 2161 HOH HOH A . 
D 4 HOH 162 2162 2162 HOH HOH A . 
D 4 HOH 163 2163 2163 HOH HOH A . 
D 4 HOH 164 2164 2164 HOH HOH A . 
D 4 HOH 165 2165 2165 HOH HOH A . 
D 4 HOH 166 2166 2166 HOH HOH A . 
D 4 HOH 167 2167 2167 HOH HOH A . 
D 4 HOH 168 2168 2168 HOH HOH A . 
D 4 HOH 169 2169 2169 HOH HOH A . 
D 4 HOH 170 2170 2170 HOH HOH A . 
D 4 HOH 171 2171 2171 HOH HOH A . 
D 4 HOH 172 2172 2172 HOH HOH A . 
D 4 HOH 173 2173 2173 HOH HOH A . 
D 4 HOH 174 2174 2174 HOH HOH A . 
D 4 HOH 175 2175 2175 HOH HOH A . 
D 4 HOH 176 2176 2176 HOH HOH A . 
D 4 HOH 177 2177 2177 HOH HOH A . 
D 4 HOH 178 2178 2178 HOH HOH A . 
D 4 HOH 179 2179 2179 HOH HOH A . 
D 4 HOH 180 2180 2180 HOH HOH A . 
D 4 HOH 181 2181 2181 HOH HOH A . 
D 4 HOH 182 2182 2182 HOH HOH A . 
D 4 HOH 183 2183 2183 HOH HOH A . 
D 4 HOH 184 2184 2184 HOH HOH A . 
D 4 HOH 185 2185 2185 HOH HOH A . 
D 4 HOH 186 2186 2186 HOH HOH A . 
D 4 HOH 187 2187 2187 HOH HOH A . 
D 4 HOH 188 2188 2188 HOH HOH A . 
D 4 HOH 189 2189 2189 HOH HOH A . 
D 4 HOH 190 2190 2190 HOH HOH A . 
D 4 HOH 191 2191 2191 HOH HOH A . 
D 4 HOH 192 2192 2192 HOH HOH A . 
D 4 HOH 193 2193 2193 HOH HOH A . 
D 4 HOH 194 2194 2194 HOH HOH A . 
D 4 HOH 195 2195 2195 HOH HOH A . 
D 4 HOH 196 2196 2196 HOH HOH A . 
D 4 HOH 197 2197 2197 HOH HOH A . 
D 4 HOH 198 2198 2198 HOH HOH A . 
D 4 HOH 199 2199 2199 HOH HOH A . 
D 4 HOH 200 2200 2200 HOH HOH A . 
D 4 HOH 201 2201 2201 HOH HOH A . 
D 4 HOH 202 2202 2202 HOH HOH A . 
D 4 HOH 203 2203 2203 HOH HOH A . 
D 4 HOH 204 2204 2204 HOH HOH A . 
D 4 HOH 205 2205 2205 HOH HOH A . 
D 4 HOH 206 2206 2206 HOH HOH A . 
D 4 HOH 207 2207 2207 HOH HOH A . 
D 4 HOH 208 2208 2208 HOH HOH A . 
D 4 HOH 209 2209 2209 HOH HOH A . 
D 4 HOH 210 2210 2210 HOH HOH A . 
D 4 HOH 211 2211 2211 HOH HOH A . 
D 4 HOH 212 2212 2212 HOH HOH A . 
D 4 HOH 213 2213 2213 HOH HOH A . 
D 4 HOH 214 2214 2214 HOH HOH A . 
D 4 HOH 215 2215 2215 HOH HOH A . 
D 4 HOH 216 2216 2216 HOH HOH A . 
D 4 HOH 217 2217 2217 HOH HOH A . 
D 4 HOH 218 2218 2218 HOH HOH A . 
D 4 HOH 219 2219 2219 HOH HOH A . 
D 4 HOH 220 2220 2220 HOH HOH A . 
D 4 HOH 221 2221 2221 HOH HOH A . 
D 4 HOH 222 2222 2222 HOH HOH A . 
D 4 HOH 223 2223 2223 HOH HOH A . 
D 4 HOH 224 2224 2224 HOH HOH A . 
D 4 HOH 225 2225 2225 HOH HOH A . 
D 4 HOH 226 2226 2226 HOH HOH A . 
D 4 HOH 227 2227 2227 HOH HOH A . 
D 4 HOH 228 2228 2228 HOH HOH A . 
D 4 HOH 229 2229 2229 HOH HOH A . 
# 
_pdbx_struct_assembly.id                   1 
_pdbx_struct_assembly.details              author_and_software_defined_assembly 
_pdbx_struct_assembly.method_details       PQS 
_pdbx_struct_assembly.oligomeric_details   monomeric 
_pdbx_struct_assembly.oligomeric_count     1 
# 
_pdbx_struct_assembly_gen.assembly_id       1 
_pdbx_struct_assembly_gen.oper_expression   1 
_pdbx_struct_assembly_gen.asym_id_list      A,B,C,D 
# 
_pdbx_struct_oper_list.id                   1 
_pdbx_struct_oper_list.type                 'identity operation' 
_pdbx_struct_oper_list.name                 1_555 
_pdbx_struct_oper_list.symmetry_operation   x,y,z 
_pdbx_struct_oper_list.matrix[1][1]         1.0000000000 
_pdbx_struct_oper_list.matrix[1][2]         0.0000000000 
_pdbx_struct_oper_list.matrix[1][3]         0.0000000000 
_pdbx_struct_oper_list.vector[1]            0.0000000000 
_pdbx_struct_oper_list.matrix[2][1]         0.0000000000 
_pdbx_struct_oper_list.matrix[2][2]         1.0000000000 
_pdbx_struct_oper_list.matrix[2][3]         0.0000000000 
_pdbx_struct_oper_list.vector[2]            0.0000000000 
_pdbx_struct_oper_list.matrix[3][1]         0.0000000000 
_pdbx_struct_oper_list.matrix[3][2]         0.0000000000 
_pdbx_struct_oper_list.matrix[3][3]         1.0000000000 
_pdbx_struct_oper_list.vector[3]            0.0000000000 
# 
_pdbx_struct_special_symmetry.id              1 
_pdbx_struct_special_symmetry.PDB_model_num   1 
_pdbx_struct_special_symmetry.auth_asym_id    A 
_pdbx_struct_special_symmetry.auth_comp_id    HOH 
_pdbx_struct_special_symmetry.auth_seq_id     2041 
_pdbx_struct_special_symmetry.PDB_ins_code    ? 
_pdbx_struct_special_symmetry.label_asym_id   D 
_pdbx_struct_special_symmetry.label_comp_id   HOH 
_pdbx_struct_special_symmetry.label_seq_id    . 
# 
loop_
_pdbx_audit_revision_history.ordinal 
_pdbx_audit_revision_history.data_content_type 
_pdbx_audit_revision_history.major_revision 
_pdbx_audit_revision_history.minor_revision 
_pdbx_audit_revision_history.revision_date 
1 'Structure model' 1 0 2001-09-20 
2 'Structure model' 1 1 2013-07-17 
3 'Structure model' 1 2 2013-07-24 
4 'Structure model' 1 3 2018-06-20 
5 'Structure model' 1 4 2019-05-22 
6 'Structure model' 1 5 2023-12-13 
# 
_pdbx_audit_revision_details.ordinal             1 
_pdbx_audit_revision_details.revision_ordinal    1 
_pdbx_audit_revision_details.data_content_type   'Structure model' 
_pdbx_audit_revision_details.provider            repository 
_pdbx_audit_revision_details.type                'Initial release' 
_pdbx_audit_revision_details.description         ? 
_pdbx_audit_revision_details.details             ? 
# 
loop_
_pdbx_audit_revision_group.ordinal 
_pdbx_audit_revision_group.revision_ordinal 
_pdbx_audit_revision_group.data_content_type 
_pdbx_audit_revision_group.group 
1  2 'Structure model' 'Atomic model'              
2  2 'Structure model' 'Data collection'           
3  2 'Structure model' 'Database references'       
4  2 'Structure model' 'Derived calculations'      
5  2 'Structure model' 'Non-polymer description'   
6  2 'Structure model' Other                       
7  2 'Structure model' 'Source and taxonomy'       
8  2 'Structure model' 'Structure summary'         
9  2 'Structure model' 'Version format compliance' 
10 3 'Structure model' 'Derived calculations'      
11 3 'Structure model' Other                       
12 4 'Structure model' Advisory                    
13 4 'Structure model' 'Data collection'           
14 4 'Structure model' 'Derived calculations'      
15 5 'Structure model' 'Data collection'           
16 5 'Structure model' 'Refinement description'    
17 6 'Structure model' 'Data collection'           
18 6 'Structure model' 'Database references'       
19 6 'Structure model' 'Refinement description'    
# 
loop_
_pdbx_audit_revision_category.ordinal 
_pdbx_audit_revision_category.revision_ordinal 
_pdbx_audit_revision_category.data_content_type 
_pdbx_audit_revision_category.category 
1 4 'Structure model' pdbx_unobs_or_zero_occ_atoms  
2 4 'Structure model' struct_conn                   
3 5 'Structure model' refine                        
4 6 'Structure model' chem_comp_atom                
5 6 'Structure model' chem_comp_bond                
6 6 'Structure model' database_2                    
7 6 'Structure model' pdbx_initial_refinement_model 
# 
loop_
_pdbx_audit_revision_item.ordinal 
_pdbx_audit_revision_item.revision_ordinal 
_pdbx_audit_revision_item.data_content_type 
_pdbx_audit_revision_item.item 
1 5 'Structure model' '_refine.pdbx_ls_cross_valid_method'  
2 6 'Structure model' '_database_2.pdbx_DOI'                
3 6 'Structure model' '_database_2.pdbx_database_accession' 
# 
loop_
_software.name 
_software.classification 
_software.version 
_software.citation_id 
_software.pdbx_ordinal 
SHELXL-97 refinement       . ? 1 
DENZO     'data reduction' . ? 2 
SCALEPACK 'data scaling'   . ? 3 
AMoRE     phasing          . ? 4 
# 
loop_
_pdbx_validate_close_contact.id 
_pdbx_validate_close_contact.PDB_model_num 
_pdbx_validate_close_contact.auth_atom_id_1 
_pdbx_validate_close_contact.auth_asym_id_1 
_pdbx_validate_close_contact.auth_comp_id_1 
_pdbx_validate_close_contact.auth_seq_id_1 
_pdbx_validate_close_contact.PDB_ins_code_1 
_pdbx_validate_close_contact.label_alt_id_1 
_pdbx_validate_close_contact.auth_atom_id_2 
_pdbx_validate_close_contact.auth_asym_id_2 
_pdbx_validate_close_contact.auth_comp_id_2 
_pdbx_validate_close_contact.auth_seq_id_2 
_pdbx_validate_close_contact.PDB_ins_code_2 
_pdbx_validate_close_contact.label_alt_id_2 
_pdbx_validate_close_contact.dist 
1 1 O A HOH 2132 ? ? O A HOH 2133 ? ? 1.99 
2 1 O A HOH 2030 ? ? O A HOH 2031 ? ? 2.05 
3 1 O A HOH 2117 ? ? O A HOH 2215 ? ? 2.07 
# 
_pdbx_validate_rmsd_angle.id                         1 
_pdbx_validate_rmsd_angle.PDB_model_num              1 
_pdbx_validate_rmsd_angle.auth_atom_id_1             CA 
_pdbx_validate_rmsd_angle.auth_asym_id_1             A 
_pdbx_validate_rmsd_angle.auth_comp_id_1             LYS 
_pdbx_validate_rmsd_angle.auth_seq_id_1              172 
_pdbx_validate_rmsd_angle.PDB_ins_code_1             ? 
_pdbx_validate_rmsd_angle.label_alt_id_1             ? 
_pdbx_validate_rmsd_angle.auth_atom_id_2             C 
_pdbx_validate_rmsd_angle.auth_asym_id_2             A 
_pdbx_validate_rmsd_angle.auth_comp_id_2             LYS 
_pdbx_validate_rmsd_angle.auth_seq_id_2              172 
_pdbx_validate_rmsd_angle.PDB_ins_code_2             ? 
_pdbx_validate_rmsd_angle.label_alt_id_2             ? 
_pdbx_validate_rmsd_angle.auth_atom_id_3             O 
_pdbx_validate_rmsd_angle.auth_asym_id_3             A 
_pdbx_validate_rmsd_angle.auth_comp_id_3             LYS 
_pdbx_validate_rmsd_angle.auth_seq_id_3              172 
_pdbx_validate_rmsd_angle.PDB_ins_code_3             ? 
_pdbx_validate_rmsd_angle.label_alt_id_3             ? 
_pdbx_validate_rmsd_angle.angle_value                107.03 
_pdbx_validate_rmsd_angle.angle_target_value         120.10 
_pdbx_validate_rmsd_angle.angle_deviation            -13.07 
_pdbx_validate_rmsd_angle.angle_standard_deviation   2.10 
_pdbx_validate_rmsd_angle.linker_flag                N 
# 
loop_
_pdbx_validate_torsion.id 
_pdbx_validate_torsion.PDB_model_num 
_pdbx_validate_torsion.auth_comp_id 
_pdbx_validate_torsion.auth_asym_id 
_pdbx_validate_torsion.auth_seq_id 
_pdbx_validate_torsion.PDB_ins_code 
_pdbx_validate_torsion.label_alt_id 
_pdbx_validate_torsion.phi 
_pdbx_validate_torsion.psi 
1 1 SER A 2  ? ? -31.05  157.09 
2 1 PHE A 67 ? ? -145.88 -79.02 
3 1 GLU A 88 ? ? 166.66  -59.60 
# 
_pdbx_validate_polymer_linkage.id               1 
_pdbx_validate_polymer_linkage.PDB_model_num    1 
_pdbx_validate_polymer_linkage.auth_atom_id_1   C 
_pdbx_validate_polymer_linkage.auth_asym_id_1   A 
_pdbx_validate_polymer_linkage.auth_comp_id_1   LYS 
_pdbx_validate_polymer_linkage.auth_seq_id_1    172 
_pdbx_validate_polymer_linkage.PDB_ins_code_1   ? 
_pdbx_validate_polymer_linkage.label_alt_id_1   ? 
_pdbx_validate_polymer_linkage.auth_atom_id_2   N 
_pdbx_validate_polymer_linkage.auth_asym_id_2   A 
_pdbx_validate_polymer_linkage.auth_comp_id_2   ALA 
_pdbx_validate_polymer_linkage.auth_seq_id_2    173 
_pdbx_validate_polymer_linkage.PDB_ins_code_2   ? 
_pdbx_validate_polymer_linkage.label_alt_id_2   ? 
_pdbx_validate_polymer_linkage.dist             2.02 
# 
loop_
_pdbx_distant_solvent_atoms.id 
_pdbx_distant_solvent_atoms.PDB_model_num 
_pdbx_distant_solvent_atoms.auth_atom_id 
_pdbx_distant_solvent_atoms.label_alt_id 
_pdbx_distant_solvent_atoms.auth_asym_id 
_pdbx_distant_solvent_atoms.auth_comp_id 
_pdbx_distant_solvent_atoms.auth_seq_id 
_pdbx_distant_solvent_atoms.PDB_ins_code 
_pdbx_distant_solvent_atoms.neighbor_macromolecule_distance 
_pdbx_distant_solvent_atoms.neighbor_ligand_distance 
1 1 O ? A HOH 2028 ? 7.46 . 
2 1 O ? A HOH 2075 ? 6.74 . 
# 
loop_
_pdbx_unobs_or_zero_occ_atoms.id 
_pdbx_unobs_or_zero_occ_atoms.PDB_model_num 
_pdbx_unobs_or_zero_occ_atoms.polymer_flag 
_pdbx_unobs_or_zero_occ_atoms.occupancy_flag 
_pdbx_unobs_or_zero_occ_atoms.auth_asym_id 
_pdbx_unobs_or_zero_occ_atoms.auth_comp_id 
_pdbx_unobs_or_zero_occ_atoms.auth_seq_id 
_pdbx_unobs_or_zero_occ_atoms.PDB_ins_code 
_pdbx_unobs_or_zero_occ_atoms.auth_atom_id 
_pdbx_unobs_or_zero_occ_atoms.label_alt_id 
_pdbx_unobs_or_zero_occ_atoms.label_asym_id 
_pdbx_unobs_or_zero_occ_atoms.label_comp_id 
_pdbx_unobs_or_zero_occ_atoms.label_seq_id 
_pdbx_unobs_or_zero_occ_atoms.label_atom_id 
1 1 Y 1 A ALA 173  ? CA  ? A ALA 173 CA  
2 1 Y 1 A ALA 173  ? C   ? A ALA 173 C   
3 1 Y 1 A ALA 173  ? O   ? A ALA 173 O   
4 1 Y 1 A ALA 173  ? CB  ? A ALA 173 CB  
5 1 N 1 A ALA 1001 ? OXT ? B ALA 1   OXT 
# 
loop_
_chem_comp_atom.comp_id 
_chem_comp_atom.atom_id 
_chem_comp_atom.type_symbol 
_chem_comp_atom.pdbx_aromatic_flag 
_chem_comp_atom.pdbx_stereo_config 
_chem_comp_atom.pdbx_ordinal 
ALA N    N N N 1   
ALA CA   C N S 2   
ALA C    C N N 3   
ALA O    O N N 4   
ALA CB   C N N 5   
ALA OXT  O N N 6   
ALA H    H N N 7   
ALA H2   H N N 8   
ALA HA   H N N 9   
ALA HB1  H N N 10  
ALA HB2  H N N 11  
ALA HB3  H N N 12  
ALA HXT  H N N 13  
ARG N    N N N 14  
ARG CA   C N S 15  
ARG C    C N N 16  
ARG O    O N N 17  
ARG CB   C N N 18  
ARG CG   C N N 19  
ARG CD   C N N 20  
ARG NE   N N N 21  
ARG CZ   C N N 22  
ARG NH1  N N N 23  
ARG NH2  N N N 24  
ARG OXT  O N N 25  
ARG H    H N N 26  
ARG H2   H N N 27  
ARG HA   H N N 28  
ARG HB2  H N N 29  
ARG HB3  H N N 30  
ARG HG2  H N N 31  
ARG HG3  H N N 32  
ARG HD2  H N N 33  
ARG HD3  H N N 34  
ARG HE   H N N 35  
ARG HH11 H N N 36  
ARG HH12 H N N 37  
ARG HH21 H N N 38  
ARG HH22 H N N 39  
ARG HXT  H N N 40  
ASN N    N N N 41  
ASN CA   C N S 42  
ASN C    C N N 43  
ASN O    O N N 44  
ASN CB   C N N 45  
ASN CG   C N N 46  
ASN OD1  O N N 47  
ASN ND2  N N N 48  
ASN OXT  O N N 49  
ASN H    H N N 50  
ASN H2   H N N 51  
ASN HA   H N N 52  
ASN HB2  H N N 53  
ASN HB3  H N N 54  
ASN HD21 H N N 55  
ASN HD22 H N N 56  
ASN HXT  H N N 57  
ASP N    N N N 58  
ASP CA   C N S 59  
ASP C    C N N 60  
ASP O    O N N 61  
ASP CB   C N N 62  
ASP CG   C N N 63  
ASP OD1  O N N 64  
ASP OD2  O N N 65  
ASP OXT  O N N 66  
ASP H    H N N 67  
ASP H2   H N N 68  
ASP HA   H N N 69  
ASP HB2  H N N 70  
ASP HB3  H N N 71  
ASP HD2  H N N 72  
ASP HXT  H N N 73  
CYS N    N N N 74  
CYS CA   C N R 75  
CYS C    C N N 76  
CYS O    O N N 77  
CYS CB   C N N 78  
CYS SG   S N N 79  
CYS OXT  O N N 80  
CYS H    H N N 81  
CYS H2   H N N 82  
CYS HA   H N N 83  
CYS HB2  H N N 84  
CYS HB3  H N N 85  
CYS HG   H N N 86  
CYS HXT  H N N 87  
GLN N    N N N 88  
GLN CA   C N S 89  
GLN C    C N N 90  
GLN O    O N N 91  
GLN CB   C N N 92  
GLN CG   C N N 93  
GLN CD   C N N 94  
GLN OE1  O N N 95  
GLN NE2  N N N 96  
GLN OXT  O N N 97  
GLN H    H N N 98  
GLN H2   H N N 99  
GLN HA   H N N 100 
GLN HB2  H N N 101 
GLN HB3  H N N 102 
GLN HG2  H N N 103 
GLN HG3  H N N 104 
GLN HE21 H N N 105 
GLN HE22 H N N 106 
GLN HXT  H N N 107 
GLU N    N N N 108 
GLU CA   C N S 109 
GLU C    C N N 110 
GLU O    O N N 111 
GLU CB   C N N 112 
GLU CG   C N N 113 
GLU CD   C N N 114 
GLU OE1  O N N 115 
GLU OE2  O N N 116 
GLU OXT  O N N 117 
GLU H    H N N 118 
GLU H2   H N N 119 
GLU HA   H N N 120 
GLU HB2  H N N 121 
GLU HB3  H N N 122 
GLU HG2  H N N 123 
GLU HG3  H N N 124 
GLU HE2  H N N 125 
GLU HXT  H N N 126 
GLY N    N N N 127 
GLY CA   C N N 128 
GLY C    C N N 129 
GLY O    O N N 130 
GLY OXT  O N N 131 
GLY H    H N N 132 
GLY H2   H N N 133 
GLY HA2  H N N 134 
GLY HA3  H N N 135 
GLY HXT  H N N 136 
HIS N    N N N 137 
HIS CA   C N S 138 
HIS C    C N N 139 
HIS O    O N N 140 
HIS CB   C N N 141 
HIS CG   C Y N 142 
HIS ND1  N Y N 143 
HIS CD2  C Y N 144 
HIS CE1  C Y N 145 
HIS NE2  N Y N 146 
HIS OXT  O N N 147 
HIS H    H N N 148 
HIS H2   H N N 149 
HIS HA   H N N 150 
HIS HB2  H N N 151 
HIS HB3  H N N 152 
HIS HD1  H N N 153 
HIS HD2  H N N 154 
HIS HE1  H N N 155 
HIS HE2  H N N 156 
HIS HXT  H N N 157 
HOH O    O N N 158 
HOH H1   H N N 159 
HOH H2   H N N 160 
ILE N    N N N 161 
ILE CA   C N S 162 
ILE C    C N N 163 
ILE O    O N N 164 
ILE CB   C N S 165 
ILE CG1  C N N 166 
ILE CG2  C N N 167 
ILE CD1  C N N 168 
ILE OXT  O N N 169 
ILE H    H N N 170 
ILE H2   H N N 171 
ILE HA   H N N 172 
ILE HB   H N N 173 
ILE HG12 H N N 174 
ILE HG13 H N N 175 
ILE HG21 H N N 176 
ILE HG22 H N N 177 
ILE HG23 H N N 178 
ILE HD11 H N N 179 
ILE HD12 H N N 180 
ILE HD13 H N N 181 
ILE HXT  H N N 182 
LEU N    N N N 183 
LEU CA   C N S 184 
LEU C    C N N 185 
LEU O    O N N 186 
LEU CB   C N N 187 
LEU CG   C N N 188 
LEU CD1  C N N 189 
LEU CD2  C N N 190 
LEU OXT  O N N 191 
LEU H    H N N 192 
LEU H2   H N N 193 
LEU HA   H N N 194 
LEU HB2  H N N 195 
LEU HB3  H N N 196 
LEU HG   H N N 197 
LEU HD11 H N N 198 
LEU HD12 H N N 199 
LEU HD13 H N N 200 
LEU HD21 H N N 201 
LEU HD22 H N N 202 
LEU HD23 H N N 203 
LEU HXT  H N N 204 
LYS N    N N N 205 
LYS CA   C N S 206 
LYS C    C N N 207 
LYS O    O N N 208 
LYS CB   C N N 209 
LYS CG   C N N 210 
LYS CD   C N N 211 
LYS CE   C N N 212 
LYS NZ   N N N 213 
LYS OXT  O N N 214 
LYS H    H N N 215 
LYS H2   H N N 216 
LYS HA   H N N 217 
LYS HB2  H N N 218 
LYS HB3  H N N 219 
LYS HG2  H N N 220 
LYS HG3  H N N 221 
LYS HD2  H N N 222 
LYS HD3  H N N 223 
LYS HE2  H N N 224 
LYS HE3  H N N 225 
LYS HZ1  H N N 226 
LYS HZ2  H N N 227 
LYS HZ3  H N N 228 
LYS HXT  H N N 229 
MET N    N N N 230 
MET CA   C N S 231 
MET C    C N N 232 
MET O    O N N 233 
MET CB   C N N 234 
MET CG   C N N 235 
MET SD   S N N 236 
MET CE   C N N 237 
MET OXT  O N N 238 
MET H    H N N 239 
MET H2   H N N 240 
MET HA   H N N 241 
MET HB2  H N N 242 
MET HB3  H N N 243 
MET HG2  H N N 244 
MET HG3  H N N 245 
MET HE1  H N N 246 
MET HE2  H N N 247 
MET HE3  H N N 248 
MET HXT  H N N 249 
PHE N    N N N 250 
PHE CA   C N S 251 
PHE C    C N N 252 
PHE O    O N N 253 
PHE CB   C N N 254 
PHE CG   C Y N 255 
PHE CD1  C Y N 256 
PHE CD2  C Y N 257 
PHE CE1  C Y N 258 
PHE CE2  C Y N 259 
PHE CZ   C Y N 260 
PHE OXT  O N N 261 
PHE H    H N N 262 
PHE H2   H N N 263 
PHE HA   H N N 264 
PHE HB2  H N N 265 
PHE HB3  H N N 266 
PHE HD1  H N N 267 
PHE HD2  H N N 268 
PHE HE1  H N N 269 
PHE HE2  H N N 270 
PHE HZ   H N N 271 
PHE HXT  H N N 272 
PRO N    N N N 273 
PRO CA   C N S 274 
PRO C    C N N 275 
PRO O    O N N 276 
PRO CB   C N N 277 
PRO CG   C N N 278 
PRO CD   C N N 279 
PRO OXT  O N N 280 
PRO H    H N N 281 
PRO HA   H N N 282 
PRO HB2  H N N 283 
PRO HB3  H N N 284 
PRO HG2  H N N 285 
PRO HG3  H N N 286 
PRO HD2  H N N 287 
PRO HD3  H N N 288 
PRO HXT  H N N 289 
SER N    N N N 290 
SER CA   C N S 291 
SER C    C N N 292 
SER O    O N N 293 
SER CB   C N N 294 
SER OG   O N N 295 
SER OXT  O N N 296 
SER H    H N N 297 
SER H2   H N N 298 
SER HA   H N N 299 
SER HB2  H N N 300 
SER HB3  H N N 301 
SER HG   H N N 302 
SER HXT  H N N 303 
THR N    N N N 304 
THR CA   C N S 305 
THR C    C N N 306 
THR O    O N N 307 
THR CB   C N R 308 
THR OG1  O N N 309 
THR CG2  C N N 310 
THR OXT  O N N 311 
THR H    H N N 312 
THR H2   H N N 313 
THR HA   H N N 314 
THR HB   H N N 315 
THR HG1  H N N 316 
THR HG21 H N N 317 
THR HG22 H N N 318 
THR HG23 H N N 319 
THR HXT  H N N 320 
TRP N    N N N 321 
TRP CA   C N S 322 
TRP C    C N N 323 
TRP O    O N N 324 
TRP CB   C N N 325 
TRP CG   C Y N 326 
TRP CD1  C Y N 327 
TRP CD2  C Y N 328 
TRP NE1  N Y N 329 
TRP CE2  C Y N 330 
TRP CE3  C Y N 331 
TRP CZ2  C Y N 332 
TRP CZ3  C Y N 333 
TRP CH2  C Y N 334 
TRP OXT  O N N 335 
TRP H    H N N 336 
TRP H2   H N N 337 
TRP HA   H N N 338 
TRP HB2  H N N 339 
TRP HB3  H N N 340 
TRP HD1  H N N 341 
TRP HE1  H N N 342 
TRP HE3  H N N 343 
TRP HZ2  H N N 344 
TRP HZ3  H N N 345 
TRP HH2  H N N 346 
TRP HXT  H N N 347 
TYR N    N N N 348 
TYR CA   C N S 349 
TYR C    C N N 350 
TYR O    O N N 351 
TYR CB   C N N 352 
TYR CG   C Y N 353 
TYR CD1  C Y N 354 
TYR CD2  C Y N 355 
TYR CE1  C Y N 356 
TYR CE2  C Y N 357 
TYR CZ   C Y N 358 
TYR OH   O N N 359 
TYR OXT  O N N 360 
TYR H    H N N 361 
TYR H2   H N N 362 
TYR HA   H N N 363 
TYR HB2  H N N 364 
TYR HB3  H N N 365 
TYR HD1  H N N 366 
TYR HD2  H N N 367 
TYR HE1  H N N 368 
TYR HE2  H N N 369 
TYR HH   H N N 370 
TYR HXT  H N N 371 
VAL N    N N N 372 
VAL CA   C N S 373 
VAL C    C N N 374 
VAL O    O N N 375 
VAL CB   C N N 376 
VAL CG1  C N N 377 
VAL CG2  C N N 378 
VAL OXT  O N N 379 
VAL H    H N N 380 
VAL H2   H N N 381 
VAL HA   H N N 382 
VAL HB   H N N 383 
VAL HG11 H N N 384 
VAL HG12 H N N 385 
VAL HG13 H N N 386 
VAL HG21 H N N 387 
VAL HG22 H N N 388 
VAL HG23 H N N 389 
VAL HXT  H N N 390 
# 
loop_
_chem_comp_bond.comp_id 
_chem_comp_bond.atom_id_1 
_chem_comp_bond.atom_id_2 
_chem_comp_bond.value_order 
_chem_comp_bond.pdbx_aromatic_flag 
_chem_comp_bond.pdbx_stereo_config 
_chem_comp_bond.pdbx_ordinal 
ALA N   CA   sing N N 1   
ALA N   H    sing N N 2   
ALA N   H2   sing N N 3   
ALA CA  C    sing N N 4   
ALA CA  CB   sing N N 5   
ALA CA  HA   sing N N 6   
ALA C   O    doub N N 7   
ALA C   OXT  sing N N 8   
ALA CB  HB1  sing N N 9   
ALA CB  HB2  sing N N 10  
ALA CB  HB3  sing N N 11  
ALA OXT HXT  sing N N 12  
ARG N   CA   sing N N 13  
ARG N   H    sing N N 14  
ARG N   H2   sing N N 15  
ARG CA  C    sing N N 16  
ARG CA  CB   sing N N 17  
ARG CA  HA   sing N N 18  
ARG C   O    doub N N 19  
ARG C   OXT  sing N N 20  
ARG CB  CG   sing N N 21  
ARG CB  HB2  sing N N 22  
ARG CB  HB3  sing N N 23  
ARG CG  CD   sing N N 24  
ARG CG  HG2  sing N N 25  
ARG CG  HG3  sing N N 26  
ARG CD  NE   sing N N 27  
ARG CD  HD2  sing N N 28  
ARG CD  HD3  sing N N 29  
ARG NE  CZ   sing N N 30  
ARG NE  HE   sing N N 31  
ARG CZ  NH1  sing N N 32  
ARG CZ  NH2  doub N N 33  
ARG NH1 HH11 sing N N 34  
ARG NH1 HH12 sing N N 35  
ARG NH2 HH21 sing N N 36  
ARG NH2 HH22 sing N N 37  
ARG OXT HXT  sing N N 38  
ASN N   CA   sing N N 39  
ASN N   H    sing N N 40  
ASN N   H2   sing N N 41  
ASN CA  C    sing N N 42  
ASN CA  CB   sing N N 43  
ASN CA  HA   sing N N 44  
ASN C   O    doub N N 45  
ASN C   OXT  sing N N 46  
ASN CB  CG   sing N N 47  
ASN CB  HB2  sing N N 48  
ASN CB  HB3  sing N N 49  
ASN CG  OD1  doub N N 50  
ASN CG  ND2  sing N N 51  
ASN ND2 HD21 sing N N 52  
ASN ND2 HD22 sing N N 53  
ASN OXT HXT  sing N N 54  
ASP N   CA   sing N N 55  
ASP N   H    sing N N 56  
ASP N   H2   sing N N 57  
ASP CA  C    sing N N 58  
ASP CA  CB   sing N N 59  
ASP CA  HA   sing N N 60  
ASP C   O    doub N N 61  
ASP C   OXT  sing N N 62  
ASP CB  CG   sing N N 63  
ASP CB  HB2  sing N N 64  
ASP CB  HB3  sing N N 65  
ASP CG  OD1  doub N N 66  
ASP CG  OD2  sing N N 67  
ASP OD2 HD2  sing N N 68  
ASP OXT HXT  sing N N 69  
CYS N   CA   sing N N 70  
CYS N   H    sing N N 71  
CYS N   H2   sing N N 72  
CYS CA  C    sing N N 73  
CYS CA  CB   sing N N 74  
CYS CA  HA   sing N N 75  
CYS C   O    doub N N 76  
CYS C   OXT  sing N N 77  
CYS CB  SG   sing N N 78  
CYS CB  HB2  sing N N 79  
CYS CB  HB3  sing N N 80  
CYS SG  HG   sing N N 81  
CYS OXT HXT  sing N N 82  
GLN N   CA   sing N N 83  
GLN N   H    sing N N 84  
GLN N   H2   sing N N 85  
GLN CA  C    sing N N 86  
GLN CA  CB   sing N N 87  
GLN CA  HA   sing N N 88  
GLN C   O    doub N N 89  
GLN C   OXT  sing N N 90  
GLN CB  CG   sing N N 91  
GLN CB  HB2  sing N N 92  
GLN CB  HB3  sing N N 93  
GLN CG  CD   sing N N 94  
GLN CG  HG2  sing N N 95  
GLN CG  HG3  sing N N 96  
GLN CD  OE1  doub N N 97  
GLN CD  NE2  sing N N 98  
GLN NE2 HE21 sing N N 99  
GLN NE2 HE22 sing N N 100 
GLN OXT HXT  sing N N 101 
GLU N   CA   sing N N 102 
GLU N   H    sing N N 103 
GLU N   H2   sing N N 104 
GLU CA  C    sing N N 105 
GLU CA  CB   sing N N 106 
GLU CA  HA   sing N N 107 
GLU C   O    doub N N 108 
GLU C   OXT  sing N N 109 
GLU CB  CG   sing N N 110 
GLU CB  HB2  sing N N 111 
GLU CB  HB3  sing N N 112 
GLU CG  CD   sing N N 113 
GLU CG  HG2  sing N N 114 
GLU CG  HG3  sing N N 115 
GLU CD  OE1  doub N N 116 
GLU CD  OE2  sing N N 117 
GLU OE2 HE2  sing N N 118 
GLU OXT HXT  sing N N 119 
GLY N   CA   sing N N 120 
GLY N   H    sing N N 121 
GLY N   H2   sing N N 122 
GLY CA  C    sing N N 123 
GLY CA  HA2  sing N N 124 
GLY CA  HA3  sing N N 125 
GLY C   O    doub N N 126 
GLY C   OXT  sing N N 127 
GLY OXT HXT  sing N N 128 
HIS N   CA   sing N N 129 
HIS N   H    sing N N 130 
HIS N   H2   sing N N 131 
HIS CA  C    sing N N 132 
HIS CA  CB   sing N N 133 
HIS CA  HA   sing N N 134 
HIS C   O    doub N N 135 
HIS C   OXT  sing N N 136 
HIS CB  CG   sing N N 137 
HIS CB  HB2  sing N N 138 
HIS CB  HB3  sing N N 139 
HIS CG  ND1  sing Y N 140 
HIS CG  CD2  doub Y N 141 
HIS ND1 CE1  doub Y N 142 
HIS ND1 HD1  sing N N 143 
HIS CD2 NE2  sing Y N 144 
HIS CD2 HD2  sing N N 145 
HIS CE1 NE2  sing Y N 146 
HIS CE1 HE1  sing N N 147 
HIS NE2 HE2  sing N N 148 
HIS OXT HXT  sing N N 149 
HOH O   H1   sing N N 150 
HOH O   H2   sing N N 151 
ILE N   CA   sing N N 152 
ILE N   H    sing N N 153 
ILE N   H2   sing N N 154 
ILE CA  C    sing N N 155 
ILE CA  CB   sing N N 156 
ILE CA  HA   sing N N 157 
ILE C   O    doub N N 158 
ILE C   OXT  sing N N 159 
ILE CB  CG1  sing N N 160 
ILE CB  CG2  sing N N 161 
ILE CB  HB   sing N N 162 
ILE CG1 CD1  sing N N 163 
ILE CG1 HG12 sing N N 164 
ILE CG1 HG13 sing N N 165 
ILE CG2 HG21 sing N N 166 
ILE CG2 HG22 sing N N 167 
ILE CG2 HG23 sing N N 168 
ILE CD1 HD11 sing N N 169 
ILE CD1 HD12 sing N N 170 
ILE CD1 HD13 sing N N 171 
ILE OXT HXT  sing N N 172 
LEU N   CA   sing N N 173 
LEU N   H    sing N N 174 
LEU N   H2   sing N N 175 
LEU CA  C    sing N N 176 
LEU CA  CB   sing N N 177 
LEU CA  HA   sing N N 178 
LEU C   O    doub N N 179 
LEU C   OXT  sing N N 180 
LEU CB  CG   sing N N 181 
LEU CB  HB2  sing N N 182 
LEU CB  HB3  sing N N 183 
LEU CG  CD1  sing N N 184 
LEU CG  CD2  sing N N 185 
LEU CG  HG   sing N N 186 
LEU CD1 HD11 sing N N 187 
LEU CD1 HD12 sing N N 188 
LEU CD1 HD13 sing N N 189 
LEU CD2 HD21 sing N N 190 
LEU CD2 HD22 sing N N 191 
LEU CD2 HD23 sing N N 192 
LEU OXT HXT  sing N N 193 
LYS N   CA   sing N N 194 
LYS N   H    sing N N 195 
LYS N   H2   sing N N 196 
LYS CA  C    sing N N 197 
LYS CA  CB   sing N N 198 
LYS CA  HA   sing N N 199 
LYS C   O    doub N N 200 
LYS C   OXT  sing N N 201 
LYS CB  CG   sing N N 202 
LYS CB  HB2  sing N N 203 
LYS CB  HB3  sing N N 204 
LYS CG  CD   sing N N 205 
LYS CG  HG2  sing N N 206 
LYS CG  HG3  sing N N 207 
LYS CD  CE   sing N N 208 
LYS CD  HD2  sing N N 209 
LYS CD  HD3  sing N N 210 
LYS CE  NZ   sing N N 211 
LYS CE  HE2  sing N N 212 
LYS CE  HE3  sing N N 213 
LYS NZ  HZ1  sing N N 214 
LYS NZ  HZ2  sing N N 215 
LYS NZ  HZ3  sing N N 216 
LYS OXT HXT  sing N N 217 
MET N   CA   sing N N 218 
MET N   H    sing N N 219 
MET N   H2   sing N N 220 
MET CA  C    sing N N 221 
MET CA  CB   sing N N 222 
MET CA  HA   sing N N 223 
MET C   O    doub N N 224 
MET C   OXT  sing N N 225 
MET CB  CG   sing N N 226 
MET CB  HB2  sing N N 227 
MET CB  HB3  sing N N 228 
MET CG  SD   sing N N 229 
MET CG  HG2  sing N N 230 
MET CG  HG3  sing N N 231 
MET SD  CE   sing N N 232 
MET CE  HE1  sing N N 233 
MET CE  HE2  sing N N 234 
MET CE  HE3  sing N N 235 
MET OXT HXT  sing N N 236 
PHE N   CA   sing N N 237 
PHE N   H    sing N N 238 
PHE N   H2   sing N N 239 
PHE CA  C    sing N N 240 
PHE CA  CB   sing N N 241 
PHE CA  HA   sing N N 242 
PHE C   O    doub N N 243 
PHE C   OXT  sing N N 244 
PHE CB  CG   sing N N 245 
PHE CB  HB2  sing N N 246 
PHE CB  HB3  sing N N 247 
PHE CG  CD1  doub Y N 248 
PHE CG  CD2  sing Y N 249 
PHE CD1 CE1  sing Y N 250 
PHE CD1 HD1  sing N N 251 
PHE CD2 CE2  doub Y N 252 
PHE CD2 HD2  sing N N 253 
PHE CE1 CZ   doub Y N 254 
PHE CE1 HE1  sing N N 255 
PHE CE2 CZ   sing Y N 256 
PHE CE2 HE2  sing N N 257 
PHE CZ  HZ   sing N N 258 
PHE OXT HXT  sing N N 259 
PRO N   CA   sing N N 260 
PRO N   CD   sing N N 261 
PRO N   H    sing N N 262 
PRO CA  C    sing N N 263 
PRO CA  CB   sing N N 264 
PRO CA  HA   sing N N 265 
PRO C   O    doub N N 266 
PRO C   OXT  sing N N 267 
PRO CB  CG   sing N N 268 
PRO CB  HB2  sing N N 269 
PRO CB  HB3  sing N N 270 
PRO CG  CD   sing N N 271 
PRO CG  HG2  sing N N 272 
PRO CG  HG3  sing N N 273 
PRO CD  HD2  sing N N 274 
PRO CD  HD3  sing N N 275 
PRO OXT HXT  sing N N 276 
SER N   CA   sing N N 277 
SER N   H    sing N N 278 
SER N   H2   sing N N 279 
SER CA  C    sing N N 280 
SER CA  CB   sing N N 281 
SER CA  HA   sing N N 282 
SER C   O    doub N N 283 
SER C   OXT  sing N N 284 
SER CB  OG   sing N N 285 
SER CB  HB2  sing N N 286 
SER CB  HB3  sing N N 287 
SER OG  HG   sing N N 288 
SER OXT HXT  sing N N 289 
THR N   CA   sing N N 290 
THR N   H    sing N N 291 
THR N   H2   sing N N 292 
THR CA  C    sing N N 293 
THR CA  CB   sing N N 294 
THR CA  HA   sing N N 295 
THR C   O    doub N N 296 
THR C   OXT  sing N N 297 
THR CB  OG1  sing N N 298 
THR CB  CG2  sing N N 299 
THR CB  HB   sing N N 300 
THR OG1 HG1  sing N N 301 
THR CG2 HG21 sing N N 302 
THR CG2 HG22 sing N N 303 
THR CG2 HG23 sing N N 304 
THR OXT HXT  sing N N 305 
TRP N   CA   sing N N 306 
TRP N   H    sing N N 307 
TRP N   H2   sing N N 308 
TRP CA  C    sing N N 309 
TRP CA  CB   sing N N 310 
TRP CA  HA   sing N N 311 
TRP C   O    doub N N 312 
TRP C   OXT  sing N N 313 
TRP CB  CG   sing N N 314 
TRP CB  HB2  sing N N 315 
TRP CB  HB3  sing N N 316 
TRP CG  CD1  doub Y N 317 
TRP CG  CD2  sing Y N 318 
TRP CD1 NE1  sing Y N 319 
TRP CD1 HD1  sing N N 320 
TRP CD2 CE2  doub Y N 321 
TRP CD2 CE3  sing Y N 322 
TRP NE1 CE2  sing Y N 323 
TRP NE1 HE1  sing N N 324 
TRP CE2 CZ2  sing Y N 325 
TRP CE3 CZ3  doub Y N 326 
TRP CE3 HE3  sing N N 327 
TRP CZ2 CH2  doub Y N 328 
TRP CZ2 HZ2  sing N N 329 
TRP CZ3 CH2  sing Y N 330 
TRP CZ3 HZ3  sing N N 331 
TRP CH2 HH2  sing N N 332 
TRP OXT HXT  sing N N 333 
TYR N   CA   sing N N 334 
TYR N   H    sing N N 335 
TYR N   H2   sing N N 336 
TYR CA  C    sing N N 337 
TYR CA  CB   sing N N 338 
TYR CA  HA   sing N N 339 
TYR C   O    doub N N 340 
TYR C   OXT  sing N N 341 
TYR CB  CG   sing N N 342 
TYR CB  HB2  sing N N 343 
TYR CB  HB3  sing N N 344 
TYR CG  CD1  doub Y N 345 
TYR CG  CD2  sing Y N 346 
TYR CD1 CE1  sing Y N 347 
TYR CD1 HD1  sing N N 348 
TYR CD2 CE2  doub Y N 349 
TYR CD2 HD2  sing N N 350 
TYR CE1 CZ   doub Y N 351 
TYR CE1 HE1  sing N N 352 
TYR CE2 CZ   sing Y N 353 
TYR CE2 HE2  sing N N 354 
TYR CZ  OH   sing N N 355 
TYR OH  HH   sing N N 356 
TYR OXT HXT  sing N N 357 
VAL N   CA   sing N N 358 
VAL N   H    sing N N 359 
VAL N   H2   sing N N 360 
VAL CA  C    sing N N 361 
VAL CA  CB   sing N N 362 
VAL CA  HA   sing N N 363 
VAL C   O    doub N N 364 
VAL C   OXT  sing N N 365 
VAL CB  CG1  sing N N 366 
VAL CB  CG2  sing N N 367 
VAL CB  HB   sing N N 368 
VAL CG1 HG11 sing N N 369 
VAL CG1 HG12 sing N N 370 
VAL CG1 HG13 sing N N 371 
VAL CG2 HG21 sing N N 372 
VAL CG2 HG22 sing N N 373 
VAL CG2 HG23 sing N N 374 
VAL OXT HXT  sing N N 375 
# 
loop_
_pdbx_entity_nonpoly.entity_id 
_pdbx_entity_nonpoly.name 
_pdbx_entity_nonpoly.comp_id 
2 ALANINE ALA 
3 PROLINE PRO 
4 water   HOH 
# 
_pdbx_initial_refinement_model.id               1 
_pdbx_initial_refinement_model.entity_id_list   ? 
_pdbx_initial_refinement_model.type             'experimental model' 
_pdbx_initial_refinement_model.source_name      PDB 
_pdbx_initial_refinement_model.accession_code   1DYW 
_pdbx_initial_refinement_model.details          'PDB ENTRY 1DYW' 
# 
